data_7JFX
# 
_entry.id   7JFX 
# 
_audit_conform.dict_name       mmcif_pdbx.dic 
_audit_conform.dict_version    5.380 
_audit_conform.dict_location   http://mmcif.pdb.org/dictionaries/ascii/mmcif_pdbx.dic 
# 
loop_
_database_2.database_id 
_database_2.database_code 
_database_2.pdbx_database_accession 
_database_2.pdbx_DOI 
PDB   7JFX         pdb_00007jfx 10.2210/pdb7jfx/pdb 
WWPDB D_1000250244 ?            ?                   
# 
_pdbx_database_status.status_code                     REL 
_pdbx_database_status.status_code_sf                  REL 
_pdbx_database_status.status_code_mr                  ? 
_pdbx_database_status.entry_id                        7JFX 
_pdbx_database_status.recvd_initial_deposition_date   2020-07-17 
_pdbx_database_status.SG_entry                        N 
_pdbx_database_status.deposit_site                    RCSB 
_pdbx_database_status.process_site                    RCSB 
_pdbx_database_status.status_code_cs                  ? 
_pdbx_database_status.status_code_nmr_data            ? 
_pdbx_database_status.methods_development_category    ? 
_pdbx_database_status.pdb_format_compatible           Y 
# 
loop_
_audit_author.name 
_audit_author.pdbx_ordinal 
_audit_author.identifier_ORCID 
'Simmons, C.R.'      1 0000-0002-2290-6132 
'MacCulloch, T.'     2 0000-0001-5875-3361 
'Stephanopoulos, N.' 3 0000-0001-7859-410X 
'Yan, H.'            4 0000-0001-7397-9852 
# 
_citation.abstract                  ? 
_citation.abstract_id_CAS           ? 
_citation.book_id_ISBN              ? 
_citation.book_publisher            ? 
_citation.book_publisher_city       ? 
_citation.book_title                ? 
_citation.coordinate_linkage        ? 
_citation.country                   UK 
_citation.database_id_Medline       ? 
_citation.details                   ? 
_citation.id                        primary 
_citation.journal_abbrev            'Nat Commun' 
_citation.journal_id_ASTM           ? 
_citation.journal_id_CSD            ? 
_citation.journal_id_ISSN           2041-1723 
_citation.journal_full              ? 
_citation.journal_issue             ? 
_citation.journal_volume            13 
_citation.language                  ? 
_citation.page_first                3112 
_citation.page_last                 3112 
_citation.title                     'The influence of Holliday junction sequence and dynamics on DNA crystal self-assembly.' 
_citation.year                      2022 
_citation.database_id_CSD           ? 
_citation.pdbx_database_id_DOI      10.1038/s41467-022-30779-6 
_citation.pdbx_database_id_PubMed   35662248 
_citation.unpublished_flag          ? 
# 
loop_
_citation_author.citation_id 
_citation_author.name 
_citation_author.ordinal 
_citation_author.identifier_ORCID 
primary 'Simmons, C.R.'      1  ?                   
primary 'MacCulloch, T.'     2  ?                   
primary 'Krepl, M.'          3  0000-0002-9833-4281 
primary 'Matthies, M.'       4  ?                   
primary 'Buchberger, A.'     5  ?                   
primary 'Crawford, I.'       6  ?                   
primary 'Sponer, J.'         7  0000-0001-6558-6186 
primary 'Sulc, P.'           8  0000-0003-1565-6769 
primary 'Stephanopoulos, N.' 9  0000-0001-7859-410X 
primary 'Yan, H.'            10 0000-0001-7397-9852 
# 
_cell.angle_alpha                  90.000 
_cell.angle_alpha_esd              ? 
_cell.angle_beta                   90.000 
_cell.angle_beta_esd               ? 
_cell.angle_gamma                  120.000 
_cell.angle_gamma_esd              ? 
_cell.entry_id                     7JFX 
_cell.details                      ? 
_cell.formula_units_Z              ? 
_cell.length_a                     68.150 
_cell.length_a_esd                 ? 
_cell.length_b                     68.150 
_cell.length_b_esd                 ? 
_cell.length_c                     53.785 
_cell.length_c_esd                 ? 
_cell.volume                       ? 
_cell.volume_esd                   ? 
_cell.Z_PDB                        3 
_cell.reciprocal_angle_alpha       ? 
_cell.reciprocal_angle_beta        ? 
_cell.reciprocal_angle_gamma       ? 
_cell.reciprocal_angle_alpha_esd   ? 
_cell.reciprocal_angle_beta_esd    ? 
_cell.reciprocal_angle_gamma_esd   ? 
_cell.reciprocal_length_a          ? 
_cell.reciprocal_length_b          ? 
_cell.reciprocal_length_c          ? 
_cell.reciprocal_length_a_esd      ? 
_cell.reciprocal_length_b_esd      ? 
_cell.reciprocal_length_c_esd      ? 
_cell.pdbx_unique_axis             ? 
# 
_symmetry.entry_id                         7JFX 
_symmetry.cell_setting                     ? 
_symmetry.Int_Tables_number                145 
_symmetry.space_group_name_Hall            ? 
_symmetry.space_group_name_H-M             'P 32' 
_symmetry.pdbx_full_space_group_name_H-M   ? 
# 
loop_
_entity.id 
_entity.type 
_entity.src_method 
_entity.pdbx_description 
_entity.formula_weight 
_entity.pdbx_number_of_molecules 
_entity.pdbx_ec 
_entity.pdbx_mutation 
_entity.pdbx_fragment 
_entity.details 
1 polymer syn 
;DNA (5'-D(*GP*AP*GP*CP*AP*GP*AP*CP*GP*TP*GP*A)-3')
;
3736.455 1 ? ? ? ? 
2 polymer syn 
;DNA (5'-D(P*CP*GP*CP*CP*AP*CP*TP*CP*A)-3')
;
2660.764 1 ? ? ? ? 
3 polymer syn 
;DNA (5'-D(P*TP*CP*AP*GP*CP*G)-3')
;
1809.217 1 ? ? ? ? 
4 polymer syn 
;DNA (5'-D(*TP*CP*TP*GP*AP*GP*TP*GP*CP*GP*TP*CP*TP*GP*C)-3')
;
4591.969 1 ? ? ? ? 
# 
loop_
_entity_poly.entity_id 
_entity_poly.type 
_entity_poly.nstd_linkage 
_entity_poly.nstd_monomer 
_entity_poly.pdbx_seq_one_letter_code 
_entity_poly.pdbx_seq_one_letter_code_can 
_entity_poly.pdbx_strand_id 
_entity_poly.pdbx_target_identifier 
1 polydeoxyribonucleotide no no '(DG)(DA)(DG)(DC)(DA)(DG)(DA)(DC)(DG)(DT)(DG)(DA)'             GAGCAGACGTGA    A ? 
2 polydeoxyribonucleotide no no '(DC)(DG)(DC)(DC)(DA)(DC)(DT)(DC)(DA)'                         CGCCACTCA       B ? 
3 polydeoxyribonucleotide no no '(DT)(DC)(DA)(DG)(DC)(DG)'                                     TCAGCG          C ? 
4 polydeoxyribonucleotide no no '(DT)(DC)(DT)(DG)(DA)(DG)(DT)(DG)(DC)(DG)(DT)(DC)(DT)(DG)(DC)' TCTGAGTGCGTCTGC D ? 
# 
loop_
_entity_poly_seq.entity_id 
_entity_poly_seq.num 
_entity_poly_seq.mon_id 
_entity_poly_seq.hetero 
1 1  DG n 
1 2  DA n 
1 3  DG n 
1 4  DC n 
1 5  DA n 
1 6  DG n 
1 7  DA n 
1 8  DC n 
1 9  DG n 
1 10 DT n 
1 11 DG n 
1 12 DA n 
2 1  DC n 
2 2  DG n 
2 3  DC n 
2 4  DC n 
2 5  DA n 
2 6  DC n 
2 7  DT n 
2 8  DC n 
2 9  DA n 
3 1  DT n 
3 2  DC n 
3 3  DA n 
3 4  DG n 
3 5  DC n 
3 6  DG n 
4 1  DT n 
4 2  DC n 
4 3  DT n 
4 4  DG n 
4 5  DA n 
4 6  DG n 
4 7  DT n 
4 8  DG n 
4 9  DC n 
4 10 DG n 
4 11 DT n 
4 12 DC n 
4 13 DT n 
4 14 DG n 
4 15 DC n 
# 
loop_
_pdbx_entity_src_syn.entity_id 
_pdbx_entity_src_syn.pdbx_src_id 
_pdbx_entity_src_syn.pdbx_alt_source_flag 
_pdbx_entity_src_syn.pdbx_beg_seq_num 
_pdbx_entity_src_syn.pdbx_end_seq_num 
_pdbx_entity_src_syn.organism_scientific 
_pdbx_entity_src_syn.organism_common_name 
_pdbx_entity_src_syn.ncbi_taxonomy_id 
_pdbx_entity_src_syn.details 
1 1 sample 1 12 'synthetic construct' ? 32630 ? 
2 1 sample 1 9  'synthetic construct' ? 32630 ? 
3 1 sample 1 6  'synthetic construct' ? 32630 ? 
4 1 sample 1 15 'synthetic construct' ? 32630 ? 
# 
loop_
_struct_ref.id 
_struct_ref.db_name 
_struct_ref.db_code 
_struct_ref.pdbx_db_accession 
_struct_ref.pdbx_db_isoform 
_struct_ref.entity_id 
_struct_ref.pdbx_seq_one_letter_code 
_struct_ref.pdbx_align_begin 
1 PDB 7JFX 7JFX ? 1 ? 1 
2 PDB 7JFX 7JFX ? 2 ? 1 
3 PDB 7JFX 7JFX ? 3 ? 1 
4 PDB 7JFX 7JFX ? 4 ? 1 
# 
loop_
_struct_ref_seq.align_id 
_struct_ref_seq.ref_id 
_struct_ref_seq.pdbx_PDB_id_code 
_struct_ref_seq.pdbx_strand_id 
_struct_ref_seq.seq_align_beg 
_struct_ref_seq.pdbx_seq_align_beg_ins_code 
_struct_ref_seq.seq_align_end 
_struct_ref_seq.pdbx_seq_align_end_ins_code 
_struct_ref_seq.pdbx_db_accession 
_struct_ref_seq.db_align_beg 
_struct_ref_seq.pdbx_db_align_beg_ins_code 
_struct_ref_seq.db_align_end 
_struct_ref_seq.pdbx_db_align_end_ins_code 
_struct_ref_seq.pdbx_auth_seq_align_beg 
_struct_ref_seq.pdbx_auth_seq_align_end 
1 1 7JFX A 1 ? 12 ? 7JFX 1  ? 12 ? 1  12 
2 2 7JFX B 1 ? 9  ? 7JFX 12 ? 20 ? 12 20 
3 3 7JFX C 1 ? 6  ? 7JFX 0  ? 5  ? 0  5  
4 4 7JFX D 1 ? 15 ? 7JFX 2  ? 16 ? 2  16 
# 
loop_
_chem_comp.id 
_chem_comp.type 
_chem_comp.mon_nstd_flag 
_chem_comp.name 
_chem_comp.pdbx_synonyms 
_chem_comp.formula 
_chem_comp.formula_weight 
DA 'DNA linking' y "2'-DEOXYADENOSINE-5'-MONOPHOSPHATE" ? 'C10 H14 N5 O6 P' 331.222 
DC 'DNA linking' y "2'-DEOXYCYTIDINE-5'-MONOPHOSPHATE"  ? 'C9 H14 N3 O7 P'  307.197 
DG 'DNA linking' y "2'-DEOXYGUANOSINE-5'-MONOPHOSPHATE" ? 'C10 H14 N5 O7 P' 347.221 
DT 'DNA linking' y "THYMIDINE-5'-MONOPHOSPHATE"         ? 'C10 H15 N2 O8 P' 322.208 
# 
_exptl.absorpt_coefficient_mu     ? 
_exptl.absorpt_correction_T_max   ? 
_exptl.absorpt_correction_T_min   ? 
_exptl.absorpt_correction_type    ? 
_exptl.absorpt_process_details    ? 
_exptl.entry_id                   7JFX 
_exptl.crystals_number            1 
_exptl.details                    ? 
_exptl.method                     'X-RAY DIFFRACTION' 
_exptl.method_details             ? 
# 
_exptl_crystal.colour                      ? 
_exptl_crystal.density_diffrn              ? 
_exptl_crystal.density_Matthews            5.63 
_exptl_crystal.density_method              ? 
_exptl_crystal.density_percent_sol         78.17 
_exptl_crystal.description                 ? 
_exptl_crystal.F_000                       ? 
_exptl_crystal.id                          1 
_exptl_crystal.preparation                 ? 
_exptl_crystal.size_max                    ? 
_exptl_crystal.size_mid                    ? 
_exptl_crystal.size_min                    ? 
_exptl_crystal.size_rad                    ? 
_exptl_crystal.colour_lustre               ? 
_exptl_crystal.colour_modifier             ? 
_exptl_crystal.colour_primary              ? 
_exptl_crystal.density_meas                ? 
_exptl_crystal.density_meas_esd            ? 
_exptl_crystal.density_meas_gt             ? 
_exptl_crystal.density_meas_lt             ? 
_exptl_crystal.density_meas_temp           ? 
_exptl_crystal.density_meas_temp_esd       ? 
_exptl_crystal.density_meas_temp_gt        ? 
_exptl_crystal.density_meas_temp_lt        ? 
_exptl_crystal.pdbx_crystal_image_url      ? 
_exptl_crystal.pdbx_crystal_image_format   ? 
_exptl_crystal.pdbx_mosaicity              ? 
_exptl_crystal.pdbx_mosaicity_esd          ? 
# 
_exptl_crystal_grow.apparatus       ? 
_exptl_crystal_grow.atmosphere      ? 
_exptl_crystal_grow.crystal_id      1 
_exptl_crystal_grow.details         ? 
_exptl_crystal_grow.method          'VAPOR DIFFUSION, SITTING DROP' 
_exptl_crystal_grow.method_ref      ? 
_exptl_crystal_grow.pH              ? 
_exptl_crystal_grow.pressure        ? 
_exptl_crystal_grow.pressure_esd    ? 
_exptl_crystal_grow.seeding         ? 
_exptl_crystal_grow.seeding_ref     ? 
_exptl_crystal_grow.temp            298 
_exptl_crystal_grow.temp_details    'temperature gradient generated from 60 to 25 C at 0.3 degrees per hour' 
_exptl_crystal_grow.temp_esd        ? 
_exptl_crystal_grow.time            ? 
_exptl_crystal_grow.pdbx_details    
;0.5 mL of 0.05 M Cacodylate pH 6.5 with 2.0 mM spermine, 1.0 mM CoH18N6, and 80 mM CaCl2 was added to the reservoir with 2 uL added to the drop containing 4 uL of DNA stock
;
_exptl_crystal_grow.pdbx_pH_range   ? 
# 
_diffrn.ambient_environment              ? 
_diffrn.ambient_temp                     100 
_diffrn.ambient_temp_details             ? 
_diffrn.ambient_temp_esd                 ? 
_diffrn.crystal_id                       1 
_diffrn.crystal_support                  ? 
_diffrn.crystal_treatment                ? 
_diffrn.details                          ? 
_diffrn.id                               1 
_diffrn.ambient_pressure                 ? 
_diffrn.ambient_pressure_esd             ? 
_diffrn.ambient_pressure_gt              ? 
_diffrn.ambient_pressure_lt              ? 
_diffrn.ambient_temp_gt                  ? 
_diffrn.ambient_temp_lt                  ? 
_diffrn.pdbx_serial_crystal_experiment   N 
# 
_diffrn_detector.details                      ? 
_diffrn_detector.detector                     PIXEL 
_diffrn_detector.diffrn_id                    1 
_diffrn_detector.type                         'DECTRIS PILATUS3 6M' 
_diffrn_detector.area_resol_mean              ? 
_diffrn_detector.dtime                        ? 
_diffrn_detector.pdbx_frames_total            ? 
_diffrn_detector.pdbx_collection_time_total   ? 
_diffrn_detector.pdbx_collection_date         2017-07-15 
_diffrn_detector.pdbx_frequency               ? 
# 
_diffrn_radiation.collimation                      ? 
_diffrn_radiation.diffrn_id                        1 
_diffrn_radiation.filter_edge                      ? 
_diffrn_radiation.inhomogeneity                    ? 
_diffrn_radiation.monochromator                    ? 
_diffrn_radiation.polarisn_norm                    ? 
_diffrn_radiation.polarisn_ratio                   ? 
_diffrn_radiation.probe                            ? 
_diffrn_radiation.type                             ? 
_diffrn_radiation.xray_symbol                      ? 
_diffrn_radiation.wavelength_id                    1 
_diffrn_radiation.pdbx_monochromatic_or_laue_m_l   M 
_diffrn_radiation.pdbx_wavelength_list             ? 
_diffrn_radiation.pdbx_wavelength                  ? 
_diffrn_radiation.pdbx_diffrn_protocol             'SINGLE WAVELENGTH' 
_diffrn_radiation.pdbx_analyzer                    ? 
_diffrn_radiation.pdbx_scattering_type             x-ray 
# 
_diffrn_radiation_wavelength.id           1 
_diffrn_radiation_wavelength.wavelength   0.92 
_diffrn_radiation_wavelength.wt           1.0 
# 
_diffrn_source.current                     ? 
_diffrn_source.details                     ? 
_diffrn_source.diffrn_id                   1 
_diffrn_source.power                       ? 
_diffrn_source.size                        ? 
_diffrn_source.source                      SYNCHROTRON 
_diffrn_source.target                      ? 
_diffrn_source.type                        'APS BEAMLINE 19-ID' 
_diffrn_source.voltage                     ? 
_diffrn_source.take-off_angle              ? 
_diffrn_source.pdbx_wavelength_list        0.92 
_diffrn_source.pdbx_wavelength             ? 
_diffrn_source.pdbx_synchrotron_beamline   19-ID 
_diffrn_source.pdbx_synchrotron_site       APS 
# 
_reflns.B_iso_Wilson_estimate            ? 
_reflns.entry_id                         7JFX 
_reflns.data_reduction_details           ? 
_reflns.data_reduction_method            ? 
_reflns.d_resolution_high                3.200 
_reflns.d_resolution_low                 59.02 
_reflns.details                          ? 
_reflns.limit_h_max                      ? 
_reflns.limit_h_min                      ? 
_reflns.limit_k_max                      ? 
_reflns.limit_k_min                      ? 
_reflns.limit_l_max                      ? 
_reflns.limit_l_min                      ? 
_reflns.number_all                       ? 
_reflns.number_obs                       3636 
_reflns.observed_criterion               ? 
_reflns.observed_criterion_F_max         ? 
_reflns.observed_criterion_F_min         ? 
_reflns.observed_criterion_I_max         ? 
_reflns.observed_criterion_I_min         ? 
_reflns.observed_criterion_sigma_F       ? 
_reflns.observed_criterion_sigma_I       ? 
_reflns.percent_possible_obs             79.000 
_reflns.R_free_details                   ? 
_reflns.Rmerge_F_all                     ? 
_reflns.Rmerge_F_obs                     ? 
_reflns.Friedel_coverage                 ? 
_reflns.number_gt                        ? 
_reflns.threshold_expression             ? 
_reflns.pdbx_redundancy                  8.400 
_reflns.pdbx_Rmerge_I_obs                0.087 
_reflns.pdbx_Rmerge_I_all                ? 
_reflns.pdbx_Rsym_value                  ? 
_reflns.pdbx_netI_over_av_sigmaI         ? 
_reflns.pdbx_netI_over_sigmaI            3.700 
_reflns.pdbx_res_netI_over_av_sigmaI_2   ? 
_reflns.pdbx_res_netI_over_sigmaI_2      ? 
_reflns.pdbx_chi_squared                 0.806 
_reflns.pdbx_scaling_rejects             ? 
_reflns.pdbx_d_res_high_opt              ? 
_reflns.pdbx_d_res_low_opt               ? 
_reflns.pdbx_d_res_opt_method            ? 
_reflns.phase_calculation_details        ? 
_reflns.pdbx_Rrim_I_all                  0.092 
_reflns.pdbx_Rpim_I_all                  0.029 
_reflns.pdbx_d_opt                       ? 
_reflns.pdbx_number_measured_all         ? 
_reflns.pdbx_diffrn_id                   1 
_reflns.pdbx_ordinal                     1 
_reflns.pdbx_CC_half                     0.879 
_reflns.pdbx_CC_star                     ? 
_reflns.pdbx_R_split                     ? 
# 
loop_
_reflns_shell.d_res_high 
_reflns_shell.d_res_low 
_reflns_shell.meanI_over_sigI_all 
_reflns_shell.meanI_over_sigI_obs 
_reflns_shell.number_measured_all 
_reflns_shell.number_measured_obs 
_reflns_shell.number_possible 
_reflns_shell.number_unique_all 
_reflns_shell.number_unique_obs 
_reflns_shell.percent_possible_all 
_reflns_shell.percent_possible_obs 
_reflns_shell.Rmerge_F_all 
_reflns_shell.Rmerge_F_obs 
_reflns_shell.Rmerge_I_all 
_reflns_shell.Rmerge_I_obs 
_reflns_shell.meanI_over_sigI_gt 
_reflns_shell.meanI_over_uI_all 
_reflns_shell.meanI_over_uI_gt 
_reflns_shell.number_measured_gt 
_reflns_shell.number_unique_gt 
_reflns_shell.percent_possible_gt 
_reflns_shell.Rmerge_F_gt 
_reflns_shell.Rmerge_I_gt 
_reflns_shell.pdbx_redundancy 
_reflns_shell.pdbx_Rsym_value 
_reflns_shell.pdbx_chi_squared 
_reflns_shell.pdbx_netI_over_sigmaI_all 
_reflns_shell.pdbx_netI_over_sigmaI_obs 
_reflns_shell.pdbx_Rrim_I_all 
_reflns_shell.pdbx_Rpim_I_all 
_reflns_shell.pdbx_rejects 
_reflns_shell.pdbx_ordinal 
_reflns_shell.pdbx_diffrn_id 
_reflns_shell.pdbx_CC_half 
_reflns_shell.pdbx_CC_star 
_reflns_shell.pdbx_R_split 
3.200 3.260  ? ? ? ? ? ? 107 43.900  ? ? ? ? 0.236 ? ? ? ? ? ? ? ? 4.200  ? 0.831 ? ? 0.258 0.103 ? 1  1 0.948 ? ? 
3.260 3.310  ? ? ? ? ? ? 103 46.200  ? ? ? ? 0.552 ? ? ? ? ? ? ? ? 4.300  ? 0.710 ? ? 0.603 0.233 ? 2  1 0.872 ? ? 
3.310 3.380  ? ? ? ? ? ? 114 51.600  ? ? ? ? 0.329 ? ? ? ? ? ? ? ? 6.500  ? 0.719 ? ? 0.350 0.117 ? 3  1 0.948 ? ? 
3.380 3.450  ? ? ? ? ? ? 129 52.700  ? ? ? ? 0.487 ? ? ? ? ? ? ? ? 6.000  ? 0.664 ? ? 0.521 0.179 ? 4  1 0.934 ? ? 
3.450 3.520  ? ? ? ? ? ? 131 63.300  ? ? ? ? 0.552 ? ? ? ? ? ? ? ? 6.500  ? 0.549 ? ? 0.591 0.207 ? 5  1 0.898 ? ? 
3.520 3.600  ? ? ? ? ? ? 158 62.900  ? ? ? ? 0.608 ? ? ? ? ? ? ? ? 6.300  ? 0.511 ? ? 0.651 0.226 ? 6  1 0.869 ? ? 
3.600 3.690  ? ? ? ? ? ? 139 64.100  ? ? ? ? 0.523 ? ? ? ? ? ? ? ? 7.200  ? 0.612 ? ? 0.561 0.196 ? 7  1 0.899 ? ? 
3.690 3.790  ? ? ? ? ? ? 163 68.200  ? ? ? ? 0.710 ? ? ? ? ? ? ? ? 7.000  ? 0.521 ? ? 0.757 0.258 ? 8  1 0.878 ? ? 
3.790 3.910  ? ? ? ? ? ? 178 75.700  ? ? ? ? 0.634 ? ? ? ? ? ? ? ? 7.000  ? 0.657 ? ? 0.681 0.241 ? 9  1 0.923 ? ? 
3.910 4.030  ? ? ? ? ? ? 170 81.300  ? ? ? ? 0.650 ? ? ? ? ? ? ? ? 6.800  ? 0.457 ? ? 0.699 0.251 ? 10 1 0.899 ? ? 
4.030 4.180  ? ? ? ? ? ? 209 84.600  ? ? ? ? 0.476 ? ? ? ? ? ? ? ? 8.200  ? 0.582 ? ? 0.504 0.164 ? 11 1 0.949 ? ? 
4.180 4.340  ? ? ? ? ? ? 209 93.300  ? ? ? ? 0.478 ? ? ? ? ? ? ? ? 9.000  ? 0.504 ? ? 0.504 0.157 ? 12 1 0.957 ? ? 
4.340 4.540  ? ? ? ? ? ? 222 94.900  ? ? ? ? 0.424 ? ? ? ? ? ? ? ? 9.000  ? 0.510 ? ? 0.447 0.139 ? 13 1 0.954 ? ? 
4.540 4.780  ? ? ? ? ? ? 228 99.100  ? ? ? ? 0.362 ? ? ? ? ? ? ? ? 9.500  ? 0.553 ? ? 0.381 0.118 ? 14 1 0.971 ? ? 
4.780 5.080  ? ? ? ? ? ? 217 100.000 ? ? ? ? 0.237 ? ? ? ? ? ? ? ? 9.600  ? 0.664 ? ? 0.250 0.078 ? 15 1 0.990 ? ? 
5.080 5.470  ? ? ? ? ? ? 244 100.000 ? ? ? ? 0.183 ? ? ? ? ? ? ? ? 9.200  ? 0.844 ? ? 0.193 0.063 ? 16 1 0.989 ? ? 
5.470 6.020  ? ? ? ? ? ? 217 100.000 ? ? ? ? 0.137 ? ? ? ? ? ? ? ? 10.800 ? 1.012 ? ? 0.144 0.043 ? 17 1 0.991 ? ? 
6.020 6.890  ? ? ? ? ? ? 233 100.000 ? ? ? ? 0.113 ? ? ? ? ? ? ? ? 10.800 ? 1.122 ? ? 0.118 0.035 ? 18 1 0.993 ? ? 
6.890 8.670  ? ? ? ? ? ? 238 100.000 ? ? ? ? 0.083 ? ? ? ? ? ? ? ? 10.100 ? 1.491 ? ? 0.087 0.027 ? 19 1 0.996 ? ? 
8.670 50.000 ? ? ? ? ? ? 227 100.000 ? ? ? ? 0.046 ? ? ? ? ? ? ? ? 10.300 ? 1.257 ? ? 0.048 0.015 ? 20 1 0.999 ? ? 
# 
_refine.aniso_B[1][1]                            -9.2400 
_refine.aniso_B[1][2]                            -4.6200 
_refine.aniso_B[1][3]                            0.0000 
_refine.aniso_B[2][2]                            -9.2400 
_refine.aniso_B[2][3]                            0.0000 
_refine.aniso_B[3][3]                            29.9600 
_refine.B_iso_max                                302.180 
_refine.B_iso_mean                               148.6200 
_refine.B_iso_min                                70.280 
_refine.correlation_coeff_Fo_to_Fc               0.9690 
_refine.correlation_coeff_Fo_to_Fc_free          0.9600 
_refine.details                                  
'HYDROGENS HAVE BEEN ADDED IN THE RIDING POSITIONS U VALUES      : REFINED INDIVIDUALLY' 
_refine.diff_density_max                         ? 
_refine.diff_density_max_esd                     ? 
_refine.diff_density_min                         ? 
_refine.diff_density_min_esd                     ? 
_refine.diff_density_rms                         ? 
_refine.diff_density_rms_esd                     ? 
_refine.entry_id                                 7JFX 
_refine.pdbx_refine_id                           'X-RAY DIFFRACTION' 
_refine.ls_abs_structure_details                 ? 
_refine.ls_abs_structure_Flack                   ? 
_refine.ls_abs_structure_Flack_esd               ? 
_refine.ls_abs_structure_Rogers                  ? 
_refine.ls_abs_structure_Rogers_esd              ? 
_refine.ls_d_res_high                            3.2100 
_refine.ls_d_res_low                             59.0200 
_refine.ls_extinction_coef                       ? 
_refine.ls_extinction_coef_esd                   ? 
_refine.ls_extinction_expression                 ? 
_refine.ls_extinction_method                     ? 
_refine.ls_goodness_of_fit_all                   ? 
_refine.ls_goodness_of_fit_all_esd               ? 
_refine.ls_goodness_of_fit_obs                   ? 
_refine.ls_goodness_of_fit_obs_esd               ? 
_refine.ls_hydrogen_treatment                    ? 
_refine.ls_matrix_type                           ? 
_refine.ls_number_constraints                    ? 
_refine.ls_number_parameters                     ? 
_refine.ls_number_reflns_all                     ? 
_refine.ls_number_reflns_obs                     3267 
_refine.ls_number_reflns_R_free                  355 
_refine.ls_number_reflns_R_work                  ? 
_refine.ls_number_restraints                     ? 
_refine.ls_percent_reflns_obs                    78.8600 
_refine.ls_percent_reflns_R_free                 9.8000 
_refine.ls_R_factor_all                          ? 
_refine.ls_R_factor_obs                          0.2463 
_refine.ls_R_factor_R_free                       0.2800 
_refine.ls_R_factor_R_free_error                 ? 
_refine.ls_R_factor_R_free_error_details         ? 
_refine.ls_R_factor_R_work                       0.2424 
_refine.ls_R_Fsqd_factor_obs                     ? 
_refine.ls_R_I_factor_obs                        ? 
_refine.ls_redundancy_reflns_all                 ? 
_refine.ls_redundancy_reflns_obs                 ? 
_refine.ls_restrained_S_all                      ? 
_refine.ls_restrained_S_obs                      ? 
_refine.ls_shift_over_esd_max                    ? 
_refine.ls_shift_over_esd_mean                   ? 
_refine.ls_structure_factor_coef                 ? 
_refine.ls_weighting_details                     ? 
_refine.ls_weighting_scheme                      ? 
_refine.ls_wR_factor_all                         ? 
_refine.ls_wR_factor_obs                         ? 
_refine.ls_wR_factor_R_free                      ? 
_refine.ls_wR_factor_R_work                      ? 
_refine.occupancy_max                            ? 
_refine.occupancy_min                            ? 
_refine.solvent_model_details                    MASK 
_refine.solvent_model_param_bsol                 ? 
_refine.solvent_model_param_ksol                 ? 
_refine.pdbx_R_complete                          ? 
_refine.ls_R_factor_gt                           ? 
_refine.ls_goodness_of_fit_gt                    ? 
_refine.ls_goodness_of_fit_ref                   ? 
_refine.ls_shift_over_su_max                     ? 
_refine.ls_shift_over_su_max_lt                  ? 
_refine.ls_shift_over_su_mean                    ? 
_refine.ls_shift_over_su_mean_lt                 ? 
_refine.pdbx_ls_sigma_I                          ? 
_refine.pdbx_ls_sigma_F                          0.000 
_refine.pdbx_ls_sigma_Fsqd                       ? 
_refine.pdbx_data_cutoff_high_absF               ? 
_refine.pdbx_data_cutoff_high_rms_absF           ? 
_refine.pdbx_data_cutoff_low_absF                ? 
_refine.pdbx_isotropic_thermal_model             ? 
_refine.pdbx_ls_cross_valid_method               THROUGHOUT 
_refine.pdbx_method_to_determine_struct          'MOLECULAR REPLACEMENT' 
_refine.pdbx_starting_model                      6XNA 
_refine.pdbx_stereochemistry_target_values       'MAXIMUM LIKELIHOOD' 
_refine.pdbx_R_Free_selection_details            RANDOM 
_refine.pdbx_stereochem_target_val_spec_case     ? 
_refine.pdbx_overall_ESU_R                       ? 
_refine.pdbx_overall_ESU_R_Free                  0.5150 
_refine.pdbx_solvent_vdw_probe_radii             1.2000 
_refine.pdbx_solvent_ion_probe_radii             0.8000 
_refine.pdbx_solvent_shrinkage_radii             0.8000 
_refine.pdbx_real_space_R                        ? 
_refine.pdbx_density_correlation                 ? 
_refine.pdbx_pd_number_of_powder_patterns        ? 
_refine.pdbx_pd_number_of_points                 ? 
_refine.pdbx_pd_meas_number_of_points            ? 
_refine.pdbx_pd_proc_ls_prof_R_factor            ? 
_refine.pdbx_pd_proc_ls_prof_wR_factor           ? 
_refine.pdbx_pd_Marquardt_correlation_coeff      ? 
_refine.pdbx_pd_Fsqrd_R_factor                   ? 
_refine.pdbx_pd_ls_matrix_band_width             ? 
_refine.pdbx_overall_phase_error                 ? 
_refine.pdbx_overall_SU_R_free_Cruickshank_DPI   ? 
_refine.pdbx_overall_SU_R_free_Blow_DPI          ? 
_refine.pdbx_overall_SU_R_Blow_DPI               ? 
_refine.pdbx_TLS_residual_ADP_flag               ? 
_refine.pdbx_diffrn_id                           1 
_refine.overall_SU_B                             68.0140 
_refine.overall_SU_ML                            1.0050 
_refine.overall_SU_R_Cruickshank_DPI             ? 
_refine.overall_SU_R_free                        ? 
_refine.overall_FOM_free_R_set                   ? 
_refine.overall_FOM_work_R_set                   ? 
_refine.pdbx_average_fsc_overall                 ? 
_refine.pdbx_average_fsc_work                    ? 
_refine.pdbx_average_fsc_free                    ? 
# 
_refine_hist.pdbx_refine_id                   'X-RAY DIFFRACTION' 
_refine_hist.cycle_id                         final 
_refine_hist.details                          ? 
_refine_hist.d_res_high                       3.2100 
_refine_hist.d_res_low                        59.0200 
_refine_hist.number_atoms_solvent             0 
_refine_hist.number_atoms_total               855 
_refine_hist.number_reflns_all                ? 
_refine_hist.number_reflns_obs                ? 
_refine_hist.number_reflns_R_free             ? 
_refine_hist.number_reflns_R_work             ? 
_refine_hist.R_factor_all                     ? 
_refine_hist.R_factor_obs                     ? 
_refine_hist.R_factor_R_free                  ? 
_refine_hist.R_factor_R_work                  ? 
_refine_hist.pdbx_number_residues_total       42 
_refine_hist.pdbx_B_iso_mean_ligand           ? 
_refine_hist.pdbx_B_iso_mean_solvent          ? 
_refine_hist.pdbx_number_atoms_protein        0 
_refine_hist.pdbx_number_atoms_nucleic_acid   855 
_refine_hist.pdbx_number_atoms_ligand         0 
_refine_hist.pdbx_number_atoms_lipid          ? 
_refine_hist.pdbx_number_atoms_carb           ? 
_refine_hist.pdbx_pseudo_atom_details         ? 
# 
_refine_ls_shell.pdbx_refine_id                   'X-RAY DIFFRACTION' 
_refine_ls_shell.d_res_high                       3.21 
_refine_ls_shell.d_res_low                        3.2900 
_refine_ls_shell.number_reflns_all                ? 
_refine_ls_shell.number_reflns_obs                ? 
_refine_ls_shell.number_reflns_R_free             20 
_refine_ls_shell.number_reflns_R_work             127 
_refine_ls_shell.percent_reflns_obs               44.6800 
_refine_ls_shell.percent_reflns_R_free            ? 
_refine_ls_shell.R_factor_all                     ? 
_refine_ls_shell.R_factor_obs                     ? 
_refine_ls_shell.R_factor_R_free                  0.2380 
_refine_ls_shell.R_factor_R_free_error            0.0000 
_refine_ls_shell.R_factor_R_work                  0.2460 
_refine_ls_shell.redundancy_reflns_all            ? 
_refine_ls_shell.redundancy_reflns_obs            ? 
_refine_ls_shell.wR_factor_all                    ? 
_refine_ls_shell.wR_factor_obs                    ? 
_refine_ls_shell.wR_factor_R_free                 ? 
_refine_ls_shell.wR_factor_R_work                 ? 
_refine_ls_shell.pdbx_R_complete                  ? 
_refine_ls_shell.pdbx_total_number_of_bins_used   ? 
_refine_ls_shell.pdbx_phase_error                 ? 
_refine_ls_shell.pdbx_fsc_work                    ? 
_refine_ls_shell.pdbx_fsc_free                    ? 
# 
_struct.entry_id                     7JFX 
_struct.title                        
'Self-assembly of a 3D DNA crystal lattice (4x6 junction version) containing the J16 immobile Holliday junction' 
_struct.pdbx_model_details           ? 
_struct.pdbx_formula_weight          ? 
_struct.pdbx_formula_weight_method   ? 
_struct.pdbx_model_type_details      ? 
_struct.pdbx_CASP_flag               N 
# 
_struct_keywords.entry_id        7JFX 
_struct_keywords.text            
'Structural DNA nanotechnology, immobile Holliday junctions, 3D DNA self-assembly, designer DNA crystals, DNA' 
_struct_keywords.pdbx_keywords   DNA 
# 
loop_
_struct_asym.id 
_struct_asym.pdbx_blank_PDB_chainid_flag 
_struct_asym.pdbx_modified 
_struct_asym.entity_id 
_struct_asym.details 
A N N 1 ? 
B N N 2 ? 
C N N 3 ? 
D N N 4 ? 
# 
loop_
_struct_conn.id 
_struct_conn.conn_type_id 
_struct_conn.pdbx_leaving_atom_flag 
_struct_conn.pdbx_PDB_id 
_struct_conn.ptnr1_label_asym_id 
_struct_conn.ptnr1_label_comp_id 
_struct_conn.ptnr1_label_seq_id 
_struct_conn.ptnr1_label_atom_id 
_struct_conn.pdbx_ptnr1_label_alt_id 
_struct_conn.pdbx_ptnr1_PDB_ins_code 
_struct_conn.pdbx_ptnr1_standard_comp_id 
_struct_conn.ptnr1_symmetry 
_struct_conn.ptnr2_label_asym_id 
_struct_conn.ptnr2_label_comp_id 
_struct_conn.ptnr2_label_seq_id 
_struct_conn.ptnr2_label_atom_id 
_struct_conn.pdbx_ptnr2_label_alt_id 
_struct_conn.pdbx_ptnr2_PDB_ins_code 
_struct_conn.ptnr1_auth_asym_id 
_struct_conn.ptnr1_auth_comp_id 
_struct_conn.ptnr1_auth_seq_id 
_struct_conn.ptnr2_auth_asym_id 
_struct_conn.ptnr2_auth_comp_id 
_struct_conn.ptnr2_auth_seq_id 
_struct_conn.ptnr2_symmetry 
_struct_conn.pdbx_ptnr3_label_atom_id 
_struct_conn.pdbx_ptnr3_label_seq_id 
_struct_conn.pdbx_ptnr3_label_comp_id 
_struct_conn.pdbx_ptnr3_label_asym_id 
_struct_conn.pdbx_ptnr3_label_alt_id 
_struct_conn.pdbx_ptnr3_PDB_ins_code 
_struct_conn.details 
_struct_conn.pdbx_dist_value 
_struct_conn.pdbx_value_order 
_struct_conn.pdbx_role 
hydrog1  hydrog ? ? A DG 3  N2 ? ? ? 1_555 D DC 15 N3 ? ? A DG 3  D DC 16 1_555 ? ? ? ? ? ? 'DG-DC PAIR' ? ? ? 
hydrog2  hydrog ? ? A DC 4  N3 ? ? ? 1_555 D DG 14 N1 ? ? A DC 4  D DG 15 1_555 ? ? ? ? ? ? WATSON-CRICK ? ? ? 
hydrog3  hydrog ? ? A DC 4  N4 ? ? ? 1_555 D DG 14 O6 ? ? A DC 4  D DG 15 1_555 ? ? ? ? ? ? WATSON-CRICK ? ? ? 
hydrog4  hydrog ? ? A DC 4  O2 ? ? ? 1_555 D DG 14 N2 ? ? A DC 4  D DG 15 1_555 ? ? ? ? ? ? WATSON-CRICK ? ? ? 
hydrog5  hydrog ? ? A DA 5  N1 ? ? ? 1_555 D DT 13 N3 ? ? A DA 5  D DT 14 1_555 ? ? ? ? ? ? WATSON-CRICK ? ? ? 
hydrog6  hydrog ? ? A DA 5  N6 ? ? ? 1_555 D DT 13 O4 ? ? A DA 5  D DT 14 1_555 ? ? ? ? ? ? WATSON-CRICK ? ? ? 
hydrog7  hydrog ? ? A DG 6  N1 ? ? ? 1_555 D DC 12 N3 ? ? A DG 6  D DC 13 1_555 ? ? ? ? ? ? WATSON-CRICK ? ? ? 
hydrog8  hydrog ? ? A DG 6  N2 ? ? ? 1_555 D DC 12 O2 ? ? A DG 6  D DC 13 1_555 ? ? ? ? ? ? WATSON-CRICK ? ? ? 
hydrog9  hydrog ? ? A DG 6  O6 ? ? ? 1_555 D DC 12 N4 ? ? A DG 6  D DC 13 1_555 ? ? ? ? ? ? WATSON-CRICK ? ? ? 
hydrog10 hydrog ? ? A DA 7  N1 ? ? ? 1_555 D DT 11 N3 ? ? A DA 7  D DT 12 1_555 ? ? ? ? ? ? WATSON-CRICK ? ? ? 
hydrog11 hydrog ? ? A DA 7  N6 ? ? ? 1_555 D DT 11 O4 ? ? A DA 7  D DT 12 1_555 ? ? ? ? ? ? WATSON-CRICK ? ? ? 
hydrog12 hydrog ? ? A DC 8  N3 ? ? ? 1_555 D DG 10 N1 ? ? A DC 8  D DG 11 1_555 ? ? ? ? ? ? WATSON-CRICK ? ? ? 
hydrog13 hydrog ? ? A DC 8  N4 ? ? ? 1_555 D DG 10 O6 ? ? A DC 8  D DG 11 1_555 ? ? ? ? ? ? WATSON-CRICK ? ? ? 
hydrog14 hydrog ? ? A DC 8  O2 ? ? ? 1_555 D DG 10 N2 ? ? A DC 8  D DG 11 1_555 ? ? ? ? ? ? WATSON-CRICK ? ? ? 
hydrog15 hydrog ? ? A DG 9  N1 ? ? ? 1_555 D DC 9  N3 ? ? A DG 9  D DC 10 1_555 ? ? ? ? ? ? WATSON-CRICK ? ? ? 
hydrog16 hydrog ? ? A DG 9  N2 ? ? ? 1_555 D DC 9  O2 ? ? A DG 9  D DC 10 1_555 ? ? ? ? ? ? WATSON-CRICK ? ? ? 
hydrog17 hydrog ? ? A DG 9  O6 ? ? ? 1_555 D DC 9  N4 ? ? A DG 9  D DC 10 1_555 ? ? ? ? ? ? WATSON-CRICK ? ? ? 
hydrog18 hydrog ? ? A DT 10 N3 ? ? ? 1_555 C DA 3  N1 ? ? A DT 10 C DA 2  1_555 ? ? ? ? ? ? WATSON-CRICK ? ? ? 
hydrog19 hydrog ? ? A DT 10 O4 ? ? ? 1_555 C DA 3  N6 ? ? A DT 10 C DA 2  1_555 ? ? ? ? ? ? WATSON-CRICK ? ? ? 
hydrog20 hydrog ? ? A DG 11 N1 ? ? ? 1_555 C DC 2  N3 ? ? A DG 11 C DC 1  1_555 ? ? ? ? ? ? WATSON-CRICK ? ? ? 
hydrog21 hydrog ? ? A DG 11 N2 ? ? ? 1_555 C DC 2  O2 ? ? A DG 11 C DC 1  1_555 ? ? ? ? ? ? WATSON-CRICK ? ? ? 
hydrog22 hydrog ? ? A DG 11 O6 ? ? ? 1_555 C DC 2  N4 ? ? A DG 11 C DC 1  1_555 ? ? ? ? ? ? WATSON-CRICK ? ? ? 
hydrog23 hydrog ? ? A DA 12 N1 ? ? ? 1_555 C DT 1  N3 ? ? A DA 12 C DT 0  1_555 ? ? ? ? ? ? WATSON-CRICK ? ? ? 
hydrog24 hydrog ? ? A DA 12 N6 ? ? ? 1_555 C DT 1  O4 ? ? A DA 12 C DT 0  1_555 ? ? ? ? ? ? WATSON-CRICK ? ? ? 
hydrog25 hydrog ? ? B DC 1  N3 ? ? ? 1_555 C DG 6  N1 ? ? B DC 12 C DG 5  1_555 ? ? ? ? ? ? WATSON-CRICK ? ? ? 
hydrog26 hydrog ? ? B DC 1  N4 ? ? ? 1_555 C DG 6  O6 ? ? B DC 12 C DG 5  1_555 ? ? ? ? ? ? WATSON-CRICK ? ? ? 
hydrog27 hydrog ? ? B DC 1  O2 ? ? ? 1_555 C DG 6  N2 ? ? B DC 12 C DG 5  1_555 ? ? ? ? ? ? WATSON-CRICK ? ? ? 
hydrog28 hydrog ? ? B DG 2  N1 ? ? ? 1_555 C DC 5  N3 ? ? B DG 13 C DC 4  1_555 ? ? ? ? ? ? WATSON-CRICK ? ? ? 
hydrog29 hydrog ? ? B DG 2  N2 ? ? ? 1_555 C DC 5  O2 ? ? B DG 13 C DC 4  1_555 ? ? ? ? ? ? WATSON-CRICK ? ? ? 
hydrog30 hydrog ? ? B DG 2  O6 ? ? ? 1_555 C DC 5  N4 ? ? B DG 13 C DC 4  1_555 ? ? ? ? ? ? WATSON-CRICK ? ? ? 
hydrog31 hydrog ? ? B DC 3  N3 ? ? ? 1_555 C DG 4  N1 ? ? B DC 14 C DG 3  1_555 ? ? ? ? ? ? WATSON-CRICK ? ? ? 
hydrog32 hydrog ? ? B DC 3  N4 ? ? ? 1_555 C DG 4  O6 ? ? B DC 14 C DG 3  1_555 ? ? ? ? ? ? WATSON-CRICK ? ? ? 
hydrog33 hydrog ? ? B DC 3  O2 ? ? ? 1_555 C DG 4  N2 ? ? B DC 14 C DG 3  1_555 ? ? ? ? ? ? WATSON-CRICK ? ? ? 
hydrog34 hydrog ? ? B DC 4  N3 ? ? ? 1_555 D DG 8  N2 ? ? B DC 15 D DG 9  1_555 ? ? ? ? ? ? 'DC-DG PAIR' ? ? ? 
hydrog35 hydrog ? ? B DA 5  N1 ? ? ? 1_555 D DT 7  N3 ? ? B DA 16 D DT 8  1_555 ? ? ? ? ? ? WATSON-CRICK ? ? ? 
hydrog36 hydrog ? ? B DA 5  N6 ? ? ? 1_555 D DT 7  O4 ? ? B DA 16 D DT 8  1_555 ? ? ? ? ? ? WATSON-CRICK ? ? ? 
hydrog37 hydrog ? ? B DC 6  N3 ? ? ? 1_555 D DG 6  N1 ? ? B DC 17 D DG 7  1_555 ? ? ? ? ? ? WATSON-CRICK ? ? ? 
hydrog38 hydrog ? ? B DC 6  N4 ? ? ? 1_555 D DG 6  O6 ? ? B DC 17 D DG 7  1_555 ? ? ? ? ? ? WATSON-CRICK ? ? ? 
hydrog39 hydrog ? ? B DC 6  O2 ? ? ? 1_555 D DG 6  N2 ? ? B DC 17 D DG 7  1_555 ? ? ? ? ? ? WATSON-CRICK ? ? ? 
hydrog40 hydrog ? ? B DT 7  N3 ? ? ? 1_555 D DA 5  N1 ? ? B DT 18 D DA 6  1_555 ? ? ? ? ? ? WATSON-CRICK ? ? ? 
hydrog41 hydrog ? ? B DT 7  O4 ? ? ? 1_555 D DA 5  N6 ? ? B DT 18 D DA 6  1_555 ? ? ? ? ? ? WATSON-CRICK ? ? ? 
hydrog42 hydrog ? ? B DC 8  N3 ? ? ? 1_555 D DG 4  N2 ? ? B DC 19 D DG 5  1_555 ? ? ? ? ? ? 'DC-DG PAIR' ? ? ? 
# 
_struct_conn_type.id          hydrog 
_struct_conn_type.criteria    ? 
_struct_conn_type.reference   ? 
# 
_atom_sites.entry_id                    7JFX 
_atom_sites.Cartn_transf_matrix[1][1]   ? 
_atom_sites.Cartn_transf_matrix[1][2]   ? 
_atom_sites.Cartn_transf_matrix[1][3]   ? 
_atom_sites.Cartn_transf_matrix[2][1]   ? 
_atom_sites.Cartn_transf_matrix[2][2]   ? 
_atom_sites.Cartn_transf_matrix[2][3]   ? 
_atom_sites.Cartn_transf_matrix[3][1]   ? 
_atom_sites.Cartn_transf_matrix[3][2]   ? 
_atom_sites.Cartn_transf_matrix[3][3]   ? 
_atom_sites.Cartn_transf_vector[1]      ? 
_atom_sites.Cartn_transf_vector[2]      ? 
_atom_sites.Cartn_transf_vector[3]      ? 
_atom_sites.fract_transf_matrix[1][1]   -0.00041497 
_atom_sites.fract_transf_matrix[1][2]   0.01116174 
_atom_sites.fract_transf_matrix[1][3]   0.01274145 
_atom_sites.fract_transf_matrix[2][1]   0.00612053 
_atom_sites.fract_transf_matrix[2][2]   -0.00427496 
_atom_sites.fract_transf_matrix[2][3]   0.01521062 
_atom_sites.fract_transf_matrix[3][1]   0.01676910 
_atom_sites.fract_transf_matrix[3][2]   0.00630367 
_atom_sites.fract_transf_matrix[3][3]   -0.00497599 
_atom_sites.fract_transf_vector[1]      0.176421 
_atom_sites.fract_transf_vector[2]      -0.147154 
_atom_sites.fract_transf_vector[3]      -0.105618 
_atom_sites.solution_primary            ? 
_atom_sites.solution_secondary          ? 
_atom_sites.solution_hydrogens          ? 
_atom_sites.special_details             ? 
# 
loop_
_atom_type.symbol 
C 
N 
O 
P 
# 
loop_
_atom_site.group_PDB 
_atom_site.id 
_atom_site.type_symbol 
_atom_site.label_atom_id 
_atom_site.label_alt_id 
_atom_site.label_comp_id 
_atom_site.label_asym_id 
_atom_site.label_entity_id 
_atom_site.label_seq_id 
_atom_site.pdbx_PDB_ins_code 
_atom_site.Cartn_x 
_atom_site.Cartn_y 
_atom_site.Cartn_z 
_atom_site.occupancy 
_atom_site.B_iso_or_equiv 
_atom_site.pdbx_formal_charge 
_atom_site.auth_seq_id 
_atom_site.auth_comp_id 
_atom_site.auth_asym_id 
_atom_site.auth_atom_id 
_atom_site.pdbx_PDB_model_num 
ATOM 1   O "O5'" . DG A 1 1  ? 11.328  21.099  9.951   1.00 278.14 ? 1  DG A "O5'" 1 
ATOM 2   C "C5'" . DG A 1 1  ? 10.357  20.039  9.832   1.00 254.63 ? 1  DG A "C5'" 1 
ATOM 3   C "C4'" . DG A 1 1  ? 8.961   20.610  9.736   1.00 233.85 ? 1  DG A "C4'" 1 
ATOM 4   O "O4'" . DG A 1 1  ? 8.894   21.589  8.681   1.00 221.05 ? 1  DG A "O4'" 1 
ATOM 5   C "C3'" . DG A 1 1  ? 7.878   19.596  9.382   1.00 220.05 ? 1  DG A "C3'" 1 
ATOM 6   O "O3'" . DG A 1 1  ? 7.375   18.963  10.562  1.00 217.91 ? 1  DG A "O3'" 1 
ATOM 7   C "C2'" . DG A 1 1  ? 6.822   20.437  8.683   1.00 203.99 ? 1  DG A "C2'" 1 
ATOM 8   C "C1'" . DG A 1 1  ? 7.537   21.739  8.294   1.00 196.54 ? 1  DG A "C1'" 1 
ATOM 9   N N9    . DG A 1 1  ? 7.502   22.076  6.872   1.00 177.78 ? 1  DG A N9    1 
ATOM 10  C C8    . DG A 1 1  ? 8.530   22.536  6.080   1.00 171.19 ? 1  DG A C8    1 
ATOM 11  N N7    . DG A 1 1  ? 8.166   22.752  4.845   1.00 161.39 ? 1  DG A N7    1 
ATOM 12  C C5    . DG A 1 1  ? 6.818   22.419  4.823   1.00 164.26 ? 1  DG A C5    1 
ATOM 13  C C6    . DG A 1 1  ? 5.878   22.450  3.758   1.00 163.88 ? 1  DG A C6    1 
ATOM 14  O O6    . DG A 1 1  ? 6.052   22.803  2.584   1.00 159.98 ? 1  DG A O6    1 
ATOM 15  N N1    . DG A 1 1  ? 4.616   22.042  4.179   1.00 166.57 ? 1  DG A N1    1 
ATOM 16  C C2    . DG A 1 1  ? 4.299   21.638  5.454   1.00 173.63 ? 1  DG A C2    1 
ATOM 17  N N2    . DG A 1 1  ? 3.027   21.263  5.668   1.00 179.39 ? 1  DG A N2    1 
ATOM 18  N N3    . DG A 1 1  ? 5.163   21.611  6.452   1.00 168.83 ? 1  DG A N3    1 
ATOM 19  C C4    . DG A 1 1  ? 6.393   22.011  6.069   1.00 169.12 ? 1  DG A C4    1 
ATOM 20  P P     . DA A 1 2  ? 7.225   17.371  10.626  1.00 217.28 ? 2  DA A P     1 
ATOM 21  O OP1   . DA A 1 2  ? 7.170   16.979  12.057  1.00 222.16 ? 2  DA A OP1   1 
ATOM 22  O OP2   . DA A 1 2  ? 8.260   16.764  9.748   1.00 219.79 ? 2  DA A OP2   1 
ATOM 23  O "O5'" . DA A 1 2  ? 5.800   17.125  9.956   1.00 206.65 ? 2  DA A "O5'" 1 
ATOM 24  C "C5'" . DA A 1 2  ? 4.585   17.376  10.690  1.00 208.46 ? 2  DA A "C5'" 1 
ATOM 25  C "C4'" . DA A 1 2  ? 3.376   17.192  9.803   1.00 203.26 ? 2  DA A "C4'" 1 
ATOM 26  O "O4'" . DA A 1 2  ? 3.541   17.963  8.586   1.00 190.74 ? 2  DA A "O4'" 1 
ATOM 27  C "C3'" . DA A 1 2  ? 3.128   15.754  9.345   1.00 199.27 ? 2  DA A "C3'" 1 
ATOM 28  O "O3'" . DA A 1 2  ? 1.721   15.511  9.200   1.00 206.95 ? 2  DA A "O3'" 1 
ATOM 29  C "C2'" . DA A 1 2  ? 3.826   15.719  8.003   1.00 189.72 ? 2  DA A "C2'" 1 
ATOM 30  C "C1'" . DA A 1 2  ? 3.449   17.086  7.473   1.00 184.91 ? 2  DA A "C1'" 1 
ATOM 31  N N9    . DA A 1 2  ? 4.339   17.585  6.432   1.00 176.55 ? 2  DA A N9    1 
ATOM 32  C C8    . DA A 1 2  ? 5.708   17.666  6.465   1.00 178.61 ? 2  DA A C8    1 
ATOM 33  N N7    . DA A 1 2  ? 6.235   18.142  5.364   1.00 173.45 ? 2  DA A N7    1 
ATOM 34  C C5    . DA A 1 2  ? 5.138   18.383  4.548   1.00 166.12 ? 2  DA A C5    1 
ATOM 35  C C6    . DA A 1 2  ? 5.027   18.888  3.243   1.00 159.68 ? 2  DA A C6    1 
ATOM 36  N N6    . DA A 1 2  ? 6.075   19.262  2.507   1.00 159.43 ? 2  DA A N6    1 
ATOM 37  N N1    . DA A 1 2  ? 3.788   18.999  2.715   1.00 158.81 ? 2  DA A N1    1 
ATOM 38  C C2    . DA A 1 2  ? 2.739   18.622  3.458   1.00 166.98 ? 2  DA A C2    1 
ATOM 39  N N3    . DA A 1 2  ? 2.717   18.139  4.700   1.00 172.28 ? 2  DA A N3    1 
ATOM 40  C C4    . DA A 1 2  ? 3.965   18.039  5.192   1.00 171.09 ? 2  DA A C4    1 
ATOM 41  P P     . DG A 1 3  ? 1.182   14.097  8.650   1.00 200.70 ? 3  DG A P     1 
ATOM 42  O OP1   . DG A 1 3  ? -0.174  13.869  9.203   1.00 207.35 ? 3  DG A OP1   1 
ATOM 43  O OP2   . DG A 1 3  ? 2.241   13.082  8.871   1.00 211.41 ? 3  DG A OP2   1 
ATOM 44  O "O5'" . DG A 1 3  ? 1.017   14.355  7.088   1.00 184.88 ? 3  DG A "O5'" 1 
ATOM 45  C "C5'" . DG A 1 3  ? -0.008  15.227  6.577   1.00 192.20 ? 3  DG A "C5'" 1 
ATOM 46  C "C4'" . DG A 1 3  ? -0.180  15.044  5.086   1.00 190.25 ? 3  DG A "C4'" 1 
ATOM 47  O "O4'" . DG A 1 3  ? 0.766   15.869  4.369   1.00 194.98 ? 3  DG A "O4'" 1 
ATOM 48  C "C3'" . DG A 1 3  ? 0.034   13.626  4.565   1.00 185.07 ? 3  DG A "C3'" 1 
ATOM 49  O "O3'" . DG A 1 3  ? -1.210  12.925  4.485   1.00 188.68 ? 3  DG A "O3'" 1 
ATOM 50  C "C2'" . DG A 1 3  ? 0.566   13.854  3.169   1.00 180.77 ? 3  DG A "C2'" 1 
ATOM 51  C "C1'" . DG A 1 3  ? 1.320   15.160  3.266   1.00 184.33 ? 3  DG A "C1'" 1 
ATOM 52  N N9    . DG A 1 3  ? 2.752   15.026  3.500   1.00 180.45 ? 3  DG A N9    1 
ATOM 53  C C8    . DG A 1 3  ? 3.357   14.582  4.650   1.00 180.63 ? 3  DG A C8    1 
ATOM 54  N N7    . DG A 1 3  ? 4.662   14.611  4.586   1.00 184.55 ? 3  DG A N7    1 
ATOM 55  C C5    . DG A 1 3  ? 4.933   15.108  3.320   1.00 175.76 ? 3  DG A C5    1 
ATOM 56  C C6    . DG A 1 3  ? 6.176   15.366  2.679   1.00 168.71 ? 3  DG A C6    1 
ATOM 57  O O6    . DG A 1 3  ? 7.322   15.199  3.118   1.00 159.08 ? 3  DG A O6    1 
ATOM 58  N N1    . DG A 1 3  ? 5.992   15.869  1.392   1.00 163.53 ? 3  DG A N1    1 
ATOM 59  C C2    . DG A 1 3  ? 4.772   16.102  0.802   1.00 159.73 ? 3  DG A C2    1 
ATOM 60  N N2    . DG A 1 3  ? 4.797   16.591  -0.448  1.00 149.55 ? 3  DG A N2    1 
ATOM 61  N N3    . DG A 1 3  ? 3.609   15.867  1.389   1.00 167.26 ? 3  DG A N3    1 
ATOM 62  C C4    . DG A 1 3  ? 3.764   15.375  2.638   1.00 175.15 ? 3  DG A C4    1 
ATOM 63  P P     . DC A 1 4  ? -1.232  11.389  4.049   1.00 177.66 ? 4  DC A P     1 
ATOM 64  O OP1   . DC A 1 4  ? -2.624  10.887  4.197   1.00 177.95 ? 4  DC A OP1   1 
ATOM 65  O OP2   . DC A 1 4  ? -0.132  10.708  4.769   1.00 177.08 ? 4  DC A OP2   1 
ATOM 66  O "O5'" . DC A 1 4  ? -0.904  11.450  2.489   1.00 156.49 ? 4  DC A "O5'" 1 
ATOM 67  C "C5'" . DC A 1 4  ? -1.891  11.897  1.538   1.00 152.32 ? 4  DC A "C5'" 1 
ATOM 68  C "C4'" . DC A 1 4  ? -1.239  12.350  0.252   1.00 159.05 ? 4  DC A "C4'" 1 
ATOM 69  O "O4'" . DC A 1 4  ? 0.062   12.921  0.507   1.00 162.26 ? 4  DC A "O4'" 1 
ATOM 70  C "C3'" . DC A 1 4  ? -1.015  11.244  -0.783  1.00 164.26 ? 4  DC A "C3'" 1 
ATOM 71  O "O3'" . DC A 1 4  ? -1.973  11.354  -1.839  1.00 178.46 ? 4  DC A "O3'" 1 
ATOM 72  C "C2'" . DC A 1 4  ? 0.400   11.476  -1.302  1.00 162.95 ? 4  DC A "C2'" 1 
ATOM 73  C "C1'" . DC A 1 4  ? 0.872   12.762  -0.641  1.00 163.44 ? 4  DC A "C1'" 1 
ATOM 74  N N1    . DC A 1 4  ? 2.284   12.737  -0.200  1.00 162.47 ? 4  DC A N1    1 
ATOM 75  C C2    . DC A 1 4  ? 3.278   13.265  -1.037  1.00 154.79 ? 4  DC A C2    1 
ATOM 76  O O2    . DC A 1 4  ? 2.951   13.749  -2.131  1.00 146.92 ? 4  DC A O2    1 
ATOM 77  N N3    . DC A 1 4  ? 4.571   13.229  -0.630  1.00 149.08 ? 4  DC A N3    1 
ATOM 78  C C4    . DC A 1 4  ? 4.883   12.693  0.554   1.00 154.00 ? 4  DC A C4    1 
ATOM 79  N N4    . DC A 1 4  ? 6.167   12.675  0.919   1.00 156.29 ? 4  DC A N4    1 
ATOM 80  C C5    . DC A 1 4  ? 3.891   12.152  1.422   1.00 155.78 ? 4  DC A C5    1 
ATOM 81  C C6    . DC A 1 4  ? 2.618   12.187  1.007   1.00 159.68 ? 4  DC A C6    1 
ATOM 82  P P     . DA A 1 5  ? -2.243  10.113  -2.816  1.00 188.21 ? 5  DA A P     1 
ATOM 83  O OP1   . DA A 1 5  ? -3.627  9.633   -2.575  1.00 196.73 ? 5  DA A OP1   1 
ATOM 84  O OP2   . DA A 1 5  ? -1.105  9.175   -2.686  1.00 190.74 ? 5  DA A OP2   1 
ATOM 85  O "O5'" . DA A 1 5  ? -2.206  10.772  -4.266  1.00 178.46 ? 5  DA A "O5'" 1 
ATOM 86  C "C5'" . DA A 1 5  ? -1.878  10.003  -5.442  1.00 170.30 ? 5  DA A "C5'" 1 
ATOM 87  C "C4'" . DA A 1 5  ? -0.556  10.459  -6.018  1.00 176.03 ? 5  DA A "C4'" 1 
ATOM 88  O "O4'" . DA A 1 5  ? 0.378   10.742  -4.951  1.00 167.62 ? 5  DA A "O4'" 1 
ATOM 89  C "C3'" . DA A 1 5  ? 0.143   9.437   -6.923  1.00 182.30 ? 5  DA A "C3'" 1 
ATOM 90  O "O3'" . DA A 1 5  ? 0.006   9.742   -8.319  1.00 188.90 ? 5  DA A "O3'" 1 
ATOM 91  C "C2'" . DA A 1 5  ? 1.598   9.471   -6.480  1.00 179.54 ? 5  DA A "C2'" 1 
ATOM 92  C "C1'" . DA A 1 5  ? 1.685   10.597  -5.469  1.00 175.94 ? 5  DA A "C1'" 1 
ATOM 93  N N9    . DA A 1 5  ? 2.583   10.295  -4.355  1.00 183.13 ? 5  DA A N9    1 
ATOM 94  C C8    . DA A 1 5  ? 2.303   9.549   -3.237  1.00 189.46 ? 5  DA A C8    1 
ATOM 95  N N7    . DA A 1 5  ? 3.318   9.418   -2.421  1.00 197.17 ? 5  DA A N7    1 
ATOM 96  C C5    . DA A 1 5  ? 4.343   10.114  -3.048  1.00 194.09 ? 5  DA A C5    1 
ATOM 97  C C6    . DA A 1 5  ? 5.683   10.354  -2.689  1.00 188.27 ? 5  DA A C6    1 
ATOM 98  N N6    . DA A 1 5  ? 6.242   9.898   -1.566  1.00 181.99 ? 5  DA A N6    1 
ATOM 99  N N1    . DA A 1 5  ? 6.440   11.084  -3.538  1.00 193.87 ? 5  DA A N1    1 
ATOM 100 C C2    . DA A 1 5  ? 5.881   11.532  -4.672  1.00 207.68 ? 5  DA A C2    1 
ATOM 101 N N3    . DA A 1 5  ? 4.633   11.378  -5.114  1.00 207.27 ? 5  DA A N3    1 
ATOM 102 C C4    . DA A 1 5  ? 3.907   10.650  -4.247  1.00 194.14 ? 5  DA A C4    1 
ATOM 103 P P     . DG A 1 6  ? 0.359   8.631   -9.432  1.00 193.78 ? 6  DG A P     1 
ATOM 104 O OP1   . DG A 1 6  ? -0.116  9.125   -10.749 1.00 206.15 ? 6  DG A OP1   1 
ATOM 105 O OP2   . DG A 1 6  ? -0.124  7.314   -8.944  1.00 201.98 ? 6  DG A OP2   1 
ATOM 106 O "O5'" . DG A 1 6  ? 1.953   8.630   -9.444  1.00 175.63 ? 6  DG A "O5'" 1 
ATOM 107 C "C5'" . DG A 1 6  ? 2.696   9.749   -9.959  1.00 166.83 ? 6  DG A "C5'" 1 
ATOM 108 C "C4'" . DG A 1 6  ? 4.180   9.515   -9.798  1.00 169.82 ? 6  DG A "C4'" 1 
ATOM 109 O "O4'" . DG A 1 6  ? 4.532   9.520   -8.403  1.00 166.08 ? 6  DG A "O4'" 1 
ATOM 110 C "C3'" . DG A 1 6  ? 4.692   8.180   -10.341 1.00 177.87 ? 6  DG A "C3'" 1 
ATOM 111 O "O3'" . DG A 1 6  ? 5.251   8.418   -11.635 1.00 196.61 ? 6  DG A "O3'" 1 
ATOM 112 C "C2'" . DG A 1 6  ? 5.697   7.705   -9.297  1.00 174.03 ? 6  DG A "C2'" 1 
ATOM 113 C "C1'" . DG A 1 6  ? 5.748   8.813   -8.266  1.00 172.34 ? 6  DG A "C1'" 1 
ATOM 114 N N9    . DG A 1 6  ? 5.828   8.336   -6.891  1.00 172.05 ? 6  DG A N9    1 
ATOM 115 C C8    . DG A 1 6  ? 4.790   7.825   -6.152  1.00 174.09 ? 6  DG A C8    1 
ATOM 116 N N7    . DG A 1 6  ? 5.140   7.488   -4.941  1.00 174.86 ? 6  DG A N7    1 
ATOM 117 C C5    . DG A 1 6  ? 6.490   7.801   -4.874  1.00 167.19 ? 6  DG A C5    1 
ATOM 118 C C6    . DG A 1 6  ? 7.408   7.669   -3.804  1.00 155.76 ? 6  DG A C6    1 
ATOM 119 O O6    . DG A 1 6  ? 7.207   7.212   -2.672  1.00 146.38 ? 6  DG A O6    1 
ATOM 120 N N1    . DG A 1 6  ? 8.681   8.106   -4.163  1.00 148.77 ? 6  DG A N1    1 
ATOM 121 C C2    . DG A 1 6  ? 9.025   8.614   -5.393  1.00 142.02 ? 6  DG A C2    1 
ATOM 122 N N2    . DG A 1 6  ? 10.307  8.984   -5.548  1.00 128.78 ? 6  DG A N2    1 
ATOM 123 N N3    . DG A 1 6  ? 8.173   8.749   -6.399  1.00 158.62 ? 6  DG A N3    1 
ATOM 124 C C4    . DG A 1 6  ? 6.931   8.329   -6.070  1.00 170.00 ? 6  DG A C4    1 
ATOM 125 P P     . DA A 1 7  ? 6.112   7.297   -12.361 1.00 221.64 ? 7  DA A P     1 
ATOM 126 O OP1   . DA A 1 7  ? 5.900   7.442   -13.823 1.00 242.62 ? 7  DA A OP1   1 
ATOM 127 O OP2   . DA A 1 7  ? 5.839   5.994   -11.698 1.00 223.30 ? 7  DA A OP2   1 
ATOM 128 O "O5'" . DA A 1 7  ? 7.607   7.717   -12.010 1.00 209.88 ? 7  DA A "O5'" 1 
ATOM 129 C "C5'" . DA A 1 7  ? 8.720   7.150   -12.723 1.00 198.73 ? 7  DA A "C5'" 1 
ATOM 130 C "C4'" . DA A 1 7  ? 9.837   6.778   -11.774 1.00 191.20 ? 7  DA A "C4'" 1 
ATOM 131 O "O4'" . DA A 1 7  ? 9.433   6.944   -10.390 1.00 188.93 ? 7  DA A "O4'" 1 
ATOM 132 C "C3'" . DA A 1 7  ? 10.333  5.330   -11.898 1.00 189.98 ? 7  DA A "C3'" 1 
ATOM 133 O "O3'" . DA A 1 7  ? 11.753  5.256   -12.057 1.00 196.71 ? 7  DA A "O3'" 1 
ATOM 134 C "C2'" . DA A 1 7  ? 9.966   4.717   -10.563 1.00 193.40 ? 7  DA A "C2'" 1 
ATOM 135 C "C1'" . DA A 1 7  ? 10.076  5.919   -9.661  1.00 195.48 ? 7  DA A "C1'" 1 
ATOM 136 N N9    . DA A 1 7  ? 9.387   5.732   -8.387  1.00 198.27 ? 7  DA A N9    1 
ATOM 137 C C8    . DA A 1 7  ? 8.048   5.498   -8.187  1.00 191.36 ? 7  DA A C8    1 
ATOM 138 N N7    . DA A 1 7  ? 7.731   5.286   -6.932  1.00 188.04 ? 7  DA A N7    1 
ATOM 139 C C5    . DA A 1 7  ? 8.946   5.355   -6.266  1.00 193.50 ? 7  DA A C5    1 
ATOM 140 C C6    . DA A 1 7  ? 9.288   5.206   -4.911  1.00 192.64 ? 7  DA A C6    1 
ATOM 141 N N6    . DA A 1 7  ? 8.395   4.964   -3.949  1.00 195.19 ? 7  DA A N6    1 
ATOM 142 N N1    . DA A 1 7  ? 10.591  5.340   -4.571  1.00 187.86 ? 7  DA A N1    1 
ATOM 143 C C2    . DA A 1 7  ? 11.483  5.586   -5.542  1.00 185.73 ? 7  DA A C2    1 
ATOM 144 N N3    . DA A 1 7  ? 11.282  5.743   -6.850  1.00 194.85 ? 7  DA A N3    1 
ATOM 145 C C4    . DA A 1 7  ? 9.977   5.611   -7.151  1.00 197.47 ? 7  DA A C4    1 
ATOM 146 P P     . DC A 1 8  ? 12.467  3.836   -12.317 1.00 209.47 ? 8  DC A P     1 
ATOM 147 O OP1   . DC A 1 8  ? 13.812  4.086   -12.893 1.00 227.15 ? 8  DC A OP1   1 
ATOM 148 O OP2   . DC A 1 8  ? 11.501  2.939   -13.004 1.00 213.00 ? 8  DC A OP2   1 
ATOM 149 O "O5'" . DC A 1 8  ? 12.710  3.264   -10.855 1.00 188.10 ? 8  DC A "O5'" 1 
ATOM 150 C "C5'" . DC A 1 8  ? 13.555  3.953   -9.928  1.00 178.21 ? 8  DC A "C5'" 1 
ATOM 151 C "C4'" . DC A 1 8  ? 13.483  3.271   -8.583  1.00 172.86 ? 8  DC A "C4'" 1 
ATOM 152 O "O4'" . DC A 1 8  ? 12.155  3.376   -8.042  1.00 174.89 ? 8  DC A "O4'" 1 
ATOM 153 C "C3'" . DC A 1 8  ? 13.782  1.774   -8.609  1.00 172.81 ? 8  DC A "C3'" 1 
ATOM 154 O "O3'" . DC A 1 8  ? 15.151  1.592   -8.250  1.00 179.71 ? 8  DC A "O3'" 1 
ATOM 155 C "C2'" . DC A 1 8  ? 12.806  1.178   -7.599  1.00 170.69 ? 8  DC A "C2'" 1 
ATOM 156 C "C1'" . DC A 1 8  ? 12.053  2.379   -7.048  1.00 167.25 ? 8  DC A "C1'" 1 
ATOM 157 N N1    . DC A 1 8  ? 10.622  2.199   -6.704  1.00 166.24 ? 8  DC A N1    1 
ATOM 158 C C2    . DC A 1 8  ? 10.300  1.870   -5.385  1.00 162.31 ? 8  DC A C2    1 
ATOM 159 O O2    . DC A 1 8  ? 11.218  1.706   -4.569  1.00 161.03 ? 8  DC A O2    1 
ATOM 160 N N3    . DC A 1 8  ? 8.998   1.736   -5.031  1.00 167.10 ? 8  DC A N3    1 
ATOM 161 C C4    . DC A 1 8  ? 8.038   1.924   -5.940  1.00 170.59 ? 8  DC A C4    1 
ATOM 162 N N4    . DC A 1 8  ? 6.769   1.779   -5.548  1.00 172.21 ? 8  DC A N4    1 
ATOM 163 C C5    . DC A 1 8  ? 8.337   2.262   -7.292  1.00 174.76 ? 8  DC A C5    1 
ATOM 164 C C6    . DC A 1 8  ? 9.630   2.393   -7.627  1.00 176.53 ? 8  DC A C6    1 
ATOM 165 P P     . DG A 1 9  ? 15.851  0.179   -8.456  1.00 199.98 ? 9  DG A P     1 
ATOM 166 O OP1   . DG A 1 9  ? 17.303  0.415   -8.674  1.00 201.73 ? 9  DG A OP1   1 
ATOM 167 O OP2   . DG A 1 9  ? 15.066  -0.592  -9.451  1.00 216.64 ? 9  DG A OP2   1 
ATOM 168 O "O5'" . DG A 1 9  ? 15.655  -0.516  -7.039  1.00 193.11 ? 9  DG A "O5'" 1 
ATOM 169 C "C5'" . DG A 1 9  ? 16.324  0.012   -5.884  1.00 193.89 ? 9  DG A "C5'" 1 
ATOM 170 C "C4'" . DG A 1 9  ? 15.988  -0.797  -4.652  1.00 190.63 ? 9  DG A "C4'" 1 
ATOM 171 O "O4'" . DG A 1 9  ? 14.603  -0.580  -4.289  1.00 191.56 ? 9  DG A "O4'" 1 
ATOM 172 C "C3'" . DG A 1 9  ? 16.157  -2.313  -4.799  1.00 184.56 ? 9  DG A "C3'" 1 
ATOM 173 O "O3'" . DG A 1 9  ? 16.848  -2.892  -3.682  1.00 184.40 ? 9  DG A "O3'" 1 
ATOM 174 C "C2'" . DG A 1 9  ? 14.733  -2.827  -4.846  1.00 183.12 ? 9  DG A "C2'" 1 
ATOM 175 C "C1'" . DG A 1 9  ? 14.016  -1.824  -3.968  1.00 188.76 ? 9  DG A "C1'" 1 
ATOM 176 N N9    . DG A 1 9  ? 12.577  -1.715  -4.199  1.00 200.70 ? 9  DG A N9    1 
ATOM 177 C C8    . DG A 1 9  ? 11.949  -1.360  -5.368  1.00 197.75 ? 9  DG A C8    1 
ATOM 178 N N7    . DG A 1 9  ? 10.647  -1.355  -5.269  1.00 199.46 ? 9  DG A N7    1 
ATOM 179 C C5    . DG A 1 9  ? 10.400  -1.721  -3.953  1.00 204.58 ? 9  DG A C5    1 
ATOM 180 C C6    . DG A 1 9  ? 9.172   -1.881  -3.255  1.00 199.23 ? 9  DG A C6    1 
ATOM 181 O O6    . DG A 1 9  ? 8.019   -1.729  -3.676  1.00 214.92 ? 9  DG A O6    1 
ATOM 182 N N1    . DG A 1 9  ? 9.379   -2.268  -1.933  1.00 185.24 ? 9  DG A N1    1 
ATOM 183 C C2    . DG A 1 9  ? 10.608  -2.468  -1.353  1.00 193.17 ? 9  DG A C2    1 
ATOM 184 N N2    . DG A 1 9  ? 10.601  -2.838  -0.065  1.00 183.88 ? 9  DG A N2    1 
ATOM 185 N N3    . DG A 1 9  ? 11.760  -2.313  -1.989  1.00 212.90 ? 9  DG A N3    1 
ATOM 186 C C4    . DG A 1 9  ? 11.581  -1.943  -3.277  1.00 208.99 ? 9  DG A C4    1 
ATOM 187 P P     . DT A 1 10 ? 18.391  -3.332  -3.822  1.00 193.30 ? 10 DT A P     1 
ATOM 188 O OP1   . DT A 1 10 ? 19.224  -2.382  -3.044  1.00 203.65 ? 10 DT A OP1   1 
ATOM 189 O OP2   . DT A 1 10 ? 18.681  -3.578  -5.257  1.00 190.98 ? 10 DT A OP2   1 
ATOM 190 O "O5'" . DT A 1 10 ? 18.468  -4.726  -3.060  1.00 166.72 ? 10 DT A "O5'" 1 
ATOM 191 C "C5'" . DT A 1 10 ? 17.354  -5.616  -3.064  1.00 154.04 ? 10 DT A "C5'" 1 
ATOM 192 C "C4'" . DT A 1 10 ? 16.513  -5.343  -1.842  1.00 146.09 ? 10 DT A "C4'" 1 
ATOM 193 O "O4'" . DT A 1 10 ? 15.180  -4.984  -2.238  1.00 143.79 ? 10 DT A "O4'" 1 
ATOM 194 C "C3'" . DT A 1 10 ? 16.350  -6.533  -0.905  1.00 152.82 ? 10 DT A "C3'" 1 
ATOM 195 O "O3'" . DT A 1 10 ? 17.362  -6.436  0.102   1.00 180.08 ? 10 DT A "O3'" 1 
ATOM 196 C "C2'" . DT A 1 10 ? 14.932  -6.394  -0.368  1.00 147.55 ? 10 DT A "C2'" 1 
ATOM 197 C "C1'" . DT A 1 10 ? 14.324  -5.225  -1.141  1.00 147.13 ? 10 DT A "C1'" 1 
ATOM 198 N N1    . DT A 1 10 ? 12.933  -5.398  -1.657  1.00 149.28 ? 10 DT A N1    1 
ATOM 199 C C2    . DT A 1 10 ? 11.943  -5.700  -0.745  1.00 142.19 ? 10 DT A C2    1 
ATOM 200 O O2    . DT A 1 10 ? 12.162  -5.878  0.445   1.00 141.52 ? 10 DT A O2    1 
ATOM 201 N N3    . DT A 1 10 ? 10.681  -5.798  -1.281  1.00 128.75 ? 10 DT A N3    1 
ATOM 202 C C4    . DT A 1 10 ? 10.317  -5.620  -2.605  1.00 122.01 ? 10 DT A C4    1 
ATOM 203 O O4    . DT A 1 10 ? 9.142   -5.746  -2.938  1.00 109.56 ? 10 DT A O4    1 
ATOM 204 C C5    . DT A 1 10 ? 11.400  -5.295  -3.505  1.00 130.02 ? 10 DT A C5    1 
ATOM 205 C C7    . DT A 1 10 ? 11.100  -5.081  -4.956  1.00 128.05 ? 10 DT A C7    1 
ATOM 206 C C6    . DT A 1 10 ? 12.636  -5.193  -2.992  1.00 142.94 ? 10 DT A C6    1 
ATOM 207 P P     . DG A 1 11 ? 18.462  -7.589  0.251   1.00 208.02 ? 11 DG A P     1 
ATOM 208 O OP1   . DG A 1 11 ? 19.376  -7.214  1.365   1.00 213.15 ? 11 DG A OP1   1 
ATOM 209 O OP2   . DG A 1 11 ? 19.038  -7.853  -1.095  1.00 201.91 ? 11 DG A OP2   1 
ATOM 210 O "O5'" . DG A 1 11 ? 17.577  -8.836  0.709   1.00 191.56 ? 11 DG A "O5'" 1 
ATOM 211 C "C5'" . DG A 1 11 ? 16.702  -8.755  1.860   1.00 174.51 ? 11 DG A "C5'" 1 
ATOM 212 C "C4'" . DG A 1 11 ? 15.678  -9.868  1.871   1.00 158.33 ? 11 DG A "C4'" 1 
ATOM 213 O "O4'" . DG A 1 11 ? 14.544  -9.514  1.043   1.00 153.41 ? 11 DG A "O4'" 1 
ATOM 214 C "C3'" . DG A 1 11 ? 16.161  -11.217 1.342   1.00 156.24 ? 11 DG A "C3'" 1 
ATOM 215 O "O3'" . DG A 1 11 ? 15.478  -12.279 2.012   1.00 151.30 ? 11 DG A "O3'" 1 
ATOM 216 C "C2'" . DG A 1 11 ? 15.694  -11.193 -0.096  1.00 156.52 ? 11 DG A "C2'" 1 
ATOM 217 C "C1'" . DG A 1 11 ? 14.338  -10.538 0.082   1.00 148.89 ? 11 DG A "C1'" 1 
ATOM 218 N N9    . DG A 1 11 ? 13.746  -9.932  -1.107  1.00 139.80 ? 11 DG A N9    1 
ATOM 219 C C8    . DG A 1 11 ? 14.394  -9.388  -2.190  1.00 137.42 ? 11 DG A C8    1 
ATOM 220 N N7    . DG A 1 11 ? 13.575  -8.920  -3.094  1.00 129.35 ? 11 DG A N7    1 
ATOM 221 C C5    . DG A 1 11 ? 12.312  -9.175  -2.577  1.00 121.86 ? 11 DG A C5    1 
ATOM 222 C C6    . DG A 1 11 ? 11.027  -8.895  -3.110  1.00 110.82 ? 11 DG A C6    1 
ATOM 223 O O6    . DG A 1 11 ? 10.738  -8.345  -4.179  1.00 111.55 ? 11 DG A O6    1 
ATOM 224 N N1    . DG A 1 11 ? 10.014  -9.323  -2.254  1.00 109.56 ? 11 DG A N1    1 
ATOM 225 C C2    . DG A 1 11 ? 10.213  -9.943  -1.044  1.00 117.46 ? 11 DG A C2    1 
ATOM 226 N N2    . DG A 1 11 ? 9.111   -10.285 -0.360  1.00 121.33 ? 11 DG A N2    1 
ATOM 227 N N3    . DG A 1 11 ? 11.405  -10.206 -0.537  1.00 118.72 ? 11 DG A N3    1 
ATOM 228 C C4    . DG A 1 11 ? 12.401  -9.797  -1.350  1.00 127.27 ? 11 DG A C4    1 
ATOM 229 P P     . DA A 1 12 ? 16.263  -13.588 2.443   1.00 156.09 ? 12 DA A P     1 
ATOM 230 O OP1   . DA A 1 12 ? 15.822  -13.936 3.817   1.00 170.92 ? 12 DA A OP1   1 
ATOM 231 O OP2   . DA A 1 12 ? 17.710  -13.395 2.155   1.00 155.57 ? 12 DA A OP2   1 
ATOM 232 O "O5'" . DA A 1 12 ? 15.735  -14.679 1.412   1.00 147.10 ? 12 DA A "O5'" 1 
ATOM 233 C "C5'" . DA A 1 12 ? 15.030  -15.843 1.871   1.00 134.51 ? 12 DA A "C5'" 1 
ATOM 234 C "C4'" . DA A 1 12 ? 13.639  -15.469 2.325   1.00 127.64 ? 12 DA A "C4'" 1 
ATOM 235 O "O4'" . DA A 1 12 ? 13.200  -14.262 1.649   1.00 119.83 ? 12 DA A "O4'" 1 
ATOM 236 C "C3'" . DA A 1 12 ? 12.589  -16.534 2.021   1.00 119.47 ? 12 DA A "C3'" 1 
ATOM 237 O "O3'" . DA A 1 12 ? 11.621  -16.616 3.064   1.00 123.19 ? 12 DA A "O3'" 1 
ATOM 238 C "C2'" . DA A 1 12 ? 11.976  -16.058 0.718   1.00 119.56 ? 12 DA A "C2'" 1 
ATOM 239 C "C1'" . DA A 1 12 ? 12.100  -14.543 0.789   1.00 120.10 ? 12 DA A "C1'" 1 
ATOM 240 N N9    . DA A 1 12 ? 12.353  -13.901 -0.505  1.00 127.73 ? 12 DA A N9    1 
ATOM 241 C C8    . DA A 1 12 ? 13.559  -13.635 -1.109  1.00 133.71 ? 12 DA A C8    1 
ATOM 242 N N7    . DA A 1 12 ? 13.449  -13.059 -2.281  1.00 122.33 ? 12 DA A N7    1 
ATOM 243 C C5    . DA A 1 12 ? 12.079  -12.953 -2.474  1.00 113.66 ? 12 DA A C5    1 
ATOM 244 C C6    . DA A 1 12 ? 11.309  -12.421 -3.523  1.00 111.70 ? 12 DA A C6    1 
ATOM 245 N N6    . DA A 1 12 ? 11.834  -11.886 -4.630  1.00 110.70 ? 12 DA A N6    1 
ATOM 246 N N1    . DA A 1 12 ? 9.964   -12.464 -3.397  1.00 110.35 ? 12 DA A N1    1 
ATOM 247 C C2    . DA A 1 12 ? 9.438   -13.003 -2.287  1.00 106.99 ? 12 DA A C2    1 
ATOM 248 N N3    . DA A 1 12 ? 10.057  -13.529 -1.233  1.00 110.78 ? 12 DA A N3    1 
ATOM 249 C C4    . DA A 1 12 ? 11.392  -13.468 -1.388  1.00 120.32 ? 12 DA A C4    1 
ATOM 250 P P     . DC B 2 1  ? -8.066  -23.843 2.768   1.00 158.31 ? 12 DC B P     1 
ATOM 251 O OP1   . DC B 2 1  ? -7.166  -24.214 1.653   1.00 179.42 ? 12 DC B OP1   1 
ATOM 252 O OP2   . DC B 2 1  ? -8.807  -24.903 3.501   1.00 141.35 ? 12 DC B OP2   1 
ATOM 253 O "O5'" . DC B 2 1  ? -7.199  -22.929 3.746   1.00 148.99 ? 12 DC B "O5'" 1 
ATOM 254 C "C5'" . DC B 2 1  ? -7.551  -21.551 3.968   1.00 154.49 ? 12 DC B "C5'" 1 
ATOM 255 C "C4'" . DC B 2 1  ? -8.433  -21.442 5.191   1.00 161.61 ? 12 DC B "C4'" 1 
ATOM 256 O "O4'" . DC B 2 1  ? -7.651  -21.131 6.370   1.00 154.94 ? 12 DC B "O4'" 1 
ATOM 257 C "C3'" . DC B 2 1  ? -9.532  -20.383 5.119   1.00 162.54 ? 12 DC B "C3'" 1 
ATOM 258 O "O3'" . DC B 2 1  ? -10.734 -20.942 5.661   1.00 170.03 ? 12 DC B "O3'" 1 
ATOM 259 C "C2'" . DC B 2 1  ? -8.970  -19.227 5.927   1.00 151.77 ? 12 DC B "C2'" 1 
ATOM 260 C "C1'" . DC B 2 1  ? -8.048  -19.886 6.938   1.00 144.56 ? 12 DC B "C1'" 1 
ATOM 261 N N1    . DC B 2 1  ? -6.821  -19.122 7.213   1.00 118.67 ? 12 DC B N1    1 
ATOM 262 C C2    . DC B 2 1  ? -6.738  -18.282 8.333   1.00 116.03 ? 12 DC B C2    1 
ATOM 263 O O2    . DC B 2 1  ? -7.720  -18.177 9.085   1.00 130.19 ? 12 DC B O2    1 
ATOM 264 N N3    . DC B 2 1  ? -5.584  -17.612 8.568   1.00 99.43  ? 12 DC B N3    1 
ATOM 265 C C4    . DC B 2 1  ? -4.549  -17.756 7.735   1.00 87.86  ? 12 DC B C4    1 
ATOM 266 N N4    . DC B 2 1  ? -3.431  -17.080 7.996   1.00 83.02  ? 12 DC B N4    1 
ATOM 267 C C5    . DC B 2 1  ? -4.609  -18.607 6.598   1.00 90.73  ? 12 DC B C5    1 
ATOM 268 C C6    . DC B 2 1  ? -5.749  -19.267 6.379   1.00 100.73 ? 12 DC B C6    1 
ATOM 269 P P     . DG B 2 2  ? -12.153 -20.360 5.249   1.00 167.36 ? 13 DG B P     1 
ATOM 270 O OP1   . DG B 2 2  ? -13.192 -21.321 5.717   1.00 155.45 ? 13 DG B OP1   1 
ATOM 271 O OP2   . DG B 2 2  ? -12.101 -19.978 3.816   1.00 190.37 ? 13 DG B OP2   1 
ATOM 272 O "O5'" . DG B 2 2  ? -12.235 -19.038 6.124   1.00 154.78 ? 13 DG B "O5'" 1 
ATOM 273 C "C5'" . DG B 2 2  ? -12.329 -19.161 7.548   1.00 166.87 ? 13 DG B "C5'" 1 
ATOM 274 C "C4'" . DG B 2 2  ? -12.334 -17.802 8.205   1.00 172.44 ? 13 DG B "C4'" 1 
ATOM 275 O "O4'" . DG B 2 2  ? -10.999 -17.251 8.206   1.00 164.67 ? 13 DG B "O4'" 1 
ATOM 276 C "C3'" . DG B 2 2  ? -13.223 -16.754 7.533   1.00 170.70 ? 13 DG B "C3'" 1 
ATOM 277 O "O3'" . DG B 2 2  ? -13.926 -16.088 8.585   1.00 180.82 ? 13 DG B "O3'" 1 
ATOM 278 C "C2'" . DG B 2 2  ? -12.227 -15.888 6.783   1.00 158.47 ? 13 DG B "C2'" 1 
ATOM 279 C "C1'" . DG B 2 2  ? -11.053 -15.921 7.738   1.00 151.59 ? 13 DG B "C1'" 1 
ATOM 280 N N9    . DG B 2 2  ? -9.759  -15.610 7.154   1.00 140.32 ? 13 DG B N9    1 
ATOM 281 C C8    . DG B 2 2  ? -9.222  -16.120 5.998   1.00 135.10 ? 13 DG B C8    1 
ATOM 282 N N7    . DG B 2 2  ? -8.025  -15.664 5.745   1.00 132.10 ? 13 DG B N7    1 
ATOM 283 C C5    . DG B 2 2  ? -7.755  -14.809 6.803   1.00 125.52 ? 13 DG B C5    1 
ATOM 284 C C6    . DG B 2 2  ? -6.620  -14.007 7.063   1.00 116.85 ? 13 DG B C6    1 
ATOM 285 O O6    . DG B 2 2  ? -5.585  -13.902 6.397   1.00 111.54 ? 13 DG B O6    1 
ATOM 286 N N1    . DG B 2 2  ? -6.768  -13.272 8.238   1.00 120.43 ? 13 DG B N1    1 
ATOM 287 C C2    . DG B 2 2  ? -7.868  -13.310 9.059   1.00 127.51 ? 13 DG B C2    1 
ATOM 288 N N2    . DG B 2 2  ? -7.823  -12.533 10.154  1.00 123.41 ? 13 DG B N2    1 
ATOM 289 N N3    . DG B 2 2  ? -8.941  -14.045 8.818   1.00 135.13 ? 13 DG B N3    1 
ATOM 290 C C4    . DG B 2 2  ? -8.813  -14.768 7.684   1.00 130.85 ? 13 DG B C4    1 
ATOM 291 P P     . DC B 2 3  ? -15.215 -15.204 8.278   1.00 184.06 ? 14 DC B P     1 
ATOM 292 O OP1   . DC B 2 3  ? -16.374 -15.814 8.985   1.00 192.15 ? 14 DC B OP1   1 
ATOM 293 O OP2   . DC B 2 3  ? -15.283 -14.979 6.816   1.00 186.08 ? 14 DC B OP2   1 
ATOM 294 O "O5'" . DC B 2 3  ? -14.814 -13.816 8.940   1.00 164.26 ? 14 DC B "O5'" 1 
ATOM 295 C "C5'" . DC B 2 3  ? -13.583 -13.218 8.534   1.00 146.24 ? 14 DC B "C5'" 1 
ATOM 296 C "C4'" . DC B 2 3  ? -13.145 -12.146 9.498   1.00 147.06 ? 14 DC B "C4'" 1 
ATOM 297 O "O4'" . DC B 2 3  ? -11.698 -12.084 9.486   1.00 149.98 ? 14 DC B "O4'" 1 
ATOM 298 C "C3'" . DC B 2 3  ? -13.652 -10.754 9.131   1.00 143.58 ? 14 DC B "C3'" 1 
ATOM 299 O "O3'" . DC B 2 3  ? -14.171 -10.071 10.282  1.00 141.58 ? 14 DC B "O3'" 1 
ATOM 300 C "C2'" . DC B 2 3  ? -12.467 -10.102 8.436   1.00 142.58 ? 14 DC B "C2'" 1 
ATOM 301 C "C1'" . DC B 2 3  ? -11.235 -10.931 8.793   1.00 138.89 ? 14 DC B "C1'" 1 
ATOM 302 N N1    . DC B 2 3  ? -10.394 -11.378 7.648   1.00 116.89 ? 14 DC B N1    1 
ATOM 303 C C2    . DC B 2 3  ? -9.110  -10.834 7.479   1.00 100.14 ? 14 DC B C2    1 
ATOM 304 O O2    . DC B 2 3  ? -8.695  -10.005 8.297   1.00 103.54 ? 14 DC B O2    1 
ATOM 305 N N3    . DC B 2 3  ? -8.346  -11.249 6.441   1.00 90.79  ? 14 DC B N3    1 
ATOM 306 C C4    . DC B 2 3  ? -8.823  -12.149 5.578   1.00 97.67  ? 14 DC B C4    1 
ATOM 307 N N4    . DC B 2 3  ? -8.030  -12.540 4.572   1.00 88.16  ? 14 DC B N4    1 
ATOM 308 C C5    . DC B 2 3  ? -10.125 -12.714 5.723   1.00 108.07 ? 14 DC B C5    1 
ATOM 309 C C6    . DC B 2 3  ? -10.868 -12.305 6.763   1.00 111.59 ? 14 DC B C6    1 
ATOM 310 P P     . DC B 2 4  ? -14.963 -8.682  10.129  1.00 140.59 ? 15 DC B P     1 
ATOM 311 O OP1   . DC B 2 4  ? -16.293 -8.823  10.786  1.00 147.62 ? 15 DC B OP1   1 
ATOM 312 O OP2   . DC B 2 4  ? -14.894 -8.265  8.714   1.00 144.96 ? 15 DC B OP2   1 
ATOM 313 O "O5'" . DC B 2 4  ? -14.063 -7.661  10.955  1.00 132.80 ? 15 DC B "O5'" 1 
ATOM 314 C "C5'" . DC B 2 4  ? -12.776 -8.045  11.497  1.00 138.16 ? 15 DC B "C5'" 1 
ATOM 315 C "C4'" . DC B 2 4  ? -11.780 -6.924  11.336  1.00 133.59 ? 15 DC B "C4'" 1 
ATOM 316 O "O4'" . DC B 2 4  ? -10.809 -7.253  10.310  1.00 145.42 ? 15 DC B "O4'" 1 
ATOM 317 C "C3'" . DC B 2 4  ? -12.402 -5.610  10.892  1.00 126.25 ? 15 DC B "C3'" 1 
ATOM 318 O "O3'" . DC B 2 4  ? -11.596 -4.569  11.411  1.00 131.69 ? 15 DC B "O3'" 1 
ATOM 319 C "C2'" . DC B 2 4  ? -12.267 -5.683  9.387   1.00 133.41 ? 15 DC B "C2'" 1 
ATOM 320 C "C1'" . DC B 2 4  ? -10.868 -6.280  9.271   1.00 142.72 ? 15 DC B "C1'" 1 
ATOM 321 N N1    . DC B 2 4  ? -10.494 -6.944  7.993   1.00 143.51 ? 15 DC B N1    1 
ATOM 322 C C2    . DC B 2 4  ? -9.140  -7.001  7.618   1.00 130.23 ? 15 DC B C2    1 
ATOM 323 O O2    . DC B 2 4  ? -8.285  -6.495  8.362   1.00 135.47 ? 15 DC B O2    1 
ATOM 324 N N3    . DC B 2 4  ? -8.798  -7.622  6.464   1.00 119.16 ? 15 DC B N3    1 
ATOM 325 C C4    . DC B 2 4  ? -9.747  -8.153  5.688   1.00 122.56 ? 15 DC B C4    1 
ATOM 326 N N4    . DC B 2 4  ? -9.371  -8.758  4.562   1.00 125.66 ? 15 DC B N4    1 
ATOM 327 C C5    . DC B 2 4  ? -11.127 -8.108  6.044   1.00 130.41 ? 15 DC B C5    1 
ATOM 328 C C6    . DC B 2 4  ? -11.454 -7.492  7.186   1.00 138.97 ? 15 DC B C6    1 
ATOM 329 P P     . DA B 2 5  ? -12.184 -3.121  11.526  1.00 150.84 ? 16 DA B P     1 
ATOM 330 O OP1   . DA B 2 5  ? -12.484 -2.877  12.954  1.00 165.53 ? 16 DA B OP1   1 
ATOM 331 O OP2   . DA B 2 5  ? -13.248 -2.961  10.508  1.00 155.67 ? 16 DA B OP2   1 
ATOM 332 O "O5'" . DA B 2 5  ? -10.959 -2.213  11.087  1.00 138.68 ? 16 DA B "O5'" 1 
ATOM 333 C "C5'" . DA B 2 5  ? -9.627  -2.536  11.500  1.00 132.94 ? 16 DA B "C5'" 1 
ATOM 334 C "C4'" . DA B 2 5  ? -8.686  -2.203  10.371  1.00 133.46 ? 16 DA B "C4'" 1 
ATOM 335 O "O4'" . DA B 2 5  ? -8.832  -3.158  9.298   1.00 129.07 ? 16 DA B "O4'" 1 
ATOM 336 C "C3'" . DA B 2 5  ? -8.934  -0.833  9.740   1.00 128.32 ? 16 DA B "C3'" 1 
ATOM 337 O "O3'" . DA B 2 5  ? -7.681  -0.190  9.541   1.00 151.85 ? 16 DA B "O3'" 1 
ATOM 338 C "C2'" . DA B 2 5  ? -9.510  -1.153  8.378   1.00 116.16 ? 16 DA B "C2'" 1 
ATOM 339 C "C1'" . DA B 2 5  ? -8.792  -2.441  8.080   1.00 116.67 ? 16 DA B "C1'" 1 
ATOM 340 N N9    . DA B 2 5  ? -9.435  -3.253  7.060   1.00 119.77 ? 16 DA B N9    1 
ATOM 341 C C8    . DA B 2 5  ? -10.728 -3.708  7.060   1.00 132.91 ? 16 DA B C8    1 
ATOM 342 N N7    . DA B 2 5  ? -11.039 -4.418  6.003   1.00 133.96 ? 16 DA B N7    1 
ATOM 343 C C5    . DA B 2 5  ? -9.871  -4.430  5.254   1.00 121.80 ? 16 DA B C5    1 
ATOM 344 C C6    . DA B 2 5  ? -9.546  -5.010  4.015   1.00 125.57 ? 16 DA B C6    1 
ATOM 345 N N6    . DA B 2 5  ? -10.404 -5.725  3.281   1.00 134.49 ? 16 DA B N6    1 
ATOM 346 N N1    . DA B 2 5  ? -8.293  -4.822  3.544   1.00 115.85 ? 16 DA B N1    1 
ATOM 347 C C2    . DA B 2 5  ? -7.434  -4.099  4.279   1.00 115.66 ? 16 DA B C2    1 
ATOM 348 N N3    . DA B 2 5  ? -7.624  -3.505  5.455   1.00 109.64 ? 16 DA B N3    1 
ATOM 349 C C4    . DA B 2 5  ? -8.875  -3.715  5.895   1.00 115.21 ? 16 DA B C4    1 
ATOM 350 P P     . DC B 2 6  ? -7.627  1.382   9.437   1.00 176.62 ? 17 DC B P     1 
ATOM 351 O OP1   . DC B 2 6  ? -6.787  1.894   10.550  1.00 198.21 ? 17 DC B OP1   1 
ATOM 352 O OP2   . DC B 2 6  ? -9.020  1.870   9.262   1.00 193.17 ? 17 DC B OP2   1 
ATOM 353 O "O5'" . DC B 2 6  ? -6.795  1.632   8.107   1.00 161.86 ? 17 DC B "O5'" 1 
ATOM 354 C "C5'" . DC B 2 6  ? -7.449  1.915   6.867   1.00 139.64 ? 17 DC B "C5'" 1 
ATOM 355 C "C4'" . DC B 2 6  ? -6.808  1.080   5.789   1.00 128.84 ? 17 DC B "C4'" 1 
ATOM 356 O "O4'" . DC B 2 6  ? -7.629  -0.059  5.507   1.00 129.83 ? 17 DC B "O4'" 1 
ATOM 357 C "C3'" . DC B 2 6  ? -6.633  1.808   4.465   1.00 118.27 ? 17 DC B "C3'" 1 
ATOM 358 O "O3'" . DC B 2 6  ? -5.259  2.121   4.382   1.00 125.91 ? 17 DC B "O3'" 1 
ATOM 359 C "C2'" . DC B 2 6  ? -7.008  0.795   3.399   1.00 111.37 ? 17 DC B "C2'" 1 
ATOM 360 C "C1'" . DC B 2 6  ? -7.412  -0.450  4.168   1.00 121.19 ? 17 DC B "C1'" 1 
ATOM 361 N N1    . DC B 2 6  ? -8.642  -1.085  3.685   1.00 117.87 ? 17 DC B N1    1 
ATOM 362 C C2    . DC B 2 6  ? -8.617  -1.729  2.448   1.00 120.69 ? 17 DC B C2    1 
ATOM 363 O O2    . DC B 2 6  ? -7.566  -1.726  1.794   1.00 123.16 ? 17 DC B O2    1 
ATOM 364 N N3    . DC B 2 6  ? -9.736  -2.342  1.997   1.00 131.49 ? 17 DC B N3    1 
ATOM 365 C C4    . DC B 2 6  ? -10.855 -2.309  2.727   1.00 141.44 ? 17 DC B C4    1 
ATOM 366 N N4    . DC B 2 6  ? -11.940 -2.919  2.242   1.00 155.25 ? 17 DC B N4    1 
ATOM 367 C C5    . DC B 2 6  ? -10.907 -1.660  3.994   1.00 132.79 ? 17 DC B C5    1 
ATOM 368 C C6    . DC B 2 6  ? -9.788  -1.067  4.431   1.00 124.89 ? 17 DC B C6    1 
ATOM 369 P P     . DT B 2 7  ? -4.819  3.417   3.656   1.00 141.35 ? 18 DT B P     1 
ATOM 370 O OP1   . DT B 2 7  ? -3.384  3.643   3.958   1.00 149.97 ? 18 DT B OP1   1 
ATOM 371 O OP2   . DT B 2 7  ? -5.800  4.474   3.983   1.00 159.51 ? 18 DT B OP2   1 
ATOM 372 O "O5'" . DT B 2 7  ? -4.986  3.008   2.132   1.00 134.69 ? 18 DT B "O5'" 1 
ATOM 373 C "C5'" . DT B 2 7  ? -3.883  3.187   1.252   1.00 133.57 ? 18 DT B "C5'" 1 
ATOM 374 C "C4'" . DT B 2 7  ? -4.034  2.295   0.048   1.00 135.63 ? 18 DT B "C4'" 1 
ATOM 375 O "O4'" . DT B 2 7  ? -5.199  1.453   0.163   1.00 128.23 ? 18 DT B "O4'" 1 
ATOM 376 C "C3'" . DT B 2 7  ? -4.184  3.057   -1.269  1.00 143.27 ? 18 DT B "C3'" 1 
ATOM 377 O "O3'" . DT B 2 7  ? -3.143  2.594   -2.120  1.00 161.53 ? 18 DT B "O3'" 1 
ATOM 378 C "C2'" . DT B 2 7  ? -5.552  2.657   -1.785  1.00 136.27 ? 18 DT B "C2'" 1 
ATOM 379 C "C1'" . DT B 2 7  ? -5.748  1.314   -1.131  1.00 132.92 ? 18 DT B "C1'" 1 
ATOM 380 N N1    . DT B 2 7  ? -7.152  0.915   -0.991  1.00 135.04 ? 18 DT B N1    1 
ATOM 381 C C2    . DT B 2 7  ? -7.667  -0.008  -1.878  1.00 145.13 ? 18 DT B C2    1 
ATOM 382 O O2    . DT B 2 7  ? -7.017  -0.504  -2.784  1.00 153.93 ? 18 DT B O2    1 
ATOM 383 N N3    . DT B 2 7  ? -8.988  -0.323  -1.671  1.00 145.76 ? 18 DT B N3    1 
ATOM 384 C C4    . DT B 2 7  ? -9.821  0.182   -0.689  1.00 139.39 ? 18 DT B C4    1 
ATOM 385 O O4    . DT B 2 7  ? -10.989 -0.192  -0.630  1.00 135.70 ? 18 DT B O4    1 
ATOM 386 C C5    . DT B 2 7  ? -9.214  1.147   0.203   1.00 134.47 ? 18 DT B C5    1 
ATOM 387 C C7    . DT B 2 7  ? -10.041 1.749   1.294   1.00 138.54 ? 18 DT B C7    1 
ATOM 388 C C6    . DT B 2 7  ? -7.929  1.465   0.005   1.00 131.84 ? 18 DT B C6    1 
ATOM 389 P P     . DC B 2 8  ? -2.468  3.576   -3.163  1.00 178.44 ? 19 DC B P     1 
ATOM 390 O OP1   . DC B 2 8  ? -1.064  3.139   -3.376  1.00 184.95 ? 19 DC B OP1   1 
ATOM 391 O OP2   . DC B 2 8  ? -2.758  4.969   -2.748  1.00 177.61 ? 19 DC B OP2   1 
ATOM 392 O "O5'" . DC B 2 8  ? -3.268  3.254   -4.494  1.00 160.09 ? 19 DC B "O5'" 1 
ATOM 393 C "C5'" . DC B 2 8  ? -3.472  1.896   -4.915  1.00 158.29 ? 19 DC B "C5'" 1 
ATOM 394 C "C4'" . DC B 2 8  ? -4.520  1.861   -6.000  1.00 143.23 ? 19 DC B "C4'" 1 
ATOM 395 O "O4'" . DC B 2 8  ? -5.819  1.665   -5.394  1.00 132.50 ? 19 DC B "O4'" 1 
ATOM 396 C "C3'" . DC B 2 8  ? -4.619  3.169   -6.777  1.00 133.19 ? 19 DC B "C3'" 1 
ATOM 397 O "O3'" . DC B 2 8  ? -4.940  2.921   -8.140  1.00 137.44 ? 19 DC B "O3'" 1 
ATOM 398 C "C2'" . DC B 2 8  ? -5.717  3.899   -6.041  1.00 126.22 ? 19 DC B "C2'" 1 
ATOM 399 C "C1'" . DC B 2 8  ? -6.652  2.744   -5.753  1.00 122.32 ? 19 DC B "C1'" 1 
ATOM 400 N N1    . DC B 2 8  ? -7.627  2.949   -4.677  1.00 115.53 ? 19 DC B N1    1 
ATOM 401 C C2    . DC B 2 8  ? -8.600  1.967   -4.463  1.00 122.96 ? 19 DC B C2    1 
ATOM 402 O O2    . DC B 2 8  ? -8.578  0.936   -5.158  1.00 132.80 ? 19 DC B O2    1 
ATOM 403 N N3    . DC B 2 8  ? -9.543  2.166   -3.511  1.00 119.87 ? 19 DC B N3    1 
ATOM 404 C C4    . DC B 2 8  ? -9.534  3.291   -2.789  1.00 114.37 ? 19 DC B C4    1 
ATOM 405 N N4    . DC B 2 8  ? -10.468 3.442   -1.850  1.00 109.76 ? 19 DC B N4    1 
ATOM 406 C C5    . DC B 2 8  ? -8.555  4.305   -2.988  1.00 115.04 ? 19 DC B C5    1 
ATOM 407 C C6    . DC B 2 8  ? -7.637  4.102   -3.940  1.00 110.07 ? 19 DC B C6    1 
ATOM 408 P P     . DA B 2 9  ? -3.907  3.349   -9.278  1.00 160.86 ? 20 DA B P     1 
ATOM 409 O OP1   . DA B 2 9  ? -2.890  2.279   -9.394  1.00 165.03 ? 20 DA B OP1   1 
ATOM 410 O OP2   . DA B 2 9  ? -3.468  4.745   -9.014  1.00 154.38 ? 20 DA B OP2   1 
ATOM 411 O "O5'" . DA B 2 9  ? -4.820  3.398   -10.582 1.00 161.74 ? 20 DA B "O5'" 1 
ATOM 412 C "C5'" . DA B 2 9  ? -4.906  2.297   -11.510 1.00 167.21 ? 20 DA B "C5'" 1 
ATOM 413 C "C4'" . DA B 2 9  ? -5.959  1.297   -11.086 1.00 169.58 ? 20 DA B "C4'" 1 
ATOM 414 O "O4'" . DA B 2 9  ? -6.515  1.646   -9.796  1.00 160.88 ? 20 DA B "O4'" 1 
ATOM 415 C "C3'" . DA B 2 9  ? -7.155  1.173   -12.027 1.00 176.90 ? 20 DA B "C3'" 1 
ATOM 416 O "O3'" . DA B 2 9  ? -7.662  -0.164  -12.048 1.00 194.83 ? 20 DA B "O3'" 1 
ATOM 417 C "C2'" . DA B 2 9  ? -8.177  2.103   -11.405 1.00 174.57 ? 20 DA B "C2'" 1 
ATOM 418 C "C1'" . DA B 2 9  ? -7.892  1.970   -9.921  1.00 166.78 ? 20 DA B "C1'" 1 
ATOM 419 N N9    . DA B 2 9  ? -8.137  3.184   -9.146  1.00 167.00 ? 20 DA B N9    1 
ATOM 420 C C8    . DA B 2 9  ? -7.359  4.311   -9.045  1.00 166.32 ? 20 DA B C8    1 
ATOM 421 N N7    . DA B 2 9  ? -7.856  5.228   -8.253  1.00 168.12 ? 20 DA B N7    1 
ATOM 422 C C5    . DA B 2 9  ? -9.038  4.664   -7.793  1.00 165.99 ? 20 DA B C5    1 
ATOM 423 C C6    . DA B 2 9  ? -10.034 5.132   -6.916  1.00 162.69 ? 20 DA B C6    1 
ATOM 424 N N6    . DA B 2 9  ? -9.994  6.326   -6.317  1.00 159.71 ? 20 DA B N6    1 
ATOM 425 N N1    . DA B 2 9  ? -11.094 4.330   -6.685  1.00 153.11 ? 20 DA B N1    1 
ATOM 426 C C2    . DA B 2 9  ? -11.143 3.138   -7.297  1.00 152.42 ? 20 DA B C2    1 
ATOM 427 N N3    . DA B 2 9  ? -10.269 2.586   -8.135  1.00 162.52 ? 20 DA B N3    1 
ATOM 428 C C4    . DA B 2 9  ? -9.229  3.410   -8.346  1.00 165.21 ? 20 DA B C4    1 
ATOM 429 P P     . DT C 3 1  ? 4.249   -13.656 -11.106 1.00 244.60 ? 0  DT C P     1 
ATOM 430 O OP1   . DT C 3 1  ? 3.836   -14.786 -10.218 1.00 252.23 ? 0  DT C OP1   1 
ATOM 431 O OP2   . DT C 3 1  ? 4.532   -13.931 -12.532 1.00 264.77 ? 0  DT C OP2   1 
ATOM 432 O "O5'" . DT C 3 1  ? 3.290   -12.377 -11.099 1.00 176.84 ? 0  DT C "O5'" 1 
ATOM 433 C "C5'" . DT C 3 1  ? 3.071   -11.601 -9.914  1.00 146.25 ? 0  DT C "C5'" 1 
ATOM 434 C "C4'" . DT C 3 1  ? 2.581   -12.491 -8.794  1.00 146.21 ? 0  DT C "C4'" 1 
ATOM 435 O "O4'" . DT C 3 1  ? 3.697   -13.171 -8.171  1.00 153.23 ? 0  DT C "O4'" 1 
ATOM 436 C "C3'" . DT C 3 1  ? 1.886   -11.743 -7.666  1.00 142.75 ? 0  DT C "C3'" 1 
ATOM 437 O "O3'" . DT C 3 1  ? 0.915   -12.578 -7.039  1.00 141.05 ? 0  DT C "O3'" 1 
ATOM 438 C "C2'" . DT C 3 1  ? 3.022   -11.464 -6.709  1.00 139.38 ? 0  DT C "C2'" 1 
ATOM 439 C "C1'" . DT C 3 1  ? 3.861   -12.728 -6.832  1.00 141.94 ? 0  DT C "C1'" 1 
ATOM 440 N N1    . DT C 3 1  ? 5.309   -12.534 -6.597  1.00 131.40 ? 0  DT C N1    1 
ATOM 441 C C2    . DT C 3 1  ? 5.877   -13.002 -5.431  1.00 133.24 ? 0  DT C C2    1 
ATOM 442 O O2    . DT C 3 1  ? 5.243   -13.588 -4.568  1.00 159.95 ? 0  DT C O2    1 
ATOM 443 N N3    . DT C 3 1  ? 7.225   -12.757 -5.312  1.00 118.16 ? 0  DT C N3    1 
ATOM 444 C C4    . DT C 3 1  ? 8.038   -12.108 -6.223  1.00 108.18 ? 0  DT C C4    1 
ATOM 445 O O4    . DT C 3 1  ? 9.230   -11.958 -5.979  1.00 101.30 ? 0  DT C O4    1 
ATOM 446 C C5    . DT C 3 1  ? 7.378   -11.654 -7.425  1.00 107.20 ? 0  DT C C5    1 
ATOM 447 C C7    . DT C 3 1  ? 8.176   -10.927 -8.460  1.00 106.65 ? 0  DT C C7    1 
ATOM 448 C C6    . DT C 3 1  ? 6.066   -11.883 -7.549  1.00 116.63 ? 0  DT C C6    1 
ATOM 449 P P     . DC C 3 2  ? -0.205  -11.924 -6.129  1.00 138.96 ? 1  DC C P     1 
ATOM 450 O OP1   . DC C 3 2  ? -1.494  -12.591 -6.448  1.00 143.45 ? 1  DC C OP1   1 
ATOM 451 O OP2   . DC C 3 2  ? -0.089  -10.453 -6.255  1.00 141.05 ? 1  DC C OP2   1 
ATOM 452 O "O5'" . DC C 3 2  ? 0.244   -12.345 -4.663  1.00 120.63 ? 1  DC C "O5'" 1 
ATOM 453 C "C5'" . DC C 3 2  ? 0.426   -11.368 -3.623  1.00 108.57 ? 1  DC C "C5'" 1 
ATOM 454 C "C4'" . DC C 3 2  ? 1.615   -11.755 -2.781  1.00 99.36  ? 1  DC C "C4'" 1 
ATOM 455 O "O4'" . DC C 3 2  ? 2.817   -11.391 -3.490  1.00 91.90  ? 1  DC C "O4'" 1 
ATOM 456 C "C3'" . DC C 3 2  ? 1.712   -11.069 -1.414  1.00 97.77  ? 1  DC C "C3'" 1 
ATOM 457 O "O3'" . DC C 3 2  ? 1.637   -12.039 -0.357  1.00 108.38 ? 1  DC C "O3'" 1 
ATOM 458 C "C2'" . DC C 3 2  ? 3.045   -10.331 -1.472  1.00 93.49  ? 1  DC C "C2'" 1 
ATOM 459 C "C1'" . DC C 3 2  ? 3.792   -11.098 -2.521  1.00 86.10  ? 1  DC C "C1'" 1 
ATOM 460 N N1    . DC C 3 2  ? 4.899   -10.395 -3.181  1.00 80.15  ? 1  DC C N1    1 
ATOM 461 C C2    . DC C 3 2  ? 6.148   -10.336 -2.550  1.00 80.95  ? 1  DC C C2    1 
ATOM 462 O O2    . DC C 3 2  ? 6.277   -10.835 -1.421  1.00 85.59  ? 1  DC C O2    1 
ATOM 463 N N3    . DC C 3 2  ? 7.180   -9.721  -3.180  1.00 82.13  ? 1  DC C N3    1 
ATOM 464 C C4    . DC C 3 2  ? 7.001   -9.203  -4.400  1.00 86.39  ? 1  DC C C4    1 
ATOM 465 N N4    . DC C 3 2  ? 8.039   -8.600  -4.991  1.00 86.21  ? 1  DC C N4    1 
ATOM 466 C C5    . DC C 3 2  ? 5.745   -9.267  -5.068  1.00 87.18  ? 1  DC C C5    1 
ATOM 467 C C6    . DC C 3 2  ? 4.732   -9.865  -4.430  1.00 82.35  ? 1  DC C C6    1 
ATOM 468 P P     . DA C 3 3  ? 0.458   -11.990 0.748   1.00 117.04 ? 2  DA C P     1 
ATOM 469 O OP1   . DA C 3 3  ? 0.456   -13.285 1.478   1.00 118.69 ? 2  DA C OP1   1 
ATOM 470 O OP2   . DA C 3 3  ? -0.790  -11.600 0.050   1.00 111.03 ? 2  DA C OP2   1 
ATOM 471 O "O5'" . DA C 3 3  ? 0.971   -10.891 1.796   1.00 105.51 ? 2  DA C "O5'" 1 
ATOM 472 C "C5'" . DA C 3 3  ? 2.252   -10.244 1.635   1.00 99.94  ? 2  DA C "C5'" 1 
ATOM 473 C "C4'" . DA C 3 3  ? 2.773   -9.599  2.899   1.00 105.08 ? 2  DA C "C4'" 1 
ATOM 474 O "O4'" . DA C 3 3  ? 4.167   -9.293  2.713   1.00 106.22 ? 2  DA C "O4'" 1 
ATOM 475 C "C3'" . DA C 3 3  ? 2.113   -8.288  3.339   1.00 116.36 ? 2  DA C "C3'" 1 
ATOM 476 O "O3'" . DA C 3 3  ? 1.583   -8.414  4.661   1.00 138.93 ? 2  DA C "O3'" 1 
ATOM 477 C "C2'" . DA C 3 3  ? 3.209   -7.230  3.264   1.00 108.31 ? 2  DA C "C2'" 1 
ATOM 478 C "C1'" . DA C 3 3  ? 4.347   -7.908  2.538   1.00 102.63 ? 2  DA C "C1'" 1 
ATOM 479 N N9    . DA C 3 3  ? 4.356   -7.636  1.106   1.00 92.11  ? 2  DA C N9    1 
ATOM 480 C C8    . DA C 3 3  ? 3.265   -7.516  0.285   1.00 90.44  ? 2  DA C C8    1 
ATOM 481 N N7    . DA C 3 3  ? 3.567   -7.244  -0.958  1.00 90.36  ? 2  DA C N7    1 
ATOM 482 C C5    . DA C 3 3  ? 4.951   -7.183  -0.958  1.00 79.68  ? 2  DA C C5    1 
ATOM 483 C C6    . DA C 3 3  ? 5.880   -6.909  -1.970  1.00 79.21  ? 2  DA C C6    1 
ATOM 484 N N6    . DA C 3 3  ? 5.537   -6.667  -3.238  1.00 72.64  ? 2  DA C N6    1 
ATOM 485 N N1    . DA C 3 3  ? 7.188   -6.894  -1.634  1.00 79.51  ? 2  DA C N1    1 
ATOM 486 C C2    . DA C 3 3  ? 7.525   -7.144  -0.364  1.00 79.67  ? 2  DA C C2    1 
ATOM 487 N N3    . DA C 3 3  ? 6.741   -7.403  0.678   1.00 85.77  ? 2  DA C N3    1 
ATOM 488 C C4    . DA C 3 3  ? 5.450   -7.412  0.309   1.00 81.62  ? 2  DA C C4    1 
ATOM 489 P P     . DG C 3 4  ? 2.537   -8.668  5.931   1.00 150.18 ? 3  DG C P     1 
ATOM 490 O OP1   . DG C 3 4  ? 3.944   -8.775  5.477   1.00 144.82 ? 3  DG C OP1   1 
ATOM 491 O OP2   . DG C 3 4  ? 1.924   -9.746  6.754   1.00 161.31 ? 3  DG C OP2   1 
ATOM 492 O "O5'" . DG C 3 4  ? 2.469   -7.299  6.739   1.00 159.03 ? 3  DG C "O5'" 1 
ATOM 493 C "C5'" . DG C 3 4  ? 1.641   -6.203  6.313   1.00 152.57 ? 3  DG C "C5'" 1 
ATOM 494 C "C4'" . DG C 3 4  ? 0.302   -6.176  7.021   1.00 144.29 ? 3  DG C "C4'" 1 
ATOM 495 O "O4'" . DG C 3 4  ? -0.752  -6.623  6.149   1.00 124.65 ? 3  DG C "O4'" 1 
ATOM 496 C "C3'" . DG C 3 4  ? 0.169   -7.046  8.269   1.00 140.65 ? 3  DG C "C3'" 1 
ATOM 497 O "O3'" . DG C 3 4  ? 0.557   -6.329  9.443   1.00 153.15 ? 3  DG C "O3'" 1 
ATOM 498 C "C2'" . DG C 3 4  ? -1.311  -7.378  8.311   1.00 124.47 ? 3  DG C "C2'" 1 
ATOM 499 C "C1'" . DG C 3 4  ? -1.853  -7.013  6.942   1.00 110.08 ? 3  DG C "C1'" 1 
ATOM 500 N N9    . DG C 3 4  ? -2.518  -8.113  6.261   1.00 99.10  ? 3  DG C N9    1 
ATOM 501 C C8    . DG C 3 4  ? -2.086  -8.791  5.149   1.00 94.84  ? 3  DG C C8    1 
ATOM 502 N N7    . DG C 3 4  ? -2.920  -9.716  4.757   1.00 93.45  ? 3  DG C N7    1 
ATOM 503 C C5    . DG C 3 4  ? -3.964  -9.646  5.668   1.00 98.16  ? 3  DG C C5    1 
ATOM 504 C C6    . DG C 3 4  ? -5.174  -10.398 5.750   1.00 96.92  ? 3  DG C C6    1 
ATOM 505 O O6    . DG C 3 4  ? -5.573  -11.310 5.011   1.00 83.87  ? 3  DG C O6    1 
ATOM 506 N N1    . DG C 3 4  ? -5.958  -9.987  6.823   1.00 100.22 ? 3  DG C N1    1 
ATOM 507 C C2    . DG C 3 4  ? -5.623  -8.992  7.710   1.00 105.52 ? 3  DG C C2    1 
ATOM 508 N N2    . DG C 3 4  ? -6.511  -8.743  8.682   1.00 114.92 ? 3  DG C N2    1 
ATOM 509 N N3    . DG C 3 4  ? -4.506  -8.281  7.641   1.00 105.02 ? 3  DG C N3    1 
ATOM 510 C C4    . DG C 3 4  ? -3.726  -8.665  6.607   1.00 100.76 ? 3  DG C C4    1 
ATOM 511 P P     . DC C 3 5  ? 1.256   -7.094  10.650  1.00 151.91 ? 4  DC C P     1 
ATOM 512 O OP1   . DC C 3 5  ? 0.934   -6.364  11.894  1.00 162.87 ? 4  DC C OP1   1 
ATOM 513 O OP2   . DC C 3 5  ? 2.680   -7.325  10.295  1.00 173.40 ? 4  DC C OP2   1 
ATOM 514 O "O5'" . DC C 3 5  ? 0.504   -8.493  10.655  1.00 140.91 ? 4  DC C "O5'" 1 
ATOM 515 C "C5'" . DC C 3 5  ? 0.098   -9.090  11.887  1.00 146.38 ? 4  DC C "C5'" 1 
ATOM 516 C "C4'" . DC C 3 5  ? -1.196  -8.478  12.373  1.00 143.74 ? 4  DC C "C4'" 1 
ATOM 517 O "O4'" . DC C 3 5  ? -2.084  -8.221  11.264  1.00 142.54 ? 4  DC C "O4'" 1 
ATOM 518 C "C3'" . DC C 3 5  ? -1.963  -9.378  13.338  1.00 149.87 ? 4  DC C "C3'" 1 
ATOM 519 O "O3'" . DC C 3 5  ? -1.863  -8.897  14.673  1.00 149.99 ? 4  DC C "O3'" 1 
ATOM 520 C "C2'" . DC C 3 5  ? -3.405  -9.291  12.885  1.00 148.56 ? 4  DC C "C2'" 1 
ATOM 521 C "C1'" . DC C 3 5  ? -3.302  -8.938  11.420  1.00 152.28 ? 4  DC C "C1'" 1 
ATOM 522 N N1    . DC C 3 5  ? -3.294  -10.074 10.474  1.00 160.30 ? 4  DC C N1    1 
ATOM 523 C C2    . DC C 3 5  ? -4.454  -10.851 10.323  1.00 158.71 ? 4  DC C C2    1 
ATOM 524 O O2    . DC C 3 5  ? -5.449  -10.595 11.020  1.00 162.06 ? 4  DC C O2    1 
ATOM 525 N N3    . DC C 3 5  ? -4.455  -11.863 9.424   1.00 152.69 ? 4  DC C N3    1 
ATOM 526 C C4    . DC C 3 5  ? -3.367  -12.104 8.689   1.00 157.04 ? 4  DC C C4    1 
ATOM 527 N N4    . DC C 3 5  ? -3.406  -13.114 7.818   1.00 169.14 ? 4  DC C N4    1 
ATOM 528 C C5    . DC C 3 5  ? -2.181  -11.326 8.817   1.00 152.70 ? 4  DC C C5    1 
ATOM 529 C C6    . DC C 3 5  ? -2.189  -10.331 9.710   1.00 157.92 ? 4  DC C C6    1 
ATOM 530 P P     . DG C 3 6  ? -1.219  -9.805  15.806  1.00 167.23 ? 5  DG C P     1 
ATOM 531 O OP1   . DG C 3 6  ? -0.095  -9.042  16.415  1.00 189.14 ? 5  DG C OP1   1 
ATOM 532 O OP2   . DG C 3 6  ? -0.951  -11.156 15.255  1.00 157.67 ? 5  DG C OP2   1 
ATOM 533 O "O5'" . DG C 3 6  ? -2.394  -9.955  16.873  1.00 160.39 ? 5  DG C "O5'" 1 
ATOM 534 C "C5'" . DG C 3 6  ? -3.782  -9.671  16.591  1.00 141.06 ? 5  DG C "C5'" 1 
ATOM 535 C "C4'" . DG C 3 6  ? -4.578  -10.936 16.355  1.00 136.93 ? 5  DG C "C4'" 1 
ATOM 536 O "O4'" . DG C 3 6  ? -4.476  -11.268 14.963  1.00 126.32 ? 5  DG C "O4'" 1 
ATOM 537 C "C3'" . DG C 3 6  ? -4.163  -12.205 17.116  1.00 142.01 ? 5  DG C "C3'" 1 
ATOM 538 O "O3'" . DG C 3 6  ? -5.084  -12.562 18.164  1.00 152.16 ? 5  DG C "O3'" 1 
ATOM 539 C "C2'" . DG C 3 6  ? -4.249  -13.317 16.080  1.00 134.27 ? 5  DG C "C2'" 1 
ATOM 540 C "C1'" . DG C 3 6  ? -4.741  -12.640 14.812  1.00 130.64 ? 5  DG C "C1'" 1 
ATOM 541 N N9    . DG C 3 6  ? -4.052  -13.091 13.615  1.00 132.34 ? 5  DG C N9    1 
ATOM 542 C C8    . DG C 3 6  ? -2.779  -12.765 13.217  1.00 136.94 ? 5  DG C C8    1 
ATOM 543 N N7    . DG C 3 6  ? -2.430  -13.337 12.097  1.00 134.08 ? 5  DG C N7    1 
ATOM 544 C C5    . DG C 3 6  ? -3.536  -14.096 11.743  1.00 124.91 ? 5  DG C C5    1 
ATOM 545 C C6    . DG C 3 6  ? -3.750  -14.937 10.624  1.00 117.48 ? 5  DG C C6    1 
ATOM 546 O O6    . DG C 3 6  ? -2.976  -15.191 9.695   1.00 106.67 ? 5  DG C O6    1 
ATOM 547 N N1    . DG C 3 6  ? -5.013  -15.523 10.658  1.00 109.34 ? 5  DG C N1    1 
ATOM 548 C C2    . DG C 3 6  ? -5.953  -15.319 11.641  1.00 112.88 ? 5  DG C C2    1 
ATOM 549 N N2    . DG C 3 6  ? -7.120  -15.970 11.496  1.00 109.07 ? 5  DG C N2    1 
ATOM 550 N N3    . DG C 3 6  ? -5.763  -14.537 12.690  1.00 116.70 ? 5  DG C N3    1 
ATOM 551 C C4    . DG C 3 6  ? -4.544  -13.956 12.672  1.00 124.21 ? 5  DG C C4    1 
ATOM 552 O "O5'" . DT D 4 1  ? -14.392 15.772  -2.743  1.00 159.11 ? 2  DT D "O5'" 1 
ATOM 553 C "C5'" . DT D 4 1  ? -15.185 14.810  -2.022  1.00 142.64 ? 2  DT D "C5'" 1 
ATOM 554 C "C4'" . DT D 4 1  ? -16.208 14.188  -2.942  1.00 133.71 ? 2  DT D "C4'" 1 
ATOM 555 O "O4'" . DT D 4 1  ? -15.675 14.140  -4.282  1.00 134.83 ? 2  DT D "O4'" 1 
ATOM 556 C "C3'" . DT D 4 1  ? -16.609 12.757  -2.583  1.00 124.94 ? 2  DT D "C3'" 1 
ATOM 557 O "O3'" . DT D 4 1  ? -18.001 12.710  -2.288  1.00 143.68 ? 2  DT D "O3'" 1 
ATOM 558 C "C2'" . DT D 4 1  ? -16.302 11.945  -3.826  1.00 118.06 ? 2  DT D "C2'" 1 
ATOM 559 C "C1'" . DT D 4 1  ? -16.082 12.953  -4.921  1.00 130.04 ? 2  DT D "C1'" 1 
ATOM 560 N N1    . DT D 4 1  ? -15.020 12.556  -5.858  1.00 142.82 ? 2  DT D N1    1 
ATOM 561 C C2    . DT D 4 1  ? -15.330 11.608  -6.806  1.00 151.54 ? 2  DT D C2    1 
ATOM 562 O O2    . DT D 4 1  ? -16.435 11.096  -6.902  1.00 152.33 ? 2  DT D O2    1 
ATOM 563 N N3    . DT D 4 1  ? -14.296 11.279  -7.646  1.00 160.27 ? 2  DT D N3    1 
ATOM 564 C C4    . DT D 4 1  ? -13.009 11.786  -7.625  1.00 166.86 ? 2  DT D C4    1 
ATOM 565 O O4    . DT D 4 1  ? -12.185 11.390  -8.444  1.00 190.05 ? 2  DT D O4    1 
ATOM 566 C C5    . DT D 4 1  ? -12.750 12.771  -6.598  1.00 160.01 ? 2  DT D C5    1 
ATOM 567 C C7    . DT D 4 1  ? -11.383 13.373  -6.495  1.00 162.10 ? 2  DT D C7    1 
ATOM 568 C C6    . DT D 4 1  ? -13.753 13.098  -5.774  1.00 149.90 ? 2  DT D C6    1 
ATOM 569 P P     . DC D 4 2  ? -18.512 12.682  -0.771  1.00 176.86 ? 3  DC D P     1 
ATOM 570 O OP1   . DC D 4 2  ? -19.503 13.777  -0.584  1.00 189.49 ? 3  DC D OP1   1 
ATOM 571 O OP2   . DC D 4 2  ? -17.333 12.616  0.126   1.00 176.81 ? 3  DC D OP2   1 
ATOM 572 O "O5'" . DC D 4 2  ? -19.280 11.286  -0.705  1.00 185.26 ? 3  DC D "O5'" 1 
ATOM 573 C "C5'" . DC D 4 2  ? -18.587 10.065  -1.028  1.00 172.92 ? 3  DC D "C5'" 1 
ATOM 574 C "C4'" . DC D 4 2  ? -19.304 9.277   -2.105  1.00 164.49 ? 3  DC D "C4'" 1 
ATOM 575 O "O4'" . DC D 4 2  ? -18.619 9.370   -3.382  1.00 150.77 ? 3  DC D "O4'" 1 
ATOM 576 C "C3'" . DC D 4 2  ? -19.436 7.785   -1.801  1.00 156.33 ? 3  DC D "C3'" 1 
ATOM 577 O "O3'" . DC D 4 2  ? -20.760 7.333   -2.062  1.00 186.03 ? 3  DC D "O3'" 1 
ATOM 578 C "C2'" . DC D 4 2  ? -18.438 7.117   -2.725  1.00 144.29 ? 3  DC D "C2'" 1 
ATOM 579 C "C1'" . DC D 4 2  ? -18.282 8.081   -3.878  1.00 147.59 ? 3  DC D "C1'" 1 
ATOM 580 N N1    . DC D 4 2  ? -16.900 8.131   -4.378  1.00 155.29 ? 3  DC D N1    1 
ATOM 581 C C2    . DC D 4 2  ? -15.932 8.808   -3.628  1.00 163.95 ? 3  DC D C2    1 
ATOM 582 O O2    . DC D 4 2  ? -16.271 9.374   -2.583  1.00 178.54 ? 3  DC D O2    1 
ATOM 583 N N3    . DC D 4 2  ? -14.655 8.852   -4.076  1.00 154.70 ? 3  DC D N3    1 
ATOM 584 C C4    . DC D 4 2  ? -14.325 8.226   -5.205  1.00 141.37 ? 3  DC D C4    1 
ATOM 585 N N4    . DC D 4 2  ? -13.050 8.290   -5.600  1.00 127.82 ? 3  DC D N4    1 
ATOM 586 C C5    . DC D 4 2  ? -15.284 7.505   -5.975  1.00 146.19 ? 3  DC D C5    1 
ATOM 587 C C6    . DC D 4 2  ? -16.546 7.474   -5.523  1.00 151.06 ? 3  DC D C6    1 
ATOM 588 P P     . DT D 4 3  ? -21.270 5.981   -1.405  1.00 222.63 ? 4  DT D P     1 
ATOM 589 O OP1   . DT D 4 3  ? -22.720 5.854   -1.692  1.00 263.48 ? 4  DT D OP1   1 
ATOM 590 O OP2   . DT D 4 3  ? -20.807 5.950   0.008   1.00 218.54 ? 4  DT D OP2   1 
ATOM 591 O "O5'" . DT D 4 3  ? -20.513 4.880   -2.269  1.00 212.96 ? 4  DT D "O5'" 1 
ATOM 592 C "C5'" . DT D 4 3  ? -20.780 3.479   -2.097  1.00 210.45 ? 4  DT D "C5'" 1 
ATOM 593 C "C4'" . DT D 4 3  ? -20.352 2.706   -3.323  1.00 202.15 ? 4  DT D "C4'" 1 
ATOM 594 O "O4'" . DT D 4 3  ? -19.293 3.401   -4.027  1.00 187.18 ? 4  DT D "O4'" 1 
ATOM 595 C "C3'" . DT D 4 3  ? -19.838 1.296   -3.030  1.00 194.79 ? 4  DT D "C3'" 1 
ATOM 596 O "O3'" . DT D 4 3  ? -20.495 0.352   -3.878  1.00 211.73 ? 4  DT D "O3'" 1 
ATOM 597 C "C2'" . DT D 4 3  ? -18.338 1.390   -3.253  1.00 185.36 ? 4  DT D "C2'" 1 
ATOM 598 C "C1'" . DT D 4 3  ? -18.158 2.568   -4.193  1.00 181.36 ? 4  DT D "C1'" 1 
ATOM 599 N N1    . DT D 4 3  ? -16.963 3.371   -3.888  1.00 175.87 ? 4  DT D N1    1 
ATOM 600 C C2    . DT D 4 3  ? -16.947 4.100   -2.721  1.00 185.15 ? 4  DT D C2    1 
ATOM 601 O O2    . DT D 4 3  ? -17.881 4.127   -1.937  1.00 210.56 ? 4  DT D O2    1 
ATOM 602 N N3    . DT D 4 3  ? -15.788 4.806   -2.503  1.00 176.24 ? 4  DT D N3    1 
ATOM 603 C C4    . DT D 4 3  ? -14.670 4.844   -3.313  1.00 152.75 ? 4  DT D C4    1 
ATOM 604 O O4    . DT D 4 3  ? -13.697 5.521   -2.990  1.00 123.24 ? 4  DT D O4    1 
ATOM 605 C C5    . DT D 4 3  ? -14.755 4.052   -4.514  1.00 153.54 ? 4  DT D C5    1 
ATOM 606 C C7    . DT D 4 3  ? -13.588 4.033   -5.445  1.00 149.71 ? 4  DT D C7    1 
ATOM 607 C C6    . DT D 4 3  ? -15.879 3.360   -4.738  1.00 165.38 ? 4  DT D C6    1 
ATOM 608 P P     . DG D 4 4  ? -20.268 -1.204  -3.657  1.00 212.41 ? 5  DG D P     1 
ATOM 609 O OP1   . DG D 4 4  ? -21.360 -1.935  -4.351  1.00 221.49 ? 5  DG D OP1   1 
ATOM 610 O OP2   . DG D 4 4  ? -20.045 -1.428  -2.208  1.00 210.73 ? 5  DG D OP2   1 
ATOM 611 O "O5'" . DG D 4 4  ? -18.896 -1.456  -4.421  1.00 201.63 ? 5  DG D "O5'" 1 
ATOM 612 C "C5'" . DG D 4 4  ? -18.724 -1.165  -5.824  1.00 202.26 ? 5  DG D "C5'" 1 
ATOM 613 C "C4'" . DG D 4 4  ? -17.837 -2.216  -6.448  1.00 190.16 ? 5  DG D "C4'" 1 
ATOM 614 O "O4'" . DG D 4 4  ? -16.470 -1.756  -6.423  1.00 176.09 ? 5  DG D "O4'" 1 
ATOM 615 C "C3'" . DG D 4 4  ? -17.863 -3.560  -5.716  1.00 182.43 ? 5  DG D "C3'" 1 
ATOM 616 O "O3'" . DG D 4 4  ? -18.121 -4.679  -6.560  1.00 201.39 ? 5  DG D "O3'" 1 
ATOM 617 C "C2'" . DG D 4 4  ? -16.473 -3.727  -5.138  1.00 173.29 ? 5  DG D "C2'" 1 
ATOM 618 C "C1'" . DG D 4 4  ? -15.742 -2.440  -5.424  1.00 172.40 ? 5  DG D "C1'" 1 
ATOM 619 N N9    . DG D 4 4  ? -15.622 -1.566  -4.268  1.00 170.26 ? 5  DG D N9    1 
ATOM 620 C C8    . DG D 4 4  ? -16.422 -1.528  -3.151  1.00 172.37 ? 5  DG D C8    1 
ATOM 621 N N7    . DG D 4 4  ? -16.033 -0.644  -2.274  1.00 173.43 ? 5  DG D N7    1 
ATOM 622 C C5    . DG D 4 4  ? -14.898 -0.080  -2.837  1.00 160.99 ? 5  DG D C5    1 
ATOM 623 C C6    . DG D 4 4  ? -14.035 0.931   -2.346  1.00 148.08 ? 5  DG D C6    1 
ATOM 624 O O6    . DG D 4 4  ? -14.105 1.553   -1.280  1.00 125.79 ? 5  DG D O6    1 
ATOM 625 N N1    . DG D 4 4  ? -13.001 1.198   -3.238  1.00 145.22 ? 5  DG D N1    1 
ATOM 626 C C2    . DG D 4 4  ? -12.817 0.568   -4.445  1.00 150.19 ? 5  DG D C2    1 
ATOM 627 N N2    . DG D 4 4  ? -11.757 0.958   -5.163  1.00 157.21 ? 5  DG D N2    1 
ATOM 628 N N3    . DG D 4 4  ? -13.615 -0.374  -4.914  1.00 155.46 ? 5  DG D N3    1 
ATOM 629 C C4    . DG D 4 4  ? -14.627 -0.647  -4.064  1.00 163.04 ? 5  DG D C4    1 
ATOM 630 P P     . DA D 4 5  ? -18.033 -6.156  -5.951  1.00 216.90 ? 6  DA D P     1 
ATOM 631 O OP1   . DA D 4 5  ? -19.040 -6.999  -6.647  1.00 246.62 ? 6  DA D OP1   1 
ATOM 632 O OP2   . DA D 4 5  ? -18.070 -6.048  -4.467  1.00 205.34 ? 6  DA D OP2   1 
ATOM 633 O "O5'" . DA D 4 5  ? -16.571 -6.633  -6.373  1.00 204.10 ? 6  DA D "O5'" 1 
ATOM 634 C "C5'" . DA D 4 5  ? -16.115 -6.536  -7.739  1.00 190.44 ? 6  DA D "C5'" 1 
ATOM 635 C "C4'" . DA D 4 5  ? -14.630 -6.264  -7.789  1.00 177.05 ? 6  DA D "C4'" 1 
ATOM 636 O "O4'" . DA D 4 5  ? -14.281 -5.215  -6.856  1.00 176.61 ? 6  DA D "O4'" 1 
ATOM 637 C "C3'" . DA D 4 5  ? -13.742 -7.450  -7.417  1.00 164.20 ? 6  DA D "C3'" 1 
ATOM 638 O "O3'" . DA D 4 5  ? -12.579 -7.389  -8.240  1.00 163.37 ? 6  DA D "O3'" 1 
ATOM 639 C "C2'" . DA D 4 5  ? -13.373 -7.159  -5.978  1.00 157.48 ? 6  DA D "C2'" 1 
ATOM 640 C "C1'" . DA D 4 5  ? -13.197 -5.660  -6.061  1.00 159.08 ? 6  DA D "C1'" 1 
ATOM 641 N N9    . DA D 4 5  ? -13.239 -4.942  -4.792  1.00 152.69 ? 6  DA D N9    1 
ATOM 642 C C8    . DA D 4 5  ? -14.171 -5.069  -3.791  1.00 153.87 ? 6  DA D C8    1 
ATOM 643 N N7    . DA D 4 5  ? -13.966 -4.266  -2.776  1.00 149.17 ? 6  DA D N7    1 
ATOM 644 C C5    . DA D 4 5  ? -12.812 -3.578  -3.124  1.00 134.04 ? 6  DA D C5    1 
ATOM 645 C C6    . DA D 4 5  ? -12.071 -2.589  -2.461  1.00 121.67 ? 6  DA D C6    1 
ATOM 646 N N6    . DA D 4 5  ? -12.397 -2.107  -1.262  1.00 128.67 ? 6  DA D N6    1 
ATOM 647 N N1    . DA D 4 5  ? -10.964 -2.112  -3.075  1.00 109.40 ? 6  DA D N1    1 
ATOM 648 C C2    . DA D 4 5  ? -10.639 -2.601  -4.280  1.00 114.08 ? 6  DA D C2    1 
ATOM 649 N N3    . DA D 4 5  ? -11.261 -3.530  -5.006  1.00 122.17 ? 6  DA D N3    1 
ATOM 650 C C4    . DA D 4 5  ? -12.353 -3.985  -4.362  1.00 139.26 ? 6  DA D C4    1 
ATOM 651 P P     . DG D 4 6  ? -11.508 -8.555  -8.196  1.00 184.89 ? 7  DG D P     1 
ATOM 652 O OP1   . DG D 4 6  ? -10.810 -8.575  -9.505  1.00 203.92 ? 7  DG D OP1   1 
ATOM 653 O OP2   . DG D 4 6  ? -12.177 -9.776  -7.675  1.00 205.59 ? 7  DG D OP2   1 
ATOM 654 O "O5'" . DG D 4 6  ? -10.439 -8.041  -7.139  1.00 164.63 ? 7  DG D "O5'" 1 
ATOM 655 C "C5'" . DG D 4 6  ? -10.150 -6.646  -7.044  1.00 153.72 ? 7  DG D "C5'" 1 
ATOM 656 C "C4'" . DG D 4 6  ? -8.679  -6.380  -6.836  1.00 151.84 ? 7  DG D "C4'" 1 
ATOM 657 O "O4'" . DG D 4 6  ? -8.572  -5.531  -5.678  1.00 147.42 ? 7  DG D "O4'" 1 
ATOM 658 C "C3'" . DG D 4 6  ? -7.783  -7.580  -6.534  1.00 143.92 ? 7  DG D "C3'" 1 
ATOM 659 O "O3'" . DG D 4 6  ? -6.483  -7.296  -7.085  1.00 157.00 ? 7  DG D "O3'" 1 
ATOM 660 C "C2'" . DG D 4 6  ? -7.944  -7.731  -5.033  1.00 133.88 ? 7  DG D "C2'" 1 
ATOM 661 C "C1'" . DG D 4 6  ? -8.241  -6.316  -4.549  1.00 129.28 ? 7  DG D "C1'" 1 
ATOM 662 N N9    . DG D 4 6  ? -9.330  -6.216  -3.585  1.00 124.34 ? 7  DG D N9    1 
ATOM 663 C C8    . DG D 4 6  ? -10.514 -6.916  -3.550  1.00 121.87 ? 7  DG D C8    1 
ATOM 664 N N7    . DG D 4 6  ? -11.252 -6.621  -2.514  1.00 119.77 ? 7  DG D N7    1 
ATOM 665 C C5    . DG D 4 6  ? -10.507 -5.680  -1.820  1.00 119.96 ? 7  DG D C5    1 
ATOM 666 C C6    . DG D 4 6  ? -10.791 -4.990  -0.617  1.00 123.47 ? 7  DG D C6    1 
ATOM 667 O O6    . DG D 4 6  ? -11.801 -5.072  0.096   1.00 128.67 ? 7  DG D O6    1 
ATOM 668 N N1    . DG D 4 6  ? -9.757  -4.122  -0.267  1.00 117.38 ? 7  DG D N1    1 
ATOM 669 C C2    . DG D 4 6  ? -8.597  -3.945  -0.986  1.00 114.16 ? 7  DG D C2    1 
ATOM 670 N N2    . DG D 4 6  ? -7.714  -3.068  -0.492  1.00 107.91 ? 7  DG D N2    1 
ATOM 671 N N3    . DG D 4 6  ? -8.324  -4.580  -2.111  1.00 116.03 ? 7  DG D N3    1 
ATOM 672 C C4    . DG D 4 6  ? -9.315  -5.424  -2.468  1.00 119.69 ? 7  DG D C4    1 
ATOM 673 P P     . DT D 4 7  ? -5.119  -7.540  -6.268  1.00 158.98 ? 8  DT D P     1 
ATOM 674 O OP1   . DT D 4 7  ? -3.981  -7.317  -7.200  1.00 168.92 ? 8  DT D OP1   1 
ATOM 675 O OP2   . DT D 4 7  ? -5.223  -8.835  -5.553  1.00 141.20 ? 8  DT D OP2   1 
ATOM 676 O "O5'" . DT D 4 7  ? -5.090  -6.315  -5.253  1.00 132.07 ? 8  DT D "O5'" 1 
ATOM 677 C "C5'" . DT D 4 7  ? -4.789  -6.544  -3.884  1.00 116.95 ? 8  DT D "C5'" 1 
ATOM 678 C "C4'" . DT D 4 7  ? -3.957  -5.423  -3.312  1.00 108.50 ? 8  DT D "C4'" 1 
ATOM 679 O "O4'" . DT D 4 7  ? -4.673  -4.844  -2.204  1.00 105.54 ? 8  DT D "O4'" 1 
ATOM 680 C "C3'" . DT D 4 7  ? -2.659  -5.893  -2.684  1.00 103.03 ? 8  DT D "C3'" 1 
ATOM 681 O "O3'" . DT D 4 7  ? -1.858  -4.731  -2.472  1.00 104.42 ? 8  DT D "O3'" 1 
ATOM 682 C "C2'" . DT D 4 7  ? -3.170  -6.482  -1.385  1.00 103.30 ? 8  DT D "C2'" 1 
ATOM 683 C "C1'" . DT D 4 7  ? -4.229  -5.453  -0.986  1.00 102.69 ? 8  DT D "C1'" 1 
ATOM 684 N N1    . DT D 4 7  ? -5.432  -5.953  -0.281  1.00 101.23 ? 8  DT D N1    1 
ATOM 685 C C2    . DT D 4 7  ? -5.795  -5.371  0.916   1.00 98.04  ? 8  DT D C2    1 
ATOM 686 O O2    . DT D 4 7  ? -5.128  -4.518  1.473   1.00 104.79 ? 8  DT D O2    1 
ATOM 687 N N3    . DT D 4 7  ? -6.957  -5.857  1.457   1.00 90.15  ? 8  DT D N3    1 
ATOM 688 C C4    . DT D 4 7  ? -7.784  -6.824  0.927   1.00 91.92  ? 8  DT D C4    1 
ATOM 689 O O4    . DT D 4 7  ? -8.805  -7.144  1.521   1.00 99.23  ? 8  DT D O4    1 
ATOM 690 C C5    . DT D 4 7  ? -7.354  -7.379  -0.335  1.00 95.85  ? 8  DT D C5    1 
ATOM 691 C C7    . DT D 4 7  ? -8.178  -8.449  -0.978  1.00 104.63 ? 8  DT D C7    1 
ATOM 692 C C6    . DT D 4 7  ? -6.223  -6.912  -0.874  1.00 98.65  ? 8  DT D C6    1 
ATOM 693 P P     . DG D 4 8  ? -0.322  -4.854  -2.069  1.00 112.13 ? 9  DG D P     1 
ATOM 694 O OP1   . DG D 4 8  ? 0.488   -4.082  -3.048  1.00 122.97 ? 9  DG D OP1   1 
ATOM 695 O OP2   . DG D 4 8  ? -0.021  -6.274  -1.828  1.00 131.60 ? 9  DG D OP2   1 
ATOM 696 O "O5'" . DG D 4 8  ? -0.271  -4.138  -0.653  1.00 114.61 ? 9  DG D "O5'" 1 
ATOM 697 C "C5'" . DG D 4 8  ? -0.918  -4.765  0.448   1.00 107.60 ? 9  DG D "C5'" 1 
ATOM 698 C "C4'" . DG D 4 8  ? -0.914  -3.881  1.666   1.00 105.02 ? 9  DG D "C4'" 1 
ATOM 699 O "O4'" . DG D 4 8  ? -2.111  -4.066  2.446   1.00 104.05 ? 9  DG D "O4'" 1 
ATOM 700 C "C3'" . DG D 4 8  ? 0.205   -4.209  2.623   1.00 98.75  ? 9  DG D "C3'" 1 
ATOM 701 O "O3'" . DG D 4 8  ? 0.455   -2.998  3.298   1.00 99.12  ? 9  DG D "O3'" 1 
ATOM 702 C "C2'" . DG D 4 8  ? -0.401  -5.273  3.519   1.00 94.53  ? 9  DG D "C2'" 1 
ATOM 703 C "C1'" . DG D 4 8  ? -1.898  -5.063  3.431   1.00 91.57  ? 9  DG D "C1'" 1 
ATOM 704 N N9    . DG D 4 8  ? -2.665  -6.224  3.018   1.00 83.63  ? 9  DG D N9    1 
ATOM 705 C C8    . DG D 4 8  ? -2.461  -6.977  1.892   1.00 88.47  ? 9  DG D C8    1 
ATOM 706 N N7    . DG D 4 8  ? -3.373  -7.891  1.715   1.00 99.14  ? 9  DG D N7    1 
ATOM 707 C C5    . DG D 4 8  ? -4.250  -7.707  2.770   1.00 96.66  ? 9  DG D C5    1 
ATOM 708 C C6    . DG D 4 8  ? -5.438  -8.404  3.107   1.00 106.19 ? 9  DG D C6    1 
ATOM 709 O O6    . DG D 4 8  ? -5.965  -9.361  2.524   1.00 115.48 ? 9  DG D O6    1 
ATOM 710 N N1    . DG D 4 8  ? -6.025  -7.885  4.255   1.00 105.32 ? 9  DG D N1    1 
ATOM 711 C C2    . DG D 4 8  ? -5.533  -6.828  4.984   1.00 110.94 ? 9  DG D C2    1 
ATOM 712 N N2    . DG D 4 8  ? -6.241  -6.477  6.069   1.00 115.61 ? 9  DG D N2    1 
ATOM 713 N N3    . DG D 4 8  ? -4.418  -6.182  4.686   1.00 100.54 ? 9  DG D N3    1 
ATOM 714 C C4    . DG D 4 8  ? -3.840  -6.664  3.570   1.00 88.17  ? 9  DG D C4    1 
ATOM 715 P P     . DC D 4 9  ? 1.817   -2.820  3.996   1.00 123.29 ? 10 DC D P     1 
ATOM 716 O OP1   . DC D 4 9  ? 2.214   -4.118  4.571   1.00 131.18 ? 10 DC D OP1   1 
ATOM 717 O OP2   . DC D 4 9  ? 1.760   -1.598  4.829   1.00 145.49 ? 10 DC D OP2   1 
ATOM 718 O "O5'" . DC D 4 9  ? 2.841   -2.636  2.799   1.00 126.79 ? 10 DC D "O5'" 1 
ATOM 719 C "C5'" . DC D 4 9  ? 4.195   -2.259  3.121   1.00 136.52 ? 10 DC D "C5'" 1 
ATOM 720 C "C4'" . DC D 4 9  ? 4.864   -3.248  4.055   1.00 129.93 ? 10 DC D "C4'" 1 
ATOM 721 O "O4'" . DC D 4 9  ? 4.796   -4.600  3.518   1.00 119.02 ? 10 DC D "O4'" 1 
ATOM 722 C "C3'" . DC D 4 9  ? 6.352   -2.961  4.280   1.00 127.86 ? 10 DC D "C3'" 1 
ATOM 723 O "O3'" . DC D 4 9  ? 6.627   -2.405  5.570   1.00 129.23 ? 10 DC D "O3'" 1 
ATOM 724 C "C2'" . DC D 4 9  ? 7.022   -4.302  4.040   1.00 125.68 ? 10 DC D "C2'" 1 
ATOM 725 C "C1'" . DC D 4 9  ? 6.086   -4.943  3.027   1.00 112.04 ? 10 DC D "C1'" 1 
ATOM 726 N N1    . DC D 4 9  ? 6.156   -4.528  1.590   1.00 95.88  ? 10 DC D N1    1 
ATOM 727 C C2    . DC D 4 9  ? 7.391   -4.224  0.976   1.00 82.55  ? 10 DC D C2    1 
ATOM 728 O O2    . DC D 4 9  ? 8.434   -4.299  1.637   1.00 82.67  ? 10 DC D O2    1 
ATOM 729 N N3    . DC D 4 9  ? 7.407   -3.860  -0.326  1.00 70.28  ? 10 DC D N3    1 
ATOM 730 C C4    . DC D 4 9  ? 6.266   -3.804  -1.015  1.00 76.14  ? 10 DC D C4    1 
ATOM 731 N N4    . DC D 4 9  ? 6.323   -3.435  -2.291  1.00 83.63  ? 10 DC D N4    1 
ATOM 732 C C5    . DC D 4 9  ? 5.008   -4.115  -0.424  1.00 81.24  ? 10 DC D C5    1 
ATOM 733 C C6    . DC D 4 9  ? 4.999   -4.474  0.865   1.00 87.64  ? 10 DC D C6    1 
ATOM 734 P P     . DG D 4 10 ? 6.656   -0.816  5.770   1.00 151.81 ? 11 DG D P     1 
ATOM 735 O OP1   . DG D 4 10 ? 5.850   -0.502  6.978   1.00 163.63 ? 11 DG D OP1   1 
ATOM 736 O OP2   . DG D 4 10 ? 6.306   -0.176  4.482   1.00 159.09 ? 11 DG D OP2   1 
ATOM 737 O "O5'" . DG D 4 10 ? 8.194   -0.465  6.028   1.00 143.11 ? 11 DG D "O5'" 1 
ATOM 738 C "C5'" . DG D 4 10 ? 9.277   -1.385  5.777   1.00 137.28 ? 11 DG D "C5'" 1 
ATOM 739 C "C4'" . DG D 4 10 ? 10.047  -1.022  4.527   1.00 131.91 ? 11 DG D "C4'" 1 
ATOM 740 O "O4'" . DG D 4 10 ? 9.348   -1.456  3.347   1.00 133.83 ? 11 DG D "O4'" 1 
ATOM 741 C "C3'" . DG D 4 10 ? 10.289  0.456   4.269   1.00 133.19 ? 11 DG D "C3'" 1 
ATOM 742 O "O3'" . DG D 4 10 ? 11.435  0.971   4.928   1.00 141.31 ? 11 DG D "O3'" 1 
ATOM 743 C "C2'" . DG D 4 10 ? 10.583  0.488   2.784   1.00 135.50 ? 11 DG D "C2'" 1 
ATOM 744 C "C1'" . DG D 4 10 ? 9.946   -0.789  2.242   1.00 135.92 ? 11 DG D "C1'" 1 
ATOM 745 N N9    . DG D 4 10 ? 8.914   -0.511  1.248   1.00 133.40 ? 11 DG D N9    1 
ATOM 746 C C8    . DG D 4 10 ? 7.569   -0.788  1.304   1.00 138.75 ? 11 DG D C8    1 
ATOM 747 N N7    . DG D 4 10 ? 6.914   -0.364  0.258   1.00 138.66 ? 11 DG D N7    1 
ATOM 748 C C5    . DG D 4 10 ? 7.881   0.248   -0.525  1.00 140.00 ? 11 DG D C5    1 
ATOM 749 C C6    . DG D 4 10 ? 7.770   0.896   -1.780  1.00 148.69 ? 11 DG D C6    1 
ATOM 750 O O6    . DG D 4 10 ? 6.756   1.071   -2.471  1.00 148.12 ? 11 DG D O6    1 
ATOM 751 N N1    . DG D 4 10 ? 9.004   1.368   -2.222  1.00 157.37 ? 11 DG D N1    1 
ATOM 752 C C2    . DG D 4 10 ? 10.194  1.229   -1.540  1.00 152.87 ? 11 DG D C2    1 
ATOM 753 N N2    . DG D 4 10 ? 11.283  1.749   -2.123  1.00 156.33 ? 11 DG D N2    1 
ATOM 754 N N3    . DG D 4 10 ? 10.304  0.641   -0.363  1.00 138.26 ? 11 DG D N3    1 
ATOM 755 C C4    . DG D 4 10 ? 9.120   0.171   0.077   1.00 135.50 ? 11 DG D C4    1 
ATOM 756 P P     . DT D 4 11 ? 11.334  2.374   5.624   1.00 152.73 ? 12 DT D P     1 
ATOM 757 O OP1   . DT D 4 11 ? 11.122  2.130   7.073   1.00 171.65 ? 12 DT D OP1   1 
ATOM 758 O OP2   . DT D 4 11 ? 10.358  3.182   4.862   1.00 157.30 ? 12 DT D OP2   1 
ATOM 759 O "O5'" . DT D 4 11 ? 12.747  3.064   5.369   1.00 140.74 ? 12 DT D "O5'" 1 
ATOM 760 C "C5'" . DT D 4 11 ? 13.828  2.403   4.707   1.00 134.89 ? 12 DT D "C5'" 1 
ATOM 761 C "C4'" . DT D 4 11 ? 14.031  2.994   3.334   1.00 132.25 ? 12 DT D "C4'" 1 
ATOM 762 O "O4'" . DT D 4 11 ? 12.868  2.811   2.504   1.00 117.72 ? 12 DT D "O4'" 1 
ATOM 763 C "C3'" . DT D 4 11 ? 14.311  4.499   3.296   1.00 140.05 ? 12 DT D "C3'" 1 
ATOM 764 O "O3'" . DT D 4 11 ? 15.714  4.747   3.146   1.00 168.88 ? 12 DT D "O3'" 1 
ATOM 765 C "C2'" . DT D 4 11 ? 13.544  4.979   2.073   1.00 131.76 ? 12 DT D "C2'" 1 
ATOM 766 C "C1'" . DT D 4 11 ? 13.073  3.697   1.430   1.00 125.87 ? 12 DT D "C1'" 1 
ATOM 767 N N1    . DT D 4 11 ? 11.821  3.831   0.681   1.00 130.06 ? 12 DT D N1    1 
ATOM 768 C C2    . DT D 4 11 ? 11.905  4.239   -0.631  1.00 135.02 ? 12 DT D C2    1 
ATOM 769 O O2    . DT D 4 11 ? 12.965  4.463   -1.192  1.00 119.24 ? 12 DT D O2    1 
ATOM 770 N N3    . DT D 4 11 ? 10.697  4.365   -1.270  1.00 157.68 ? 12 DT D N3    1 
ATOM 771 C C4    . DT D 4 11 ? 9.441   4.146   -0.732  1.00 170.64 ? 12 DT D C4    1 
ATOM 772 O O4    . DT D 4 11 ? 8.441   4.297   -1.431  1.00 186.87 ? 12 DT D O4    1 
ATOM 773 C C5    . DT D 4 11 ? 9.430   3.732   0.654   1.00 166.04 ? 12 DT D C5    1 
ATOM 774 C C7    . DT D 4 11 ? 8.118   3.474   1.326   1.00 183.40 ? 12 DT D C7    1 
ATOM 775 C C6    . DT D 4 11 ? 10.605  3.610   1.284   1.00 142.38 ? 12 DT D C6    1 
ATOM 776 P P     . DC D 4 12 ? 16.303  6.238   3.280   1.00 187.05 ? 13 DC D P     1 
ATOM 777 O OP1   . DC D 4 12 ? 17.782  6.163   3.142   1.00 192.82 ? 13 DC D OP1   1 
ATOM 778 O OP2   . DC D 4 12 ? 15.729  6.840   4.508   1.00 195.72 ? 13 DC D OP2   1 
ATOM 779 O "O5'" . DC D 4 12 ? 15.696  6.980   2.006   1.00 147.29 ? 13 DC D "O5'" 1 
ATOM 780 C "C5'" . DC D 4 12 ? 16.459  7.931   1.249   1.00 143.83 ? 13 DC D "C5'" 1 
ATOM 781 C "C4'" . DC D 4 12 ? 16.049  7.904   -0.205  1.00 149.87 ? 13 DC D "C4'" 1 
ATOM 782 O "O4'" . DC D 4 12 ? 14.867  7.106   -0.395  1.00 141.56 ? 13 DC D "O4'" 1 
ATOM 783 C "C3'" . DC D 4 12 ? 15.698  9.265   -0.790  1.00 162.78 ? 13 DC D "C3'" 1 
ATOM 784 O "O3'" . DC D 4 12 ? 16.880  9.861   -1.323  1.00 197.60 ? 13 DC D "O3'" 1 
ATOM 785 C "C2'" . DC D 4 12 ? 14.720  8.936   -1.904  1.00 153.51 ? 13 DC D "C2'" 1 
ATOM 786 C "C1'" . DC D 4 12 ? 14.194  7.544   -1.566  1.00 148.03 ? 13 DC D "C1'" 1 
ATOM 787 N N1    . DC D 4 12 ? 12.749  7.501   -1.302  1.00 151.79 ? 13 DC D N1    1 
ATOM 788 C C2    . DC D 4 12 ? 11.864  7.634   -2.378  1.00 160.57 ? 13 DC D C2    1 
ATOM 789 O O2    . DC D 4 12 ? 12.325  7.786   -3.520  1.00 162.48 ? 13 DC D O2    1 
ATOM 790 N N3    . DC D 4 12 ? 10.528  7.595   -2.145  1.00 165.00 ? 13 DC D N3    1 
ATOM 791 C C4    . DC D 4 12 ? 10.074  7.435   -0.898  1.00 166.13 ? 13 DC D C4    1 
ATOM 792 N N4    . DC D 4 12 ? 8.751   7.399   -0.711  1.00 168.33 ? 13 DC D N4    1 
ATOM 793 C C5    . DC D 4 12 ? 10.955  7.295   0.214   1.00 160.31 ? 13 DC D C5    1 
ATOM 794 C C6    . DC D 4 12 ? 12.270  7.340   -0.031  1.00 150.20 ? 13 DC D C6    1 
ATOM 795 P P     . DT D 4 13 ? 17.180  11.410  -1.104  1.00 243.21 ? 14 DT D P     1 
ATOM 796 O OP1   . DT D 4 13 ? 18.572  11.538  -0.598  1.00 249.72 ? 14 DT D OP1   1 
ATOM 797 O OP2   . DT D 4 13 ? 16.059  11.997  -0.321  1.00 251.02 ? 14 DT D OP2   1 
ATOM 798 O "O5'" . DT D 4 13 ? 17.140  11.980  -2.591  1.00 239.41 ? 14 DT D "O5'" 1 
ATOM 799 C "C5'" . DT D 4 13 ? 16.516  13.238  -2.899  1.00 238.25 ? 14 DT D "C5'" 1 
ATOM 800 C "C4'" . DT D 4 13 ? 15.669  13.107  -4.142  1.00 233.76 ? 14 DT D "C4'" 1 
ATOM 801 O "O4'" . DT D 4 13 ? 14.577  12.177  -3.914  1.00 229.48 ? 14 DT D "O4'" 1 
ATOM 802 C "C3'" . DT D 4 13 ? 15.027  14.428  -4.577  1.00 228.07 ? 14 DT D "C3'" 1 
ATOM 803 O "O3'" . DT D 4 13 ? 15.294  14.707  -5.957  1.00 231.59 ? 14 DT D "O3'" 1 
ATOM 804 C "C2'" . DT D 4 13 ? 13.558  14.223  -4.258  1.00 225.38 ? 14 DT D "C2'" 1 
ATOM 805 C "C1'" . DT D 4 13 ? 13.390  12.739  -4.448  1.00 220.96 ? 14 DT D "C1'" 1 
ATOM 806 N N1    . DT D 4 13 ? 12.228  12.193  -3.708  1.00 202.84 ? 14 DT D N1    1 
ATOM 807 C C2    . DT D 4 13 ? 11.046  11.998  -4.395  1.00 195.89 ? 14 DT D C2    1 
ATOM 808 O O2    . DT D 4 13 ? 10.925  12.205  -5.592  1.00 192.35 ? 14 DT D O2    1 
ATOM 809 N N3    . DT D 4 13 ? 10.010  11.527  -3.625  1.00 185.52 ? 14 DT D N3    1 
ATOM 810 C C4    . DT D 4 13 ? 10.031  11.259  -2.268  1.00 171.44 ? 14 DT D C4    1 
ATOM 811 O O4    . DT D 4 13 ? 9.021   10.837  -1.713  1.00 165.01 ? 14 DT D O4    1 
ATOM 812 C C5    . DT D 4 13 ? 11.295  11.511  -1.609  1.00 162.11 ? 14 DT D C5    1 
ATOM 813 C C7    . DT D 4 13 ? 11.415  11.252  -0.140  1.00 147.90 ? 14 DT D C7    1 
ATOM 814 C C6    . DT D 4 13 ? 12.312  11.970  -2.350  1.00 178.50 ? 14 DT D C6    1 
ATOM 815 P P     . DG D 4 14 ? 14.472  15.848  -6.718  1.00 234.78 ? 15 DG D P     1 
ATOM 816 O OP1   . DG D 4 14 ? 15.212  16.193  -7.959  1.00 231.90 ? 15 DG D OP1   1 
ATOM 817 O OP2   . DG D 4 14 ? 14.154  16.913  -5.731  1.00 217.88 ? 15 DG D OP2   1 
ATOM 818 O "O5'" . DG D 4 14 ? 13.130  15.084  -7.112  1.00 236.23 ? 15 DG D "O5'" 1 
ATOM 819 C "C5'" . DG D 4 14 ? 12.325  15.462  -8.240  1.00 236.20 ? 15 DG D "C5'" 1 
ATOM 820 C "C4'" . DG D 4 14 ? 11.012  16.045  -7.773  1.00 226.92 ? 15 DG D "C4'" 1 
ATOM 821 O "O4'" . DG D 4 14 ? 10.595  15.434  -6.527  1.00 206.59 ? 15 DG D "O4'" 1 
ATOM 822 C "C3'" . DG D 4 14 ? 11.035  17.556  -7.516  1.00 222.39 ? 15 DG D "C3'" 1 
ATOM 823 O "O3'" . DG D 4 14 ? 9.865   18.153  -8.076  1.00 253.21 ? 15 DG D "O3'" 1 
ATOM 824 C "C2'" . DG D 4 14 ? 10.955  17.666  -6.007  1.00 200.78 ? 15 DG D "C2'" 1 
ATOM 825 C "C1'" . DG D 4 14 ? 10.105  16.458  -5.684  1.00 192.84 ? 15 DG D "C1'" 1 
ATOM 826 N N9    . DG D 4 14 ? 10.169  15.976  -4.310  1.00 173.01 ? 15 DG D N9    1 
ATOM 827 C C8    . DG D 4 14 ? 11.238  16.046  -3.451  1.00 161.33 ? 15 DG D C8    1 
ATOM 828 N N7    . DG D 4 14 ? 10.997  15.504  -2.288  1.00 155.02 ? 15 DG D N7    1 
ATOM 829 C C5    . DG D 4 14 ? 9.681   15.071  -2.377  1.00 150.81 ? 15 DG D C5    1 
ATOM 830 C C6    . DG D 4 14 ? 8.861   14.417  -1.421  1.00 142.03 ? 15 DG D C6    1 
ATOM 831 O O6    . DG D 4 14 ? 9.145   14.076  -0.267  1.00 147.60 ? 15 DG D O6    1 
ATOM 832 N N1    . DG D 4 14 ? 7.590   14.157  -1.928  1.00 132.51 ? 15 DG D N1    1 
ATOM 833 C C2    . DG D 4 14 ? 7.163   14.482  -3.191  1.00 133.61 ? 15 DG D C2    1 
ATOM 834 N N2    . DG D 4 14 ? 5.899   14.154  -3.494  1.00 125.87 ? 15 DG D N2    1 
ATOM 835 N N3    . DG D 4 14 ? 7.920   15.086  -4.094  1.00 145.11 ? 15 DG D N3    1 
ATOM 836 C C4    . DG D 4 14 ? 9.158   15.349  -3.621  1.00 159.10 ? 15 DG D C4    1 
ATOM 837 P P     . DC D 4 15 ? 9.942   19.573  -8.805  1.00 284.20 ? 16 DC D P     1 
ATOM 838 O OP1   . DC D 4 15 ? 11.138  19.571  -9.689  1.00 302.18 ? 16 DC D OP1   1 
ATOM 839 O OP2   . DC D 4 15 ? 9.831   20.623  -7.764  1.00 297.09 ? 16 DC D OP2   1 
ATOM 840 O "O5'" . DC D 4 15 ? 8.650   19.540  -9.745  1.00 284.05 ? 16 DC D "O5'" 1 
ATOM 841 C "C5'" . DC D 4 15 ? 7.418   20.237  -9.429  1.00 272.36 ? 16 DC D "C5'" 1 
ATOM 842 C "C4'" . DC D 4 15 ? 6.355   19.272  -8.946  1.00 256.98 ? 16 DC D "C4'" 1 
ATOM 843 O "O4'" . DC D 4 15 ? 6.840   18.537  -7.797  1.00 248.80 ? 16 DC D "O4'" 1 
ATOM 844 C "C3'" . DC D 4 15 ? 5.032   19.921  -8.516  1.00 249.33 ? 16 DC D "C3'" 1 
ATOM 845 O "O3'" . DC D 4 15 ? 3.917   19.264  -9.132  1.00 247.58 ? 16 DC D "O3'" 1 
ATOM 846 C "C2'" . DC D 4 15 ? 4.996   19.730  -7.009  1.00 240.43 ? 16 DC D "C2'" 1 
ATOM 847 C "C1'" . DC D 4 15 ? 5.825   18.480  -6.809  1.00 238.65 ? 16 DC D "C1'" 1 
ATOM 848 N N1    . DC D 4 15 ? 6.474   18.379  -5.487  1.00 227.65 ? 16 DC D N1    1 
ATOM 849 C C2    . DC D 4 15 ? 5.786   17.743  -4.444  1.00 213.76 ? 16 DC D C2    1 
ATOM 850 O O2    . DC D 4 15 ? 4.657   17.279  -4.664  1.00 205.24 ? 16 DC D O2    1 
ATOM 851 N N3    . DC D 4 15 ? 6.370   17.649  -3.227  1.00 206.03 ? 16 DC D N3    1 
ATOM 852 C C4    . DC D 4 15 ? 7.588   18.162  -3.030  1.00 208.03 ? 16 DC D C4    1 
ATOM 853 N N4    . DC D 4 15 ? 8.130   18.043  -1.816  1.00 197.38 ? 16 DC D N4    1 
ATOM 854 C C5    . DC D 4 15 ? 8.310   18.814  -4.072  1.00 222.61 ? 16 DC D C5    1 
ATOM 855 C C6    . DC D 4 15 ? 7.718   18.906  -5.270  1.00 229.10 ? 16 DC D C6    1 
# 
loop_
_pdbx_poly_seq_scheme.asym_id 
_pdbx_poly_seq_scheme.entity_id 
_pdbx_poly_seq_scheme.seq_id 
_pdbx_poly_seq_scheme.mon_id 
_pdbx_poly_seq_scheme.ndb_seq_num 
_pdbx_poly_seq_scheme.pdb_seq_num 
_pdbx_poly_seq_scheme.auth_seq_num 
_pdbx_poly_seq_scheme.pdb_mon_id 
_pdbx_poly_seq_scheme.auth_mon_id 
_pdbx_poly_seq_scheme.pdb_strand_id 
_pdbx_poly_seq_scheme.pdb_ins_code 
_pdbx_poly_seq_scheme.hetero 
A 1 1  DG 1  1  1  DG DG A . n 
A 1 2  DA 2  2  2  DA DA A . n 
A 1 3  DG 3  3  3  DG DG A . n 
A 1 4  DC 4  4  4  DC DC A . n 
A 1 5  DA 5  5  5  DA DA A . n 
A 1 6  DG 6  6  6  DG DG A . n 
A 1 7  DA 7  7  7  DA DA A . n 
A 1 8  DC 8  8  8  DC DC A . n 
A 1 9  DG 9  9  9  DG DG A . n 
A 1 10 DT 10 10 10 DT DT A . n 
A 1 11 DG 11 11 11 DG DG A . n 
A 1 12 DA 12 12 12 DA DA A . n 
B 2 1  DC 1  12 12 DC DC B . n 
B 2 2  DG 2  13 13 DG DG B . n 
B 2 3  DC 3  14 14 DC DC B . n 
B 2 4  DC 4  15 15 DC DC B . n 
B 2 5  DA 5  16 16 DA DA B . n 
B 2 6  DC 6  17 17 DC DC B . n 
B 2 7  DT 7  18 18 DT DT B . n 
B 2 8  DC 8  19 19 DC DC B . n 
B 2 9  DA 9  20 20 DA DA B . n 
C 3 1  DT 1  0  0  DT DT C . n 
C 3 2  DC 2  1  1  DC DC C . n 
C 3 3  DA 3  2  2  DA DA C . n 
C 3 4  DG 4  3  3  DG DG C . n 
C 3 5  DC 5  4  4  DC DC C . n 
C 3 6  DG 6  5  5  DG DG C . n 
D 4 1  DT 1  2  2  DT DT D . n 
D 4 2  DC 2  3  3  DC DC D . n 
D 4 3  DT 3  4  4  DT DT D . n 
D 4 4  DG 4  5  5  DG DG D . n 
D 4 5  DA 5  6  6  DA DA D . n 
D 4 6  DG 6  7  7  DG DG D . n 
D 4 7  DT 7  8  8  DT DT D . n 
D 4 8  DG 8  9  9  DG DG D . n 
D 4 9  DC 9  10 10 DC DC D . n 
D 4 10 DG 10 11 11 DG DG D . n 
D 4 11 DT 11 12 12 DT DT D . n 
D 4 12 DC 12 13 13 DC DC D . n 
D 4 13 DT 13 14 14 DT DT D . n 
D 4 14 DG 14 15 15 DG DG D . n 
D 4 15 DC 15 16 16 DC DC D . n 
# 
_pdbx_struct_assembly.id                   1 
_pdbx_struct_assembly.details              author_defined_assembly 
_pdbx_struct_assembly.method_details       ? 
_pdbx_struct_assembly.oligomeric_details   tetrameric 
_pdbx_struct_assembly.oligomeric_count     4 
# 
_pdbx_struct_assembly_gen.assembly_id       1 
_pdbx_struct_assembly_gen.oper_expression   1 
_pdbx_struct_assembly_gen.asym_id_list      A,B,C,D 
# 
_pdbx_struct_oper_list.id                   1 
_pdbx_struct_oper_list.type                 'identity operation' 
_pdbx_struct_oper_list.name                 1_555 
_pdbx_struct_oper_list.symmetry_operation   x,y,z 
_pdbx_struct_oper_list.matrix[1][1]         1.0000000000 
_pdbx_struct_oper_list.matrix[1][2]         0.0000000000 
_pdbx_struct_oper_list.matrix[1][3]         0.0000000000 
_pdbx_struct_oper_list.vector[1]            0.0000000000 
_pdbx_struct_oper_list.matrix[2][1]         0.0000000000 
_pdbx_struct_oper_list.matrix[2][2]         1.0000000000 
_pdbx_struct_oper_list.matrix[2][3]         0.0000000000 
_pdbx_struct_oper_list.vector[2]            0.0000000000 
_pdbx_struct_oper_list.matrix[3][1]         0.0000000000 
_pdbx_struct_oper_list.matrix[3][2]         0.0000000000 
_pdbx_struct_oper_list.matrix[3][3]         1.0000000000 
_pdbx_struct_oper_list.vector[3]            0.0000000000 
# 
loop_
_pdbx_audit_revision_history.ordinal 
_pdbx_audit_revision_history.data_content_type 
_pdbx_audit_revision_history.major_revision 
_pdbx_audit_revision_history.minor_revision 
_pdbx_audit_revision_history.revision_date 
1 'Structure model' 1 0 2021-07-14 
2 'Structure model' 1 1 2022-07-06 
3 'Structure model' 1 2 2023-10-18 
# 
_pdbx_audit_revision_details.ordinal             1 
_pdbx_audit_revision_details.revision_ordinal    1 
_pdbx_audit_revision_details.data_content_type   'Structure model' 
_pdbx_audit_revision_details.provider            repository 
_pdbx_audit_revision_details.type                'Initial release' 
_pdbx_audit_revision_details.description         ? 
_pdbx_audit_revision_details.details             ? 
# 
loop_
_pdbx_audit_revision_group.ordinal 
_pdbx_audit_revision_group.revision_ordinal 
_pdbx_audit_revision_group.data_content_type 
_pdbx_audit_revision_group.group 
1 2 'Structure model' 'Database references'    
2 3 'Structure model' 'Data collection'        
3 3 'Structure model' 'Refinement description' 
# 
loop_
_pdbx_audit_revision_category.ordinal 
_pdbx_audit_revision_category.revision_ordinal 
_pdbx_audit_revision_category.data_content_type 
_pdbx_audit_revision_category.category 
1 2 'Structure model' citation                      
2 2 'Structure model' citation_author               
3 2 'Structure model' database_2                    
4 3 'Structure model' chem_comp_atom                
5 3 'Structure model' chem_comp_bond                
6 3 'Structure model' pdbx_initial_refinement_model 
# 
loop_
_pdbx_audit_revision_item.ordinal 
_pdbx_audit_revision_item.revision_ordinal 
_pdbx_audit_revision_item.data_content_type 
_pdbx_audit_revision_item.item 
1  2 'Structure model' '_citation.country'                   
2  2 'Structure model' '_citation.journal_abbrev'            
3  2 'Structure model' '_citation.journal_id_CSD'            
4  2 'Structure model' '_citation.journal_id_ISSN'           
5  2 'Structure model' '_citation.journal_volume'            
6  2 'Structure model' '_citation.page_first'                
7  2 'Structure model' '_citation.page_last'                 
8  2 'Structure model' '_citation.pdbx_database_id_DOI'      
9  2 'Structure model' '_citation.pdbx_database_id_PubMed'   
10 2 'Structure model' '_citation.title'                     
11 2 'Structure model' '_citation.year'                      
12 2 'Structure model' '_database_2.pdbx_DOI'                
13 2 'Structure model' '_database_2.pdbx_database_accession' 
# 
loop_
_software.citation_id 
_software.classification 
_software.compiler_name 
_software.compiler_version 
_software.contact_author 
_software.contact_author_email 
_software.date 
_software.description 
_software.dependencies 
_software.hardware 
_software.language 
_software.location 
_software.mods 
_software.name 
_software.os 
_software.os_version 
_software.type 
_software.version 
_software.pdbx_ordinal 
? 'data reduction'  ? ? ? ? ? ? ? ? ? ? ? HKL-2000    ? ? ? .           1 
? 'data scaling'    ? ? ? ? ? ? ? ? ? ? ? HKL-2000    ? ? ? .           2 
? refinement        ? ? ? ? ? ? ? ? ? ? ? PHENIX      ? ? ? 1.11.1_2575 3 
? 'data extraction' ? ? ? ? ? ? ? ? ? ? ? PDB_EXTRACT ? ? ? 3.25        4 
? phasing           ? ? ? ? ? ? ? ? ? ? ? PHASER      ? ? ? .           5 
# 
_pdbx_validate_rmsd_angle.id                         1 
_pdbx_validate_rmsd_angle.PDB_model_num              1 
_pdbx_validate_rmsd_angle.auth_atom_id_1             "C1'" 
_pdbx_validate_rmsd_angle.auth_asym_id_1             D 
_pdbx_validate_rmsd_angle.auth_comp_id_1             DT 
_pdbx_validate_rmsd_angle.auth_seq_id_1              12 
_pdbx_validate_rmsd_angle.PDB_ins_code_1             ? 
_pdbx_validate_rmsd_angle.label_alt_id_1             ? 
_pdbx_validate_rmsd_angle.auth_atom_id_2             "O4'" 
_pdbx_validate_rmsd_angle.auth_asym_id_2             D 
_pdbx_validate_rmsd_angle.auth_comp_id_2             DT 
_pdbx_validate_rmsd_angle.auth_seq_id_2              12 
_pdbx_validate_rmsd_angle.PDB_ins_code_2             ? 
_pdbx_validate_rmsd_angle.label_alt_id_2             ? 
_pdbx_validate_rmsd_angle.auth_atom_id_3             "C4'" 
_pdbx_validate_rmsd_angle.auth_asym_id_3             D 
_pdbx_validate_rmsd_angle.auth_comp_id_3             DT 
_pdbx_validate_rmsd_angle.auth_seq_id_3              12 
_pdbx_validate_rmsd_angle.PDB_ins_code_3             ? 
_pdbx_validate_rmsd_angle.label_alt_id_3             ? 
_pdbx_validate_rmsd_angle.angle_value                104.00 
_pdbx_validate_rmsd_angle.angle_target_value         110.10 
_pdbx_validate_rmsd_angle.angle_deviation            -6.10 
_pdbx_validate_rmsd_angle.angle_standard_deviation   1.00 
_pdbx_validate_rmsd_angle.linker_flag                N 
# 
loop_
_chem_comp_atom.comp_id 
_chem_comp_atom.atom_id 
_chem_comp_atom.type_symbol 
_chem_comp_atom.pdbx_aromatic_flag 
_chem_comp_atom.pdbx_stereo_config 
_chem_comp_atom.pdbx_ordinal 
DA OP3    O N N 1   
DA P      P N N 2   
DA OP1    O N N 3   
DA OP2    O N N 4   
DA "O5'"  O N N 5   
DA "C5'"  C N N 6   
DA "C4'"  C N R 7   
DA "O4'"  O N N 8   
DA "C3'"  C N S 9   
DA "O3'"  O N N 10  
DA "C2'"  C N N 11  
DA "C1'"  C N R 12  
DA N9     N Y N 13  
DA C8     C Y N 14  
DA N7     N Y N 15  
DA C5     C Y N 16  
DA C6     C Y N 17  
DA N6     N N N 18  
DA N1     N Y N 19  
DA C2     C Y N 20  
DA N3     N Y N 21  
DA C4     C Y N 22  
DA HOP3   H N N 23  
DA HOP2   H N N 24  
DA "H5'"  H N N 25  
DA "H5''" H N N 26  
DA "H4'"  H N N 27  
DA "H3'"  H N N 28  
DA "HO3'" H N N 29  
DA "H2'"  H N N 30  
DA "H2''" H N N 31  
DA "H1'"  H N N 32  
DA H8     H N N 33  
DA H61    H N N 34  
DA H62    H N N 35  
DA H2     H N N 36  
DC OP3    O N N 37  
DC P      P N N 38  
DC OP1    O N N 39  
DC OP2    O N N 40  
DC "O5'"  O N N 41  
DC "C5'"  C N N 42  
DC "C4'"  C N R 43  
DC "O4'"  O N N 44  
DC "C3'"  C N S 45  
DC "O3'"  O N N 46  
DC "C2'"  C N N 47  
DC "C1'"  C N R 48  
DC N1     N N N 49  
DC C2     C N N 50  
DC O2     O N N 51  
DC N3     N N N 52  
DC C4     C N N 53  
DC N4     N N N 54  
DC C5     C N N 55  
DC C6     C N N 56  
DC HOP3   H N N 57  
DC HOP2   H N N 58  
DC "H5'"  H N N 59  
DC "H5''" H N N 60  
DC "H4'"  H N N 61  
DC "H3'"  H N N 62  
DC "HO3'" H N N 63  
DC "H2'"  H N N 64  
DC "H2''" H N N 65  
DC "H1'"  H N N 66  
DC H41    H N N 67  
DC H42    H N N 68  
DC H5     H N N 69  
DC H6     H N N 70  
DG OP3    O N N 71  
DG P      P N N 72  
DG OP1    O N N 73  
DG OP2    O N N 74  
DG "O5'"  O N N 75  
DG "C5'"  C N N 76  
DG "C4'"  C N R 77  
DG "O4'"  O N N 78  
DG "C3'"  C N S 79  
DG "O3'"  O N N 80  
DG "C2'"  C N N 81  
DG "C1'"  C N R 82  
DG N9     N Y N 83  
DG C8     C Y N 84  
DG N7     N Y N 85  
DG C5     C Y N 86  
DG C6     C N N 87  
DG O6     O N N 88  
DG N1     N N N 89  
DG C2     C N N 90  
DG N2     N N N 91  
DG N3     N N N 92  
DG C4     C Y N 93  
DG HOP3   H N N 94  
DG HOP2   H N N 95  
DG "H5'"  H N N 96  
DG "H5''" H N N 97  
DG "H4'"  H N N 98  
DG "H3'"  H N N 99  
DG "HO3'" H N N 100 
DG "H2'"  H N N 101 
DG "H2''" H N N 102 
DG "H1'"  H N N 103 
DG H8     H N N 104 
DG H1     H N N 105 
DG H21    H N N 106 
DG H22    H N N 107 
DT OP3    O N N 108 
DT P      P N N 109 
DT OP1    O N N 110 
DT OP2    O N N 111 
DT "O5'"  O N N 112 
DT "C5'"  C N N 113 
DT "C4'"  C N R 114 
DT "O4'"  O N N 115 
DT "C3'"  C N S 116 
DT "O3'"  O N N 117 
DT "C2'"  C N N 118 
DT "C1'"  C N R 119 
DT N1     N N N 120 
DT C2     C N N 121 
DT O2     O N N 122 
DT N3     N N N 123 
DT C4     C N N 124 
DT O4     O N N 125 
DT C5     C N N 126 
DT C7     C N N 127 
DT C6     C N N 128 
DT HOP3   H N N 129 
DT HOP2   H N N 130 
DT "H5'"  H N N 131 
DT "H5''" H N N 132 
DT "H4'"  H N N 133 
DT "H3'"  H N N 134 
DT "HO3'" H N N 135 
DT "H2'"  H N N 136 
DT "H2''" H N N 137 
DT "H1'"  H N N 138 
DT H3     H N N 139 
DT H71    H N N 140 
DT H72    H N N 141 
DT H73    H N N 142 
DT H6     H N N 143 
# 
loop_
_chem_comp_bond.comp_id 
_chem_comp_bond.atom_id_1 
_chem_comp_bond.atom_id_2 
_chem_comp_bond.value_order 
_chem_comp_bond.pdbx_aromatic_flag 
_chem_comp_bond.pdbx_stereo_config 
_chem_comp_bond.pdbx_ordinal 
DA OP3   P      sing N N 1   
DA OP3   HOP3   sing N N 2   
DA P     OP1    doub N N 3   
DA P     OP2    sing N N 4   
DA P     "O5'"  sing N N 5   
DA OP2   HOP2   sing N N 6   
DA "O5'" "C5'"  sing N N 7   
DA "C5'" "C4'"  sing N N 8   
DA "C5'" "H5'"  sing N N 9   
DA "C5'" "H5''" sing N N 10  
DA "C4'" "O4'"  sing N N 11  
DA "C4'" "C3'"  sing N N 12  
DA "C4'" "H4'"  sing N N 13  
DA "O4'" "C1'"  sing N N 14  
DA "C3'" "O3'"  sing N N 15  
DA "C3'" "C2'"  sing N N 16  
DA "C3'" "H3'"  sing N N 17  
DA "O3'" "HO3'" sing N N 18  
DA "C2'" "C1'"  sing N N 19  
DA "C2'" "H2'"  sing N N 20  
DA "C2'" "H2''" sing N N 21  
DA "C1'" N9     sing N N 22  
DA "C1'" "H1'"  sing N N 23  
DA N9    C8     sing Y N 24  
DA N9    C4     sing Y N 25  
DA C8    N7     doub Y N 26  
DA C8    H8     sing N N 27  
DA N7    C5     sing Y N 28  
DA C5    C6     sing Y N 29  
DA C5    C4     doub Y N 30  
DA C6    N6     sing N N 31  
DA C6    N1     doub Y N 32  
DA N6    H61    sing N N 33  
DA N6    H62    sing N N 34  
DA N1    C2     sing Y N 35  
DA C2    N3     doub Y N 36  
DA C2    H2     sing N N 37  
DA N3    C4     sing Y N 38  
DC OP3   P      sing N N 39  
DC OP3   HOP3   sing N N 40  
DC P     OP1    doub N N 41  
DC P     OP2    sing N N 42  
DC P     "O5'"  sing N N 43  
DC OP2   HOP2   sing N N 44  
DC "O5'" "C5'"  sing N N 45  
DC "C5'" "C4'"  sing N N 46  
DC "C5'" "H5'"  sing N N 47  
DC "C5'" "H5''" sing N N 48  
DC "C4'" "O4'"  sing N N 49  
DC "C4'" "C3'"  sing N N 50  
DC "C4'" "H4'"  sing N N 51  
DC "O4'" "C1'"  sing N N 52  
DC "C3'" "O3'"  sing N N 53  
DC "C3'" "C2'"  sing N N 54  
DC "C3'" "H3'"  sing N N 55  
DC "O3'" "HO3'" sing N N 56  
DC "C2'" "C1'"  sing N N 57  
DC "C2'" "H2'"  sing N N 58  
DC "C2'" "H2''" sing N N 59  
DC "C1'" N1     sing N N 60  
DC "C1'" "H1'"  sing N N 61  
DC N1    C2     sing N N 62  
DC N1    C6     sing N N 63  
DC C2    O2     doub N N 64  
DC C2    N3     sing N N 65  
DC N3    C4     doub N N 66  
DC C4    N4     sing N N 67  
DC C4    C5     sing N N 68  
DC N4    H41    sing N N 69  
DC N4    H42    sing N N 70  
DC C5    C6     doub N N 71  
DC C5    H5     sing N N 72  
DC C6    H6     sing N N 73  
DG OP3   P      sing N N 74  
DG OP3   HOP3   sing N N 75  
DG P     OP1    doub N N 76  
DG P     OP2    sing N N 77  
DG P     "O5'"  sing N N 78  
DG OP2   HOP2   sing N N 79  
DG "O5'" "C5'"  sing N N 80  
DG "C5'" "C4'"  sing N N 81  
DG "C5'" "H5'"  sing N N 82  
DG "C5'" "H5''" sing N N 83  
DG "C4'" "O4'"  sing N N 84  
DG "C4'" "C3'"  sing N N 85  
DG "C4'" "H4'"  sing N N 86  
DG "O4'" "C1'"  sing N N 87  
DG "C3'" "O3'"  sing N N 88  
DG "C3'" "C2'"  sing N N 89  
DG "C3'" "H3'"  sing N N 90  
DG "O3'" "HO3'" sing N N 91  
DG "C2'" "C1'"  sing N N 92  
DG "C2'" "H2'"  sing N N 93  
DG "C2'" "H2''" sing N N 94  
DG "C1'" N9     sing N N 95  
DG "C1'" "H1'"  sing N N 96  
DG N9    C8     sing Y N 97  
DG N9    C4     sing Y N 98  
DG C8    N7     doub Y N 99  
DG C8    H8     sing N N 100 
DG N7    C5     sing Y N 101 
DG C5    C6     sing N N 102 
DG C5    C4     doub Y N 103 
DG C6    O6     doub N N 104 
DG C6    N1     sing N N 105 
DG N1    C2     sing N N 106 
DG N1    H1     sing N N 107 
DG C2    N2     sing N N 108 
DG C2    N3     doub N N 109 
DG N2    H21    sing N N 110 
DG N2    H22    sing N N 111 
DG N3    C4     sing N N 112 
DT OP3   P      sing N N 113 
DT OP3   HOP3   sing N N 114 
DT P     OP1    doub N N 115 
DT P     OP2    sing N N 116 
DT P     "O5'"  sing N N 117 
DT OP2   HOP2   sing N N 118 
DT "O5'" "C5'"  sing N N 119 
DT "C5'" "C4'"  sing N N 120 
DT "C5'" "H5'"  sing N N 121 
DT "C5'" "H5''" sing N N 122 
DT "C4'" "O4'"  sing N N 123 
DT "C4'" "C3'"  sing N N 124 
DT "C4'" "H4'"  sing N N 125 
DT "O4'" "C1'"  sing N N 126 
DT "C3'" "O3'"  sing N N 127 
DT "C3'" "C2'"  sing N N 128 
DT "C3'" "H3'"  sing N N 129 
DT "O3'" "HO3'" sing N N 130 
DT "C2'" "C1'"  sing N N 131 
DT "C2'" "H2'"  sing N N 132 
DT "C2'" "H2''" sing N N 133 
DT "C1'" N1     sing N N 134 
DT "C1'" "H1'"  sing N N 135 
DT N1    C2     sing N N 136 
DT N1    C6     sing N N 137 
DT C2    O2     doub N N 138 
DT C2    N3     sing N N 139 
DT N3    C4     sing N N 140 
DT N3    H3     sing N N 141 
DT C4    O4     doub N N 142 
DT C4    C5     sing N N 143 
DT C5    C7     sing N N 144 
DT C5    C6     doub N N 145 
DT C7    H71    sing N N 146 
DT C7    H72    sing N N 147 
DT C7    H73    sing N N 148 
DT C6    H6     sing N N 149 
# 
loop_
_ndb_struct_conf_na.entry_id 
_ndb_struct_conf_na.feature 
7JFX 'double helix'        
7JFX 'a-form double helix' 
7JFX 'b-form double helix' 
# 
loop_
_ndb_struct_na_base_pair.model_number 
_ndb_struct_na_base_pair.i_label_asym_id 
_ndb_struct_na_base_pair.i_label_comp_id 
_ndb_struct_na_base_pair.i_label_seq_id 
_ndb_struct_na_base_pair.i_symmetry 
_ndb_struct_na_base_pair.j_label_asym_id 
_ndb_struct_na_base_pair.j_label_comp_id 
_ndb_struct_na_base_pair.j_label_seq_id 
_ndb_struct_na_base_pair.j_symmetry 
_ndb_struct_na_base_pair.shear 
_ndb_struct_na_base_pair.stretch 
_ndb_struct_na_base_pair.stagger 
_ndb_struct_na_base_pair.buckle 
_ndb_struct_na_base_pair.propeller 
_ndb_struct_na_base_pair.opening 
_ndb_struct_na_base_pair.pair_number 
_ndb_struct_na_base_pair.pair_name 
_ndb_struct_na_base_pair.i_auth_asym_id 
_ndb_struct_na_base_pair.i_auth_seq_id 
_ndb_struct_na_base_pair.i_PDB_ins_code 
_ndb_struct_na_base_pair.j_auth_asym_id 
_ndb_struct_na_base_pair.j_auth_seq_id 
_ndb_struct_na_base_pair.j_PDB_ins_code 
_ndb_struct_na_base_pair.hbond_type_28 
_ndb_struct_na_base_pair.hbond_type_12 
1 A DG 3  1_555 D DC 15 1_555 2.483  1.568  0.232  -10.292 -22.220 22.616  1  A_DG3:DC16_D A 3  ? D 16 ? ?  ? 
1 A DC 4  1_555 D DG 14 1_555 -0.886 0.391  -0.115 -6.523  -11.398 2.399   2  A_DC4:DG15_D A 4  ? D 15 ? 19 1 
1 A DA 5  1_555 D DT 13 1_555 1.373  0.419  -0.604 -2.856  -17.383 -19.152 3  A_DA5:DT14_D A 5  ? D 14 ? 20 1 
1 A DG 6  1_555 D DC 12 1_555 -0.056 -0.324 -0.088 2.809   -17.152 -7.991  4  A_DG6:DC13_D A 6  ? D 13 ? 19 1 
1 A DA 7  1_555 D DT 11 1_555 -0.083 0.274  -0.095 9.396   -2.544  -23.310 5  A_DA7:DT12_D A 7  ? D 12 ? 20 1 
1 A DC 8  1_555 D DG 10 1_555 0.643  -0.224 0.373  15.888  3.624   9.488   6  A_DC8:DG11_D A 8  ? D 11 ? 19 1 
1 A DG 9  1_555 D DC 9  1_555 0.631  -0.230 -0.976 5.762   5.570   -8.477  7  A_DG9:DC10_D A 9  ? D 10 ? 19 1 
1 A DT 10 1_555 C DA 3  1_555 -2.607 -0.125 -0.697 -3.291  -4.419  -0.349  8  A_DT10:DA2_C A 10 ? C 2  ? 20 1 
1 A DG 11 1_555 C DC 2  1_555 0.384  -0.013 -0.158 15.381  -1.728  -4.327  9  A_DG11:DC1_C A 11 ? C 1  ? 19 1 
1 A DA 12 1_555 C DT 1  1_555 1.803  -0.016 -0.689 6.875   -9.924  -13.311 10 A_DA12:DT0_C A 12 ? C 0  ? 20 1 
1 B DC 1  1_555 C DG 6  1_555 -0.287 -0.092 -0.290 -1.364  2.756   -11.627 11 B_DC12:DG5_C B 12 ? C 5  ? 19 1 
1 B DG 2  1_555 C DC 5  1_555 0.436  -0.182 0.754  4.982   -12.476 -11.076 12 B_DG13:DC4_C B 13 ? C 4  ? 19 1 
1 B DC 3  1_555 C DG 4  1_555 0.726  -0.456 0.306  5.135   -3.180  1.260   13 B_DC14:DG3_C B 14 ? C 3  ? 19 1 
1 B DC 4  1_555 D DG 8  1_555 -1.212 0.574  -0.231 22.865  -17.221 12.104  14 B_DC15:DG9_D B 15 ? D 9  ? ?  1 
1 B DA 5  1_555 D DT 7  1_555 0.618  -0.311 0.478  1.678   -14.336 -3.597  15 B_DA16:DT8_D B 16 ? D 8  ? 20 1 
1 B DC 6  1_555 D DG 6  1_555 -0.208 -0.096 0.520  -7.695  -9.433  2.245   16 B_DC17:DG7_D B 17 ? D 7  ? 19 1 
1 B DT 7  1_555 D DA 5  1_555 -0.797 -0.050 -0.097 -6.110  -18.174 -17.982 17 B_DT18:DA6_D B 18 ? D 6  ? 20 1 
1 B DC 8  1_555 D DG 4  1_555 -0.966 0.463  -1.239 10.465  -17.237 19.712  18 B_DC19:DG5_D B 19 ? D 5  ? ?  1 
# 
loop_
_ndb_struct_na_base_pair_step.model_number 
_ndb_struct_na_base_pair_step.i_label_asym_id_1 
_ndb_struct_na_base_pair_step.i_label_comp_id_1 
_ndb_struct_na_base_pair_step.i_label_seq_id_1 
_ndb_struct_na_base_pair_step.i_symmetry_1 
_ndb_struct_na_base_pair_step.j_label_asym_id_1 
_ndb_struct_na_base_pair_step.j_label_comp_id_1 
_ndb_struct_na_base_pair_step.j_label_seq_id_1 
_ndb_struct_na_base_pair_step.j_symmetry_1 
_ndb_struct_na_base_pair_step.i_label_asym_id_2 
_ndb_struct_na_base_pair_step.i_label_comp_id_2 
_ndb_struct_na_base_pair_step.i_label_seq_id_2 
_ndb_struct_na_base_pair_step.i_symmetry_2 
_ndb_struct_na_base_pair_step.j_label_asym_id_2 
_ndb_struct_na_base_pair_step.j_label_comp_id_2 
_ndb_struct_na_base_pair_step.j_label_seq_id_2 
_ndb_struct_na_base_pair_step.j_symmetry_2 
_ndb_struct_na_base_pair_step.shift 
_ndb_struct_na_base_pair_step.slide 
_ndb_struct_na_base_pair_step.rise 
_ndb_struct_na_base_pair_step.tilt 
_ndb_struct_na_base_pair_step.roll 
_ndb_struct_na_base_pair_step.twist 
_ndb_struct_na_base_pair_step.x_displacement 
_ndb_struct_na_base_pair_step.y_displacement 
_ndb_struct_na_base_pair_step.helical_rise 
_ndb_struct_na_base_pair_step.inclination 
_ndb_struct_na_base_pair_step.tip 
_ndb_struct_na_base_pair_step.helical_twist 
_ndb_struct_na_base_pair_step.step_number 
_ndb_struct_na_base_pair_step.step_name 
_ndb_struct_na_base_pair_step.i_auth_asym_id_1 
_ndb_struct_na_base_pair_step.i_auth_seq_id_1 
_ndb_struct_na_base_pair_step.i_PDB_ins_code_1 
_ndb_struct_na_base_pair_step.j_auth_asym_id_1 
_ndb_struct_na_base_pair_step.j_auth_seq_id_1 
_ndb_struct_na_base_pair_step.j_PDB_ins_code_1 
_ndb_struct_na_base_pair_step.i_auth_asym_id_2 
_ndb_struct_na_base_pair_step.i_auth_seq_id_2 
_ndb_struct_na_base_pair_step.i_PDB_ins_code_2 
_ndb_struct_na_base_pair_step.j_auth_asym_id_2 
_ndb_struct_na_base_pair_step.j_auth_seq_id_2 
_ndb_struct_na_base_pair_step.j_PDB_ins_code_2 
1 A DG 3  1_555 D DC 15 1_555 A DC 4  1_555 D DG 14 1_555 -0.244 -0.414 2.888 3.039  -2.547 17.965 -0.050 2.247  2.838 -8.031  
-9.581  18.394 1  AA_DG3DC4:DG15DC16_DD A 3  ? D 16 ? A 4  ? D 15 ? 
1 A DC 4  1_555 D DG 14 1_555 A DA 5  1_555 D DT 13 1_555 -1.193 0.325  3.526 2.970  3.721  44.588 0.065  1.853  3.458 4.887   
-3.901  44.829 2  AA_DC4DA5:DT14DG15_DD A 4  ? D 15 ? A 5  ? D 14 ? 
1 A DA 5  1_555 D DT 13 1_555 A DG 6  1_555 D DC 12 1_555 0.770  -1.092 3.156 -5.847 10.344 29.392 -3.702 -2.373 2.448 19.417  
10.975  31.653 3  AA_DA5DG6:DC13DT14_DD A 5  ? D 14 ? A 6  ? D 13 ? 
1 A DG 6  1_555 D DC 12 1_555 A DA 7  1_555 D DT 11 1_555 -0.904 -0.917 2.843 -0.357 1.880  35.969 -1.713 1.418  2.802 3.041   
0.578   36.018 4  AA_DG6DA7:DT12DC13_DD A 6  ? D 13 ? A 7  ? D 12 ? 
1 A DA 7  1_555 D DT 11 1_555 A DC 8  1_555 D DG 10 1_555 2.421  -1.724 3.105 -8.468 -0.788 31.807 -2.929 -5.522 2.438 -1.406  
15.116  32.896 5  AA_DA7DC8:DG11DT12_DD A 7  ? D 12 ? A 8  ? D 11 ? 
1 A DC 8  1_555 D DG 10 1_555 A DG 9  1_555 D DC 9  1_555 -1.546 -1.735 3.655 6.252  0.079  33.565 -2.970 3.699  3.318 0.136   
-10.710 34.126 6  AA_DC8DG9:DC10DG11_DD A 8  ? D 11 ? A 9  ? D 10 ? 
1 A DG 9  1_555 D DC 9  1_555 A DT 10 1_555 C DA 3  1_555 -0.479 -1.770 3.476 0.234  -5.773 3.865  15.603 5.181  3.387 -56.201 
-2.281  6.950  7  AA_DG9DT10:DA2DC10_CD A 9  ? D 10 ? A 10 ? C 2  ? 
1 A DT 10 1_555 C DA 3  1_555 A DG 11 1_555 C DC 2  1_555 0.357  1.327  3.104 -4.500 14.450 50.756 0.555  -0.693 3.302 16.443  
5.120   52.821 8  AA_DT10DG11:DC1DA2_CC A 10 ? C 2  ? A 11 ? C 1  ? 
1 A DG 11 1_555 C DC 2  1_555 A DA 12 1_555 C DT 1  1_555 -0.863 -0.052 3.637 1.894  -0.767 38.378 0.027  1.572  3.592 -1.166  
-2.878  38.430 9  AA_DG11DA12:DT0DC1_CC A 11 ? C 1  ? A 12 ? C 0  ? 
1 B DC 1  1_555 C DG 6  1_555 B DG 2  1_555 C DC 5  1_555 -0.180 -0.290 3.423 -5.854 2.448  34.993 -0.850 -0.601 3.380 4.030   
9.637   35.545 10 BB_DC12DG13:DC4DG5_CC B 12 ? C 5  ? B 13 ? C 4  ? 
1 B DG 2  1_555 C DC 5  1_555 B DC 3  1_555 C DG 4  1_555 0.460  -0.901 3.291 -2.209 -2.866 37.195 -1.023 -1.013 3.317 -4.480  
3.453   37.365 11 BB_DG13DC14:DG3DC4_CC B 13 ? C 4  ? B 14 ? C 3  ? 
1 B DC 3  1_555 C DG 4  1_555 B DC 4  1_555 D DG 8  1_555 -0.423 -0.619 2.689 5.661  -5.023 15.198 0.605  4.480  2.452 -17.635 
-19.877 16.968 12 BB_DC14DC15:DG9DG3_DC B 14 ? C 3  ? B 15 ? D 9  ? 
1 B DC 4  1_555 D DG 8  1_555 B DA 5  1_555 D DT 7  1_555 -0.179 0.540  3.707 -5.915 1.487  48.514 0.524  -0.296 3.717 1.801   
7.166   48.873 13 BB_DC15DA16:DT8DG9_DD B 15 ? D 9  ? B 16 ? D 8  ? 
1 B DA 5  1_555 D DT 7  1_555 B DC 6  1_555 D DG 6  1_555 1.085  -1.578 3.388 0.285  -3.069 29.538 -2.394 -2.053 3.540 -5.998  
-0.557  29.694 14 BB_DA16DC17:DG7DT8_DD B 16 ? D 8  ? B 17 ? D 7  ? 
1 B DC 6  1_555 D DG 6  1_555 B DT 7  1_555 D DA 5  1_555 -1.401 -0.799 3.136 5.242  1.850  38.042 -1.427 2.732  2.884 2.819   
-7.989  38.431 15 BB_DC17DT18:DA6DG7_DD B 17 ? D 7  ? B 18 ? D 6  ? 
1 B DT 7  1_555 D DA 5  1_555 B DC 8  1_555 D DG 4  1_555 1.644  1.222  2.777 13.393 0.801  28.602 2.105  -0.615 3.239 1.520   
-25.417 31.533 16 BB_DT18DC19:DG5DA6_DD B 18 ? D 6  ? B 19 ? D 5  ? 
# 
loop_
_pdbx_audit_support.funding_organization 
_pdbx_audit_support.country 
_pdbx_audit_support.grant_number 
_pdbx_audit_support.ordinal 
'National Science Foundation (NSF, United States)'                                         'United States' 1360635     1 
'National Institutes of Health/National Institute of General Medical Sciences (NIH/NIGMS)' 'United States' R01GM104960 2 
'National Science Foundation (NSF, United States)'                                         'United States' NSF2004250  3 
# 
_pdbx_initial_refinement_model.id               1 
_pdbx_initial_refinement_model.entity_id_list   ? 
_pdbx_initial_refinement_model.type             'experimental model' 
_pdbx_initial_refinement_model.source_name      PDB 
_pdbx_initial_refinement_model.accession_code   6XNA 
_pdbx_initial_refinement_model.details          ? 
# 
_pdbx_struct_assembly_auth_evidence.id                     1 
_pdbx_struct_assembly_auth_evidence.assembly_id            1 
_pdbx_struct_assembly_auth_evidence.experimental_support   none 
_pdbx_struct_assembly_auth_evidence.details                ? 
# 
